data_4OGT
# 
_entry.id   4OGT 
# 
_audit_conform.dict_name       mmcif_pdbx.dic 
_audit_conform.dict_version    5.379 
_audit_conform.dict_location   http://mmcif.pdb.org/dictionaries/ascii/mmcif_pdbx.dic 
# 
loop_
_database_2.database_id 
_database_2.database_code 
_database_2.pdbx_database_accession 
_database_2.pdbx_DOI 
PDB   4OGT         pdb_00004ogt 10.2210/pdb4ogt/pdb 
RCSB  RCSB084474   ?            ?                   
WWPDB D_1000084474 ?            ?                   
# 
_pdbx_database_status.entry_id                        4OGT 
_pdbx_database_status.status_code                     REL 
_pdbx_database_status.deposit_site                    RCSB 
_pdbx_database_status.process_site                    RCSB 
_pdbx_database_status.recvd_initial_deposition_date   2014-01-16 
_pdbx_database_status.status_code_sf                  REL 
_pdbx_database_status.status_code_mr                  ? 
_pdbx_database_status.SG_entry                        ? 
_pdbx_database_status.status_code_cs                  ? 
_pdbx_database_status.methods_development_category    ? 
_pdbx_database_status.pdb_format_compatible           Y 
_pdbx_database_status.status_code_nmr_data            ? 
# 
loop_
_audit_author.name 
_audit_author.pdbx_ordinal 
'Shaffer, P.L.' 1 
'Huang, X.'     2 
'Yakowec, P.'   3 
'Long, A.M.'    4 
# 
_citation.id                        primary 
_citation.title                     
'Novel Inhibitors of the MDM2-p53 Interaction Featuring Hydrogen Bond Acceptors as Carboxylic Acid Isosteres.' 
_citation.journal_abbrev            J.Med.Chem. 
_citation.journal_volume            57 
_citation.page_first                2963 
_citation.page_last                 2988 
_citation.year                      2014 
_citation.journal_id_ASTM           JMCMAR 
_citation.country                   US 
_citation.journal_id_ISSN           0022-2623 
_citation.journal_id_CSD            0151 
_citation.book_publisher            ? 
_citation.pdbx_database_id_PubMed   24601644 
_citation.pdbx_database_id_DOI      10.1021/jm401911v 
# 
loop_
_citation_author.citation_id 
_citation_author.name 
_citation_author.ordinal 
_citation_author.identifier_ORCID 
primary 'Gonzalez, A.Z.'  1  ? 
primary 'Li, Z.'          2  ? 
primary 'Beck, H.P.'      3  ? 
primary 'Canon, J.'       4  ? 
primary 'Chen, A.'        5  ? 
primary 'Chow, D.'        6  ? 
primary 'Duquette, J.'    7  ? 
primary 'Eksterowicz, J.' 8  ? 
primary 'Fox, B.M.'       9  ? 
primary 'Fu, J.'          10 ? 
primary 'Huang, X.'       11 ? 
primary 'Houze, J.'       12 ? 
primary 'Jin, L.'         13 ? 
primary 'Li, Y.'          14 ? 
primary 'Ling, Y.'        15 ? 
primary 'Lo, M.C.'        16 ? 
primary 'Long, A.M.'      17 ? 
primary 'McGee, L.R.'     18 ? 
primary 'McIntosh, J.'    19 ? 
primary 'Oliner, J.D.'    20 ? 
primary 'Osgood, T.'      21 ? 
primary 'Rew, Y.'         22 ? 
primary 'Saiki, A.Y.'     23 ? 
primary 'Shaffer, P.'     24 ? 
primary 'Wortman, S.'     25 ? 
primary 'Yakowec, P.'     26 ? 
primary 'Yan, X.'         27 ? 
primary 'Ye, Q.'          28 ? 
primary 'Yu, D.'          29 ? 
primary 'Zhao, X.'        30 ? 
primary 'Zhou, J.'        31 ? 
primary 'Olson, S.H.'     32 ? 
primary 'Sun, D.'         33 ? 
primary 'Medina, J.C.'    34 ? 
# 
_cell.length_a           45.517 
_cell.length_b           45.517 
_cell.length_c           208.624 
_cell.angle_alpha        90.000 
_cell.angle_beta         90.000 
_cell.angle_gamma        120.000 
_cell.entry_id           4OGT 
_cell.pdbx_unique_axis   ? 
_cell.Z_PDB              12 
_cell.length_a_esd       ? 
_cell.length_b_esd       ? 
_cell.length_c_esd       ? 
_cell.angle_alpha_esd    ? 
_cell.angle_beta_esd     ? 
_cell.angle_gamma_esd    ? 
# 
_symmetry.space_group_name_H-M             'P 61 2 2' 
_symmetry.entry_id                         4OGT 
_symmetry.Int_Tables_number                178 
_symmetry.pdbx_full_space_group_name_H-M   ? 
_symmetry.cell_setting                     ? 
_symmetry.space_group_name_Hall            ? 
# 
loop_
_entity.id 
_entity.type 
_entity.src_method 
_entity.pdbx_description 
_entity.formula_weight 
_entity.pdbx_number_of_molecules 
_entity.pdbx_ec 
_entity.pdbx_mutation 
_entity.pdbx_fragment 
_entity.details 
1 polymer     man 'E3 ubiquitin-protein ligase Mdm2' 12045.075 1  6.3.2.- ? 'UNP Residue 6-110' ? 
2 non-polymer syn 
;6-{[(2R,5R,6R)-4-[(1S)-2-(tert-butylsulfonyl)-1-cyclopropylethyl]-6-(3-chlorophenyl)-5-(4-chlorophenyl)-2-methyl-3-oxomorpholin-2-yl]methyl}pyridine-3-carboxylic acid
;
659.620   1  ?       ? ?                   ? 
3 non-polymer syn 'SULFATE ION' 96.063    1  ?       ? ?                   ? 
4 water       nat water 18.015    98 ?       ? ?                   ? 
# 
_entity_name_com.entity_id   1 
_entity_name_com.name        'Double minute 2 protein, Hdm2, Oncoprotein Mdm2, p53-binding protein Mdm2' 
# 
_entity_poly.entity_id                      1 
_entity_poly.type                           'polypeptide(L)' 
_entity_poly.nstd_linkage                   no 
_entity_poly.nstd_monomer                   no 
_entity_poly.pdbx_seq_one_letter_code       
;MSVPTDGAVTTSQIPASEQETLVRPKPLLLKLLKSVGAQKDTYTMKEVLFYLGQYIMTKRLYDEKQQHIVYCSNDLLGDL
FGVPSFSVKEHRKIYTMIYRNLVVV
;
_entity_poly.pdbx_seq_one_letter_code_can   
;MSVPTDGAVTTSQIPASEQETLVRPKPLLLKLLKSVGAQKDTYTMKEVLFYLGQYIMTKRLYDEKQQHIVYCSNDLLGDL
FGVPSFSVKEHRKIYTMIYRNLVVV
;
_entity_poly.pdbx_strand_id                 A 
_entity_poly.pdbx_target_identifier         ? 
# 
loop_
_entity_poly_seq.entity_id 
_entity_poly_seq.num 
_entity_poly_seq.mon_id 
_entity_poly_seq.hetero 
1 1   MET n 
1 2   SER n 
1 3   VAL n 
1 4   PRO n 
1 5   THR n 
1 6   ASP n 
1 7   GLY n 
1 8   ALA n 
1 9   VAL n 
1 10  THR n 
1 11  THR n 
1 12  SER n 
1 13  GLN n 
1 14  ILE n 
1 15  PRO n 
1 16  ALA n 
1 17  SER n 
1 18  GLU n 
1 19  GLN n 
1 20  GLU n 
1 21  THR n 
1 22  LEU n 
1 23  VAL n 
1 24  ARG n 
1 25  PRO n 
1 26  LYS n 
1 27  PRO n 
1 28  LEU n 
1 29  LEU n 
1 30  LEU n 
1 31  LYS n 
1 32  LEU n 
1 33  LEU n 
1 34  LYS n 
1 35  SER n 
1 36  VAL n 
1 37  GLY n 
1 38  ALA n 
1 39  GLN n 
1 40  LYS n 
1 41  ASP n 
1 42  THR n 
1 43  TYR n 
1 44  THR n 
1 45  MET n 
1 46  LYS n 
1 47  GLU n 
1 48  VAL n 
1 49  LEU n 
1 50  PHE n 
1 51  TYR n 
1 52  LEU n 
1 53  GLY n 
1 54  GLN n 
1 55  TYR n 
1 56  ILE n 
1 57  MET n 
1 58  THR n 
1 59  LYS n 
1 60  ARG n 
1 61  LEU n 
1 62  TYR n 
1 63  ASP n 
1 64  GLU n 
1 65  LYS n 
1 66  GLN n 
1 67  GLN n 
1 68  HIS n 
1 69  ILE n 
1 70  VAL n 
1 71  TYR n 
1 72  CYS n 
1 73  SER n 
1 74  ASN n 
1 75  ASP n 
1 76  LEU n 
1 77  LEU n 
1 78  GLY n 
1 79  ASP n 
1 80  LEU n 
1 81  PHE n 
1 82  GLY n 
1 83  VAL n 
1 84  PRO n 
1 85  SER n 
1 86  PHE n 
1 87  SER n 
1 88  VAL n 
1 89  LYS n 
1 90  GLU n 
1 91  HIS n 
1 92  ARG n 
1 93  LYS n 
1 94  ILE n 
1 95  TYR n 
1 96  THR n 
1 97  MET n 
1 98  ILE n 
1 99  TYR n 
1 100 ARG n 
1 101 ASN n 
1 102 LEU n 
1 103 VAL n 
1 104 VAL n 
1 105 VAL n 
# 
_entity_src_gen.entity_id                          1 
_entity_src_gen.pdbx_src_id                        1 
_entity_src_gen.pdbx_alt_source_flag               sample 
_entity_src_gen.pdbx_seq_type                      ? 
_entity_src_gen.pdbx_beg_seq_num                   ? 
_entity_src_gen.pdbx_end_seq_num                   ? 
_entity_src_gen.gene_src_common_name               human 
_entity_src_gen.gene_src_genus                     ? 
_entity_src_gen.pdbx_gene_src_gene                 MDM2 
_entity_src_gen.gene_src_species                   ? 
_entity_src_gen.gene_src_strain                    ? 
_entity_src_gen.gene_src_tissue                    ? 
_entity_src_gen.gene_src_tissue_fraction           ? 
_entity_src_gen.gene_src_details                   ? 
_entity_src_gen.pdbx_gene_src_fragment             ? 
_entity_src_gen.pdbx_gene_src_scientific_name      'Homo sapiens' 
_entity_src_gen.pdbx_gene_src_ncbi_taxonomy_id     9606 
_entity_src_gen.pdbx_gene_src_variant              ? 
_entity_src_gen.pdbx_gene_src_cell_line            ? 
_entity_src_gen.pdbx_gene_src_atcc                 ? 
_entity_src_gen.pdbx_gene_src_organ                ? 
_entity_src_gen.pdbx_gene_src_organelle            ? 
_entity_src_gen.pdbx_gene_src_cell                 ? 
_entity_src_gen.pdbx_gene_src_cellular_location    ? 
_entity_src_gen.host_org_common_name               ? 
_entity_src_gen.pdbx_host_org_scientific_name      'Escherichia coli' 
_entity_src_gen.pdbx_host_org_ncbi_taxonomy_id     562 
_entity_src_gen.host_org_genus                     ? 
_entity_src_gen.pdbx_host_org_gene                 ? 
_entity_src_gen.pdbx_host_org_organ                ? 
_entity_src_gen.host_org_species                   ? 
_entity_src_gen.pdbx_host_org_tissue               ? 
_entity_src_gen.pdbx_host_org_tissue_fraction      ? 
_entity_src_gen.pdbx_host_org_strain               ? 
_entity_src_gen.pdbx_host_org_variant              ? 
_entity_src_gen.pdbx_host_org_cell_line            ? 
_entity_src_gen.pdbx_host_org_atcc                 ? 
_entity_src_gen.pdbx_host_org_culture_collection   ? 
_entity_src_gen.pdbx_host_org_cell                 ? 
_entity_src_gen.pdbx_host_org_organelle            ? 
_entity_src_gen.pdbx_host_org_cellular_location    ? 
_entity_src_gen.pdbx_host_org_vector_type          ? 
_entity_src_gen.pdbx_host_org_vector               ? 
_entity_src_gen.host_org_details                   ? 
_entity_src_gen.expression_system_id               ? 
_entity_src_gen.plasmid_name                       ? 
_entity_src_gen.plasmid_details                    ? 
_entity_src_gen.pdbx_description                   ? 
# 
_struct_ref.id                         1 
_struct_ref.db_name                    UNP 
_struct_ref.db_code                    MDM2_HUMAN 
_struct_ref.pdbx_db_accession          Q00987 
_struct_ref.entity_id                  1 
_struct_ref.pdbx_seq_one_letter_code   
;MSVPTDGAVTTSQIPASEQETLVRPKPLLLKLLKSVGAQKDTYTMKEVLFYLGQYIMTKRLYDEKQQHIVYCSNDLLGDL
FGVPSFSVKEHRKIYTMIYRNLVVV
;
_struct_ref.pdbx_align_begin           6 
_struct_ref.pdbx_db_isoform            ? 
# 
_struct_ref_seq.align_id                      1 
_struct_ref_seq.ref_id                        1 
_struct_ref_seq.pdbx_PDB_id_code              4OGT 
_struct_ref_seq.pdbx_strand_id                A 
_struct_ref_seq.seq_align_beg                 1 
_struct_ref_seq.pdbx_seq_align_beg_ins_code   ? 
_struct_ref_seq.seq_align_end                 105 
_struct_ref_seq.pdbx_seq_align_end_ins_code   ? 
_struct_ref_seq.pdbx_db_accession             Q00987 
_struct_ref_seq.db_align_beg                  6 
_struct_ref_seq.pdbx_db_align_beg_ins_code    ? 
_struct_ref_seq.db_align_end                  110 
_struct_ref_seq.pdbx_db_align_end_ins_code    ? 
_struct_ref_seq.pdbx_auth_seq_align_beg       6 
_struct_ref_seq.pdbx_auth_seq_align_end       110 
# 
loop_
_chem_comp.id 
_chem_comp.type 
_chem_comp.mon_nstd_flag 
_chem_comp.name 
_chem_comp.pdbx_synonyms 
_chem_comp.formula 
_chem_comp.formula_weight 
2U6 non-polymer         . 
;6-{[(2R,5R,6R)-4-[(1S)-2-(tert-butylsulfonyl)-1-cyclopropylethyl]-6-(3-chlorophenyl)-5-(4-chlorophenyl)-2-methyl-3-oxomorpholin-2-yl]methyl}pyridine-3-carboxylic acid
;
? 'C33 H36 Cl2 N2 O6 S' 659.620 
ALA 'L-peptide linking' y ALANINE ? 'C3 H7 N O2'          89.093  
ARG 'L-peptide linking' y ARGININE ? 'C6 H15 N4 O2 1'      175.209 
ASN 'L-peptide linking' y ASPARAGINE ? 'C4 H8 N2 O3'         132.118 
ASP 'L-peptide linking' y 'ASPARTIC ACID' ? 'C4 H7 N O4'          133.103 
CYS 'L-peptide linking' y CYSTEINE ? 'C3 H7 N O2 S'        121.158 
GLN 'L-peptide linking' y GLUTAMINE ? 'C5 H10 N2 O3'        146.144 
GLU 'L-peptide linking' y 'GLUTAMIC ACID' ? 'C5 H9 N O4'          147.129 
GLY 'peptide linking'   y GLYCINE ? 'C2 H5 N O2'          75.067  
HIS 'L-peptide linking' y HISTIDINE ? 'C6 H10 N3 O2 1'      156.162 
HOH non-polymer         . WATER ? 'H2 O'                18.015  
ILE 'L-peptide linking' y ISOLEUCINE ? 'C6 H13 N O2'         131.173 
LEU 'L-peptide linking' y LEUCINE ? 'C6 H13 N O2'         131.173 
LYS 'L-peptide linking' y LYSINE ? 'C6 H15 N2 O2 1'      147.195 
MET 'L-peptide linking' y METHIONINE ? 'C5 H11 N O2 S'       149.211 
PHE 'L-peptide linking' y PHENYLALANINE ? 'C9 H11 N O2'         165.189 
PRO 'L-peptide linking' y PROLINE ? 'C5 H9 N O2'          115.130 
SER 'L-peptide linking' y SERINE ? 'C3 H7 N O3'          105.093 
SO4 non-polymer         . 'SULFATE ION' ? 'O4 S -2'             96.063  
THR 'L-peptide linking' y THREONINE ? 'C4 H9 N O3'          119.119 
TYR 'L-peptide linking' y TYROSINE ? 'C9 H11 N O3'         181.189 
VAL 'L-peptide linking' y VALINE ? 'C5 H11 N O2'         117.146 
# 
_exptl.crystals_number   1 
_exptl.entry_id          4OGT 
_exptl.method            'X-RAY DIFFRACTION' 
# 
_exptl_crystal.id                    1 
_exptl_crystal.density_Matthews      2.59 
_exptl_crystal.density_meas          ? 
_exptl_crystal.density_percent_sol   52.50 
_exptl_crystal.description           ? 
_exptl_crystal.F_000                 ? 
_exptl_crystal.preparation           ? 
# 
_exptl_crystal_grow.crystal_id      1 
_exptl_crystal_grow.method          'VAPOR DIFFUSION, HANGING DROP' 
_exptl_crystal_grow.pH              5.0 
_exptl_crystal_grow.temp            277 
_exptl_crystal_grow.pdbx_details    
'0.8-1.8M Ammonium Sulfate, 0.1M sodium citrate, pH 5.0, VAPOR DIFFUSION, HANGING DROP, temperature 277K' 
_exptl_crystal_grow.temp_details    ? 
_exptl_crystal_grow.pdbx_pH_range   ? 
# 
_diffrn.id                     1 
_diffrn.ambient_temp           100 
_diffrn.ambient_temp_details   ? 
_diffrn.crystal_id             1 
# 
_diffrn_detector.diffrn_id              1 
_diffrn_detector.detector               CCD 
_diffrn_detector.type                   'MARMOSAIC 300 mm CCD' 
_diffrn_detector.pdbx_collection_date   2013-04-14 
_diffrn_detector.details                ? 
# 
_diffrn_radiation.diffrn_id                        1 
_diffrn_radiation.pdbx_diffrn_protocol             'SINGLE WAVELENGTH' 
_diffrn_radiation.monochromator                    ? 
_diffrn_radiation.wavelength_id                    1 
_diffrn_radiation.pdbx_monochromatic_or_laue_m_l   M 
_diffrn_radiation.pdbx_scattering_type             x-ray 
# 
_diffrn_radiation_wavelength.id           1 
_diffrn_radiation_wavelength.wavelength   1 
_diffrn_radiation_wavelength.wt           1.0 
# 
_diffrn_source.diffrn_id                   1 
_diffrn_source.source                      SYNCHROTRON 
_diffrn_source.type                        'APS BEAMLINE 22-ID' 
_diffrn_source.pdbx_wavelength_list        1 
_diffrn_source.pdbx_wavelength             ? 
_diffrn_source.pdbx_synchrotron_site       APS 
_diffrn_source.pdbx_synchrotron_beamline   22-ID 
# 
_reflns.entry_id                     4OGT 
_reflns.d_resolution_high            1.550 
_reflns.d_resolution_low             50.000 
_reflns.number_obs                   19582 
_reflns.pdbx_Rmerge_I_obs            0.070 
_reflns.pdbx_netI_over_sigmaI        9.700 
_reflns.pdbx_chi_squared             1.507 
_reflns.pdbx_redundancy              11.700 
_reflns.percent_possible_obs         99.700 
_reflns.observed_criterion_sigma_F   ? 
_reflns.observed_criterion_sigma_I   ? 
_reflns.number_all                   ? 
_reflns.pdbx_Rsym_value              ? 
_reflns.B_iso_Wilson_estimate        ? 
_reflns.R_free_details               ? 
_reflns.limit_h_max                  ? 
_reflns.limit_h_min                  ? 
_reflns.limit_k_max                  ? 
_reflns.limit_k_min                  ? 
_reflns.limit_l_max                  ? 
_reflns.limit_l_min                  ? 
_reflns.observed_criterion_F_max     ? 
_reflns.observed_criterion_F_min     ? 
_reflns.pdbx_scaling_rejects         ? 
_reflns.pdbx_ordinal                 1 
_reflns.pdbx_diffrn_id               1 
# 
loop_
_reflns_shell.d_res_high 
_reflns_shell.d_res_low 
_reflns_shell.number_measured_obs 
_reflns_shell.number_measured_all 
_reflns_shell.number_unique_obs 
_reflns_shell.Rmerge_I_obs 
_reflns_shell.meanI_over_sigI_obs 
_reflns_shell.pdbx_Rsym_value 
_reflns_shell.pdbx_chi_squared 
_reflns_shell.pdbx_redundancy 
_reflns_shell.percent_possible_obs 
_reflns_shell.number_unique_all 
_reflns_shell.percent_possible_all 
_reflns_shell.pdbx_ordinal 
_reflns_shell.pdbx_diffrn_id 
1.550 1.610  ? ? ? 0.669 ? ? 0.655 9.900  ? 1842 97.900  1  1 
1.610 1.670  ? ? ? 0.517 ? ? 0.674 11.600 ? 1902 100.000 2  1 
1.670 1.750  ? ? ? 0.379 ? ? 0.729 12.100 ? 1893 100.000 3  1 
1.750 1.840  ? ? ? 0.245 ? ? 0.846 12.300 ? 1898 100.000 4  1 
1.840 1.950  ? ? ? 0.166 ? ? 1.075 12.200 ? 1951 100.000 5  1 
1.950 2.100  ? ? ? 0.124 ? ? 1.362 12.200 ? 1914 100.000 6  1 
2.100 2.320  ? ? ? 0.090 ? ? 1.627 12.200 ? 1951 100.000 7  1 
2.320 2.650  ? ? ? 0.081 ? ? 2.062 12.300 ? 1993 99.900  8  1 
2.650 3.340  ? ? ? 0.066 ? ? 2.773 12.200 ? 2008 100.000 9  1 
3.340 50.000 ? ? ? 0.053 ? ? 3.003 10.000 ? 2230 99.200  10 1 
# 
_refine.entry_id                                 4OGT 
_refine.ls_d_res_high                            1.5361 
_refine.ls_d_res_low                             36.8740 
_refine.pdbx_ls_sigma_F                          1.350 
_refine.pdbx_data_cutoff_high_absF               ? 
_refine.pdbx_data_cutoff_low_absF                ? 
_refine.ls_percent_reflns_obs                    96.0900 
_refine.ls_number_reflns_obs                     19452 
_refine.ls_number_reflns_all                     ? 
_refine.pdbx_ls_cross_valid_method               THROUGHOUT 
_refine.pdbx_R_Free_selection_details            Random 
_refine.details                                  ? 
_refine.ls_R_factor_all                          ? 
_refine.ls_R_factor_obs                          0.2146 
_refine.ls_R_factor_R_work                       0.2141 
_refine.ls_wR_factor_R_work                      ? 
_refine.ls_R_factor_R_free                       0.2247 
_refine.ls_wR_factor_R_free                      ? 
_refine.ls_percent_reflns_R_free                 5.0100 
_refine.ls_number_reflns_R_free                  974 
_refine.ls_R_factor_R_free_error                 ? 
_refine.B_iso_mean                               29.2218 
_refine.solvent_model_param_bsol                 ? 
_refine.solvent_model_param_ksol                 ? 
_refine.pdbx_isotropic_thermal_model             ? 
_refine.aniso_B[1][1]                            ? 
_refine.aniso_B[2][2]                            ? 
_refine.aniso_B[3][3]                            ? 
_refine.aniso_B[1][2]                            ? 
_refine.aniso_B[1][3]                            ? 
_refine.aniso_B[2][3]                            ? 
_refine.correlation_coeff_Fo_to_Fc               ? 
_refine.correlation_coeff_Fo_to_Fc_free          ? 
_refine.overall_SU_R_Cruickshank_DPI             ? 
_refine.overall_SU_R_free                        ? 
_refine.pdbx_overall_ESU_R                       ? 
_refine.pdbx_overall_ESU_R_Free                  ? 
_refine.overall_SU_ML                            0.1500 
_refine.overall_SU_B                             ? 
_refine.solvent_model_details                    'FLAT BULK SOLVENT MODEL' 
_refine.pdbx_solvent_vdw_probe_radii             1.1100 
_refine.pdbx_solvent_ion_probe_radii             ? 
_refine.pdbx_solvent_shrinkage_radii             0.9000 
_refine.ls_number_parameters                     ? 
_refine.ls_number_restraints                     ? 
_refine.pdbx_starting_model                      'PDB Entry 4ERF' 
_refine.pdbx_method_to_determine_struct          'MOLECULAR REPLACEMENT' 
_refine.pdbx_stereochemistry_target_values       ML 
_refine.pdbx_stereochem_target_val_spec_case     ? 
_refine.overall_FOM_work_R_set                   0.7883 
_refine.B_iso_max                                65.160 
_refine.B_iso_min                                15.750 
_refine.pdbx_overall_phase_error                 26.1700 
_refine.occupancy_max                            1.000 
_refine.occupancy_min                            0.310 
_refine.pdbx_ls_sigma_I                          ? 
_refine.ls_redundancy_reflns_obs                 ? 
_refine.ls_R_factor_R_free_error_details         ? 
_refine.pdbx_data_cutoff_high_rms_absF           ? 
_refine.overall_FOM_free_R_set                   ? 
_refine.pdbx_diffrn_id                           1 
_refine.pdbx_refine_id                           'X-RAY DIFFRACTION' 
_refine.pdbx_TLS_residual_ADP_flag               ? 
_refine.pdbx_overall_SU_R_free_Cruickshank_DPI   ? 
_refine.pdbx_overall_SU_R_Blow_DPI               ? 
_refine.pdbx_overall_SU_R_free_Blow_DPI          ? 
# 
_refine_hist.pdbx_refine_id                   'X-RAY DIFFRACTION' 
_refine_hist.cycle_id                         LAST 
_refine_hist.pdbx_number_atoms_protein        796 
_refine_hist.pdbx_number_atoms_nucleic_acid   0 
_refine_hist.pdbx_number_atoms_ligand         49 
_refine_hist.number_atoms_solvent             98 
_refine_hist.number_atoms_total               943 
_refine_hist.d_res_high                       1.5361 
_refine_hist.d_res_low                        36.8740 
# 
loop_
_refine_ls_restr.type 
_refine_ls_restr.number 
_refine_ls_restr.dev_ideal 
_refine_ls_restr.dev_ideal_target 
_refine_ls_restr.weight 
_refine_ls_restr.pdbx_restraint_function 
_refine_ls_restr.pdbx_refine_id 
f_bond_d           894  0.006  ? ? ? 'X-RAY DIFFRACTION' 
f_angle_d          1226 1.133  ? ? ? 'X-RAY DIFFRACTION' 
f_chiral_restr     143  0.073  ? ? ? 'X-RAY DIFFRACTION' 
f_plane_restr      146  0.006  ? ? ? 'X-RAY DIFFRACTION' 
f_dihedral_angle_d 346  13.962 ? ? ? 'X-RAY DIFFRACTION' 
# 
loop_
_refine_ls_shell.d_res_high 
_refine_ls_shell.d_res_low 
_refine_ls_shell.pdbx_total_number_of_bins_used 
_refine_ls_shell.percent_reflns_obs 
_refine_ls_shell.number_reflns_R_work 
_refine_ls_shell.R_factor_all 
_refine_ls_shell.R_factor_R_work 
_refine_ls_shell.R_factor_R_free 
_refine_ls_shell.percent_reflns_R_free 
_refine_ls_shell.number_reflns_R_free 
_refine_ls_shell.R_factor_R_free_error 
_refine_ls_shell.number_reflns_all 
_refine_ls_shell.number_reflns_obs 
_refine_ls_shell.redundancy_reflns_obs 
_refine_ls_shell.pdbx_refine_id 
1.5361 1.6171  7 73.0000  1943 . 0.2824 0.3195 . 110 . 2053 . . 'X-RAY DIFFRACTION' 
1.6171 1.7184  7 100.0000 2624 . 0.2678 0.3016 . 155 . 2779 . . 'X-RAY DIFFRACTION' 
1.7184 1.8511  7 100.0000 2659 . 0.2555 0.2915 . 144 . 2803 . . 'X-RAY DIFFRACTION' 
1.8511 2.0374  7 100.0000 2709 . 0.2337 0.2482 . 137 . 2846 . . 'X-RAY DIFFRACTION' 
2.0374 2.3321  7 100.0000 2735 . 0.2223 0.2239 . 145 . 2880 . . 'X-RAY DIFFRACTION' 
2.3321 2.9380  7 100.0000 2797 . 0.2305 0.2391 . 140 . 2937 . . 'X-RAY DIFFRACTION' 
2.9380 36.8845 7 100.0000 3011 . 0.1919 0.1949 . 143 . 3154 . . 'X-RAY DIFFRACTION' 
# 
_struct.entry_id                  4OGT 
_struct.title                     'Co-Crystal Structure of MDM2 with Inhbitor Compound 46' 
_struct.pdbx_model_details        ? 
_struct.pdbx_CASP_flag            ? 
_struct.pdbx_model_type_details   ? 
# 
_struct_keywords.entry_id        4OGT 
_struct_keywords.text            'P53, protein-protein interaction, ligase-ligase inhibitor complex' 
_struct_keywords.pdbx_keywords   'LIGASE/LIGASE INHIBITOR' 
# 
loop_
_struct_asym.id 
_struct_asym.pdbx_blank_PDB_chainid_flag 
_struct_asym.pdbx_modified 
_struct_asym.entity_id 
_struct_asym.details 
A N N 1 ? 
B N N 2 ? 
C N N 3 ? 
D N N 4 ? 
# 
_struct_biol.id        1 
_struct_biol.details   ? 
# 
loop_
_struct_conf.conf_type_id 
_struct_conf.id 
_struct_conf.pdbx_PDB_helix_id 
_struct_conf.beg_label_comp_id 
_struct_conf.beg_label_asym_id 
_struct_conf.beg_label_seq_id 
_struct_conf.pdbx_beg_PDB_ins_code 
_struct_conf.end_label_comp_id 
_struct_conf.end_label_asym_id 
_struct_conf.end_label_seq_id 
_struct_conf.pdbx_end_PDB_ins_code 
_struct_conf.beg_auth_comp_id 
_struct_conf.beg_auth_asym_id 
_struct_conf.beg_auth_seq_id 
_struct_conf.end_auth_comp_id 
_struct_conf.end_auth_asym_id 
_struct_conf.end_auth_seq_id 
_struct_conf.pdbx_PDB_helix_class 
_struct_conf.details 
_struct_conf.pdbx_PDB_helix_length 
HELX_P HELX_P1 1 PRO A 15 ? GLU A 20  ? PRO A 20 GLU A 25  5 ? 6  
HELX_P HELX_P2 2 LYS A 26 ? SER A 35  ? LYS A 31 SER A 40  1 ? 10 
HELX_P HELX_P3 3 MET A 45 ? LYS A 59  ? MET A 50 LYS A 64  1 ? 15 
HELX_P HELX_P4 4 ASP A 75 ? GLY A 82  ? ASP A 80 GLY A 87  1 ? 8  
HELX_P HELX_P5 5 GLU A 90 ? ARG A 100 ? GLU A 95 ARG A 105 1 ? 11 
# 
_struct_conf_type.id          HELX_P 
_struct_conf_type.criteria    ? 
_struct_conf_type.reference   ? 
# 
loop_
_struct_sheet.id 
_struct_sheet.type 
_struct_sheet.number_strands 
_struct_sheet.details 
A ? 3 ? 
B ? 2 ? 
# 
loop_
_struct_sheet_order.sheet_id 
_struct_sheet_order.range_id_1 
_struct_sheet_order.range_id_2 
_struct_sheet_order.offset 
_struct_sheet_order.sense 
A 1 2 ? anti-parallel 
A 2 3 ? anti-parallel 
B 1 2 ? anti-parallel 
# 
loop_
_struct_sheet_range.sheet_id 
_struct_sheet_range.id 
_struct_sheet_range.beg_label_comp_id 
_struct_sheet_range.beg_label_asym_id 
_struct_sheet_range.beg_label_seq_id 
_struct_sheet_range.pdbx_beg_PDB_ins_code 
_struct_sheet_range.end_label_comp_id 
_struct_sheet_range.end_label_asym_id 
_struct_sheet_range.end_label_seq_id 
_struct_sheet_range.pdbx_end_PDB_ins_code 
_struct_sheet_range.beg_auth_comp_id 
_struct_sheet_range.beg_auth_asym_id 
_struct_sheet_range.beg_auth_seq_id 
_struct_sheet_range.end_auth_comp_id 
_struct_sheet_range.end_auth_asym_id 
_struct_sheet_range.end_auth_seq_id 
A 1 TYR A 43  ? THR A 44  ? TYR A 48  THR A 49  
A 2 LEU A 22  ? PRO A 25  ? LEU A 27  PRO A 30  
A 3 LEU A 102 ? VAL A 104 ? LEU A 107 VAL A 109 
B 1 ILE A 69  ? TYR A 71  ? ILE A 74  TYR A 76  
B 2 SER A 85  ? SER A 87  ? SER A 90  SER A 92  
# 
loop_
_pdbx_struct_sheet_hbond.sheet_id 
_pdbx_struct_sheet_hbond.range_id_1 
_pdbx_struct_sheet_hbond.range_id_2 
_pdbx_struct_sheet_hbond.range_1_label_atom_id 
_pdbx_struct_sheet_hbond.range_1_label_comp_id 
_pdbx_struct_sheet_hbond.range_1_label_asym_id 
_pdbx_struct_sheet_hbond.range_1_label_seq_id 
_pdbx_struct_sheet_hbond.range_1_PDB_ins_code 
_pdbx_struct_sheet_hbond.range_1_auth_atom_id 
_pdbx_struct_sheet_hbond.range_1_auth_comp_id 
_pdbx_struct_sheet_hbond.range_1_auth_asym_id 
_pdbx_struct_sheet_hbond.range_1_auth_seq_id 
_pdbx_struct_sheet_hbond.range_2_label_atom_id 
_pdbx_struct_sheet_hbond.range_2_label_comp_id 
_pdbx_struct_sheet_hbond.range_2_label_asym_id 
_pdbx_struct_sheet_hbond.range_2_label_seq_id 
_pdbx_struct_sheet_hbond.range_2_PDB_ins_code 
_pdbx_struct_sheet_hbond.range_2_auth_atom_id 
_pdbx_struct_sheet_hbond.range_2_auth_comp_id 
_pdbx_struct_sheet_hbond.range_2_auth_asym_id 
_pdbx_struct_sheet_hbond.range_2_auth_seq_id 
A 1 2 O TYR A 43 ? O TYR A 48 N VAL A 23  ? N VAL A 28  
A 2 3 N ARG A 24 ? N ARG A 29 O VAL A 103 ? O VAL A 108 
B 1 2 N VAL A 70 ? N VAL A 75 O PHE A 86  ? O PHE A 91  
# 
loop_
_struct_site.id 
_struct_site.pdbx_evidence_code 
_struct_site.pdbx_auth_asym_id 
_struct_site.pdbx_auth_comp_id 
_struct_site.pdbx_auth_seq_id 
_struct_site.pdbx_auth_ins_code 
_struct_site.pdbx_num_residues 
_struct_site.details 
AC1 Software A 2U6 201 ? 14 'BINDING SITE FOR RESIDUE 2U6 A 201' 
AC2 Software A SO4 202 ? 7  'BINDING SITE FOR RESIDUE SO4 A 202' 
# 
loop_
_struct_site_gen.id 
_struct_site_gen.site_id 
_struct_site_gen.pdbx_num_res 
_struct_site_gen.label_comp_id 
_struct_site_gen.label_asym_id 
_struct_site_gen.label_seq_id 
_struct_site_gen.pdbx_auth_ins_code 
_struct_site_gen.auth_comp_id 
_struct_site_gen.auth_asym_id 
_struct_site_gen.auth_seq_id 
_struct_site_gen.label_atom_id 
_struct_site_gen.label_alt_id 
_struct_site_gen.symmetry 
_struct_site_gen.details 
1  AC1 14 THR A 11  ? THR A 16  . ? 1_555 ? 
2  AC1 14 GLU A 18  ? GLU A 23  . ? 8_665 ? 
3  AC1 14 LEU A 49  ? LEU A 54  . ? 1_555 ? 
4  AC1 14 ILE A 56  ? ILE A 61  . ? 1_555 ? 
5  AC1 14 MET A 57  ? MET A 62  . ? 1_555 ? 
6  AC1 14 VAL A 88  ? VAL A 93  . ? 1_555 ? 
7  AC1 14 HIS A 91  ? HIS A 96  . ? 1_555 ? 
8  AC1 14 TYR A 99  ? TYR A 104 . ? 8_665 ? 
9  AC1 14 VAL A 104 ? VAL A 109 . ? 8_665 ? 
10 AC1 14 VAL A 105 ? VAL A 110 . ? 8_665 ? 
11 AC1 14 HOH D .   ? HOH A 302 . ? 1_555 ? 
12 AC1 14 HOH D .   ? HOH A 320 . ? 1_555 ? 
13 AC1 14 HOH D .   ? HOH A 357 . ? 1_555 ? 
14 AC1 14 HOH D .   ? HOH A 390 . ? 1_555 ? 
15 AC2 7  PRO A 15  ? PRO A 20  . ? 1_555 ? 
16 AC2 7  ALA A 16  ? ALA A 21  . ? 1_555 ? 
17 AC2 7  THR A 58  ? THR A 63  . ? 8_565 ? 
18 AC2 7  HOH D .   ? HOH A 307 . ? 8_565 ? 
19 AC2 7  HOH D .   ? HOH A 314 . ? 1_555 ? 
20 AC2 7  HOH D .   ? HOH A 351 . ? 8_565 ? 
21 AC2 7  HOH D .   ? HOH A 385 . ? 1_555 ? 
# 
_atom_sites.entry_id                    4OGT 
_atom_sites.fract_transf_matrix[1][1]   0.01734067 
_atom_sites.fract_transf_matrix[1][2]   -0.00137350 
_atom_sites.fract_transf_matrix[1][3]   0.01846563 
_atom_sites.fract_transf_matrix[2][1]   0.01582065 
_atom_sites.fract_transf_matrix[2][2]   -0.01980130 
_atom_sites.fract_transf_matrix[2][3]   0.00109624 
_atom_sites.fract_transf_matrix[3][1]   0.00313141 
_atom_sites.fract_transf_matrix[3][2]   0.00234878 
_atom_sites.fract_transf_matrix[3][3]   -0.00276593 
_atom_sites.fract_transf_vector[1]      -0.086931 
_atom_sites.fract_transf_vector[2]      0.439752 
_atom_sites.fract_transf_vector[3]      -0.030117 
# 
loop_
_atom_type.symbol 
C  
CL 
N  
O  
S  
# 
loop_
_atom_site.group_PDB 
_atom_site.id 
_atom_site.type_symbol 
_atom_site.label_atom_id 
_atom_site.label_alt_id 
_atom_site.label_comp_id 
_atom_site.label_asym_id 
_atom_site.label_entity_id 
_atom_site.label_seq_id 
_atom_site.pdbx_PDB_ins_code 
_atom_site.Cartn_x 
_atom_site.Cartn_y 
_atom_site.Cartn_z 
_atom_site.occupancy 
_atom_site.B_iso_or_equiv 
_atom_site.pdbx_formal_charge 
_atom_site.auth_seq_id 
_atom_site.auth_comp_id 
_atom_site.auth_asym_id 
_atom_site.auth_atom_id 
_atom_site.pdbx_PDB_model_num 
ATOM   1   N  N   . GLY A 1 7   ? 7.441   11.878  0.328   1.00 32.22 ? 12  GLY A N   1 
ATOM   2   C  CA  . GLY A 1 7   ? 6.220   11.109  0.502   1.00 27.01 ? 12  GLY A CA  1 
ATOM   3   C  C   . GLY A 1 7   ? 6.049   10.065  -0.585  1.00 24.86 ? 12  GLY A C   1 
ATOM   4   O  O   . GLY A 1 7   ? 5.007   9.986   -1.232  1.00 25.23 ? 12  GLY A O   1 
ATOM   5   N  N   . ALA A 1 8   ? 7.086   9.262   -0.791  1.00 25.39 ? 13  ALA A N   1 
ATOM   6   C  CA  . ALA A 1 8   ? 7.062   8.223   -1.809  1.00 25.63 ? 13  ALA A CA  1 
ATOM   7   C  C   . ALA A 1 8   ? 8.072   7.155   -1.441  1.00 27.46 ? 13  ALA A C   1 
ATOM   8   O  O   . ALA A 1 8   ? 9.125   7.461   -0.880  1.00 31.60 ? 13  ALA A O   1 
ATOM   9   C  CB  . ALA A 1 8   ? 7.402   8.814   -3.175  1.00 27.52 ? 13  ALA A CB  1 
ATOM   10  N  N   . VAL A 1 9   ? 7.761   5.900   -1.741  1.00 26.57 ? 14  VAL A N   1 
ATOM   11  C  CA  A VAL A 1 9   ? 8.730   4.826   -1.551  0.39 27.81 ? 14  VAL A CA  1 
ATOM   12  C  CA  B VAL A 1 9   ? 8.736   4.835   -1.556  0.61 27.83 ? 14  VAL A CA  1 
ATOM   13  C  C   . VAL A 1 9   ? 8.802   3.936   -2.788  1.00 27.99 ? 14  VAL A C   1 
ATOM   14  O  O   . VAL A 1 9   ? 7.776   3.573   -3.370  1.00 27.71 ? 14  VAL A O   1 
ATOM   15  C  CB  A VAL A 1 9   ? 8.441   3.979   -0.288  0.39 27.97 ? 14  VAL A CB  1 
ATOM   16  C  CB  B VAL A 1 9   ? 8.470   4.017   -0.274  0.61 28.01 ? 14  VAL A CB  1 
ATOM   17  C  CG1 A VAL A 1 9   ? 8.561   4.830   0.970   0.39 29.11 ? 14  VAL A CG1 1 
ATOM   18  C  CG1 B VAL A 1 9   ? 7.096   3.376   -0.312  0.61 27.19 ? 14  VAL A CG1 1 
ATOM   19  C  CG2 A VAL A 1 9   ? 7.073   3.333   -0.364  0.39 27.16 ? 14  VAL A CG2 1 
ATOM   20  C  CG2 B VAL A 1 9   ? 9.552   2.966   -0.071  0.61 28.07 ? 14  VAL A CG2 1 
ATOM   21  N  N   . THR A 1 10  ? 10.023  3.598   -3.189  1.00 27.69 ? 15  THR A N   1 
ATOM   22  C  CA  . THR A 1 10  ? 10.247  2.837   -4.407  1.00 27.64 ? 15  THR A CA  1 
ATOM   23  C  C   . THR A 1 10  ? 11.010  1.543   -4.163  1.00 25.19 ? 15  THR A C   1 
ATOM   24  O  O   . THR A 1 10  ? 11.569  1.324   -3.087  1.00 27.59 ? 15  THR A O   1 
ATOM   25  C  CB  . THR A 1 10  ? 11.025  3.670   -5.428  1.00 31.40 ? 15  THR A CB  1 
ATOM   26  O  OG1 . THR A 1 10  ? 12.235  4.139   -4.822  1.00 33.63 ? 15  THR A OG1 1 
ATOM   27  C  CG2 . THR A 1 10  ? 10.192  4.861   -5.875  1.00 31.84 ? 15  THR A CG2 1 
ATOM   28  N  N   . THR A 1 11  ? 11.022  0.687   -5.180  1.00 23.23 ? 16  THR A N   1 
ATOM   29  C  CA  . THR A 1 11  ? 11.675  -0.610  -5.093  1.00 22.80 ? 16  THR A CA  1 
ATOM   30  C  C   . THR A 1 11  ? 12.321  -1.005  -6.423  1.00 24.23 ? 16  THR A C   1 
ATOM   31  O  O   . THR A 1 11  ? 11.829  -0.645  -7.490  1.00 24.24 ? 16  THR A O   1 
ATOM   32  C  CB  . THR A 1 11  ? 10.668  -1.698  -4.700  1.00 21.48 ? 16  THR A CB  1 
ATOM   33  O  OG1 . THR A 1 11  ? 11.273  -2.988  -4.846  1.00 23.75 ? 16  THR A OG1 1 
ATOM   34  C  CG2 . THR A 1 11  ? 9.427   -1.618  -5.581  1.00 21.22 ? 16  THR A CG2 1 
ATOM   35  N  N   . SER A 1 12  ? 13.410  -1.766  -6.352  1.00 24.46 ? 17  SER A N   1 
ATOM   36  C  CA  . SER A 1 12  ? 14.052  -2.282  -7.553  1.00 24.51 ? 17  SER A CA  1 
ATOM   37  C  C   . SER A 1 12  ? 13.329  -3.492  -8.150  1.00 22.95 ? 17  SER A C   1 
ATOM   38  O  O   . SER A 1 12  ? 13.661  -3.943  -9.248  1.00 25.83 ? 17  SER A O   1 
ATOM   39  C  CB  . SER A 1 12  ? 15.524  -2.621  -7.274  1.00 28.18 ? 17  SER A CB  1 
ATOM   40  O  OG  . SER A 1 12  ? 15.640  -3.461  -6.136  1.00 31.72 ? 17  SER A OG  1 
ATOM   41  N  N   . GLN A 1 13  ? 12.333  -4.013  -7.435  1.00 22.10 ? 18  GLN A N   1 
ATOM   42  C  CA  . GLN A 1 13  ? 11.613  -5.202  -7.890  1.00 20.89 ? 18  GLN A CA  1 
ATOM   43  C  C   . GLN A 1 13  ? 10.584  -4.897  -8.979  1.00 22.45 ? 18  GLN A C   1 
ATOM   44  O  O   . GLN A 1 13  ? 10.108  -5.802  -9.669  1.00 25.78 ? 18  GLN A O   1 
ATOM   45  C  CB  . GLN A 1 13  ? 10.905  -5.878  -6.712  1.00 19.24 ? 18  GLN A CB  1 
ATOM   46  C  CG  . GLN A 1 13  ? 11.834  -6.471  -5.671  1.00 20.94 ? 18  GLN A CG  1 
ATOM   47  C  CD  . GLN A 1 13  ? 11.066  -7.275  -4.635  1.00 23.28 ? 18  GLN A CD  1 
ATOM   48  O  OE1 . GLN A 1 13  ? 10.020  -7.848  -4.940  1.00 24.43 ? 18  GLN A OE1 1 
ATOM   49  N  NE2 . GLN A 1 13  ? 11.577  -7.316  -3.407  1.00 23.92 ? 18  GLN A NE2 1 
ATOM   50  N  N   . ILE A 1 14  ? 10.237  -3.624  -9.112  1.00 20.98 ? 19  ILE A N   1 
ATOM   51  C  CA  . ILE A 1 14  ? 9.199   -3.169  -10.029 1.00 21.40 ? 19  ILE A CA  1 
ATOM   52  C  C   . ILE A 1 14  ? 9.861   -2.133  -10.925 1.00 21.48 ? 19  ILE A C   1 
ATOM   53  O  O   . ILE A 1 14  ? 10.716  -1.388  -10.454 1.00 22.76 ? 19  ILE A O   1 
ATOM   54  C  CB  . ILE A 1 14  ? 8.052   -2.488  -9.245  1.00 21.20 ? 19  ILE A CB  1 
ATOM   55  C  CG1 . ILE A 1 14  ? 7.492   -3.420  -8.165  1.00 24.10 ? 19  ILE A CG1 1 
ATOM   56  C  CG2 . ILE A 1 14  ? 6.935   -2.021  -10.172 1.00 20.90 ? 19  ILE A CG2 1 
ATOM   57  C  CD1 . ILE A 1 14  ? 6.669   -4.561  -8.705  1.00 25.00 ? 19  ILE A CD1 1 
ATOM   58  N  N   . PRO A 1 15  ? 9.499   -2.098  -12.220 1.00 22.94 ? 20  PRO A N   1 
ATOM   59  C  CA  . PRO A 1 15  ? 10.099  -1.071  -13.087 1.00 21.02 ? 20  PRO A CA  1 
ATOM   60  C  C   . PRO A 1 15  ? 9.815   0.334   -12.564 1.00 21.25 ? 20  PRO A C   1 
ATOM   61  O  O   . PRO A 1 15  ? 8.718   0.597   -12.071 1.00 20.37 ? 20  PRO A O   1 
ATOM   62  C  CB  . PRO A 1 15  ? 9.378   -1.282  -14.421 1.00 23.86 ? 20  PRO A CB  1 
ATOM   63  C  CG  . PRO A 1 15  ? 9.036   -2.723  -14.430 1.00 25.72 ? 20  PRO A CG  1 
ATOM   64  C  CD  . PRO A 1 15  ? 8.708   -3.072  -12.993 1.00 23.51 ? 20  PRO A CD  1 
ATOM   65  N  N   . ALA A 1 16  ? 10.797  1.225   -12.668 1.00 20.97 ? 21  ALA A N   1 
ATOM   66  C  CA  . ALA A 1 16  ? 10.646  2.575   -12.138 1.00 21.09 ? 21  ALA A CA  1 
ATOM   67  C  C   . ALA A 1 16  ? 9.421   3.288   -12.708 1.00 22.21 ? 21  ALA A C   1 
ATOM   68  O  O   . ALA A 1 16  ? 8.686   3.955   -11.980 1.00 21.89 ? 21  ALA A O   1 
ATOM   69  C  CB  . ALA A 1 16  ? 11.900  3.386   -12.409 1.00 22.39 ? 21  ALA A CB  1 
ATOM   70  N  N   . SER A 1 17  ? 9.208   3.142   -14.012 1.00 21.75 ? 22  SER A N   1 
ATOM   71  C  CA  . SER A 1 17  ? 8.103   3.827   -14.682 1.00 21.40 ? 22  SER A CA  1 
ATOM   72  C  C   . SER A 1 17  ? 6.737   3.361   -14.180 1.00 21.61 ? 22  SER A C   1 
ATOM   73  O  O   . SER A 1 17  ? 5.781   4.140   -14.128 1.00 21.66 ? 22  SER A O   1 
ATOM   74  C  CB  . SER A 1 17  ? 8.201   3.640   -16.199 1.00 23.97 ? 22  SER A CB  1 
ATOM   75  O  OG  . SER A 1 17  ? 7.116   4.268   -16.854 1.00 25.80 ? 22  SER A OG  1 
ATOM   76  N  N   . GLU A 1 18  ? 6.648   2.089   -13.810 1.00 20.17 ? 23  GLU A N   1 
ATOM   77  C  CA  . GLU A 1 18  ? 5.398   1.552   -13.293 1.00 19.23 ? 23  GLU A CA  1 
ATOM   78  C  C   . GLU A 1 18  ? 5.035   2.232   -11.975 1.00 20.05 ? 23  GLU A C   1 
ATOM   79  O  O   . GLU A 1 18  ? 3.854   2.425   -11.662 1.00 20.80 ? 23  GLU A O   1 
ATOM   80  C  CB  . GLU A 1 18  ? 5.479   0.032   -13.129 1.00 18.04 ? 23  GLU A CB  1 
ATOM   81  C  CG  . GLU A 1 18  ? 4.157   -0.568  -12.640 1.00 17.93 ? 23  GLU A CG  1 
ATOM   82  C  CD  . GLU A 1 18  ? 4.125   -2.081  -12.632 1.00 21.03 ? 23  GLU A CD  1 
ATOM   83  O  OE1 . GLU A 1 18  ? 5.117   -2.723  -13.019 1.00 21.62 ? 23  GLU A OE1 1 
ATOM   84  O  OE2 . GLU A 1 18  ? 3.085   -2.637  -12.216 1.00 21.98 ? 23  GLU A OE2 1 
ATOM   85  N  N   . GLN A 1 19  ? 6.048   2.614   -11.210 1.00 20.05 ? 24  GLN A N   1 
ATOM   86  C  CA  . GLN A 1 19  ? 5.817   3.239   -9.912  1.00 20.95 ? 24  GLN A CA  1 
ATOM   87  C  C   . GLN A 1 19  ? 5.385   4.703   -10.050 1.00 21.56 ? 24  GLN A C   1 
ATOM   88  O  O   . GLN A 1 19  ? 5.026   5.354   -9.065  1.00 20.51 ? 24  GLN A O   1 
ATOM   89  C  CB  . GLN A 1 19  ? 7.055   3.075   -9.029  1.00 19.34 ? 24  GLN A CB  1 
ATOM   90  C  CG  . GLN A 1 19  ? 7.504   1.618   -8.973  1.00 20.55 ? 24  GLN A CG  1 
ATOM   91  C  CD  . GLN A 1 19  ? 8.782   1.408   -8.210  1.00 22.11 ? 24  GLN A CD  1 
ATOM   92  O  OE1 . GLN A 1 19  ? 8.864   1.700   -7.017  1.00 24.29 ? 24  GLN A OE1 1 
ATOM   93  N  NE2 . GLN A 1 19  ? 9.800   0.899   -8.897  1.00 21.00 ? 24  GLN A NE2 1 
ATOM   94  N  N   . GLU A 1 20  ? 5.410   5.211   -11.283 1.00 21.57 ? 25  GLU A N   1 
ATOM   95  C  CA  . GLU A 1 20  ? 4.895   6.545   -11.576 1.00 21.81 ? 25  GLU A CA  1 
ATOM   96  C  C   . GLU A 1 20  ? 3.469   6.502   -12.128 1.00 21.84 ? 25  GLU A C   1 
ATOM   97  O  O   . GLU A 1 20  ? 2.900   7.544   -12.459 1.00 22.80 ? 25  GLU A O   1 
ATOM   98  C  CB  . GLU A 1 20  ? 5.797   7.265   -12.585 1.00 22.18 ? 25  GLU A CB  1 
ATOM   99  C  CG  . GLU A 1 20  ? 7.256   7.406   -12.156 1.00 24.23 ? 25  GLU A CG  1 
ATOM   100 C  CD  . GLU A 1 20  ? 7.432   8.298   -10.945 1.00 30.80 ? 25  GLU A CD  1 
ATOM   101 O  OE1 . GLU A 1 20  ? 6.605   9.214   -10.744 1.00 34.94 ? 25  GLU A OE1 1 
ATOM   102 O  OE2 . GLU A 1 20  ? 8.398   8.077   -10.185 1.00 34.54 ? 25  GLU A OE2 1 
ATOM   103 N  N   . THR A 1 21  ? 2.897   5.303   -12.234 1.00 21.67 ? 26  THR A N   1 
ATOM   104 C  CA  . THR A 1 21  ? 1.538   5.143   -12.755 1.00 22.27 ? 26  THR A CA  1 
ATOM   105 C  C   . THR A 1 21  ? 0.537   5.980   -11.950 1.00 21.19 ? 26  THR A C   1 
ATOM   106 O  O   . THR A 1 21  ? 0.527   5.917   -10.719 1.00 21.11 ? 26  THR A O   1 
ATOM   107 C  CB  . THR A 1 21  ? 1.099   3.654   -12.735 1.00 21.69 ? 26  THR A CB  1 
ATOM   108 O  OG1 . THR A 1 21  ? 2.002   2.873   -13.533 1.00 22.35 ? 26  THR A OG1 1 
ATOM   109 C  CG2 . THR A 1 21  ? -0.327  3.491   -13.273 1.00 21.88 ? 26  THR A CG2 1 
ATOM   110 N  N   . LEU A 1 22  ? -0.281  6.771   -12.650 1.00 20.36 ? 27  LEU A N   1 
ATOM   111 C  CA  . LEU A 1 22  ? -1.315  7.598   -12.016 1.00 20.63 ? 27  LEU A CA  1 
ATOM   112 C  C   . LEU A 1 22  ? -2.568  6.787   -11.742 1.00 21.12 ? 27  LEU A C   1 
ATOM   113 O  O   . LEU A 1 22  ? -3.071  6.094   -12.626 1.00 22.74 ? 27  LEU A O   1 
ATOM   114 C  CB  . LEU A 1 22  ? -1.669  8.798   -12.898 1.00 23.54 ? 27  LEU A CB  1 
ATOM   115 C  CG  . LEU A 1 22  ? -0.576  9.852   -13.031 1.00 27.32 ? 27  LEU A CG  1 
ATOM   116 C  CD1 . LEU A 1 22  ? -1.004  10.943  -14.000 1.00 28.54 ? 27  LEU A CD1 1 
ATOM   117 C  CD2 . LEU A 1 22  ? -0.271  10.434  -11.662 1.00 29.00 ? 27  LEU A CD2 1 
ATOM   118 N  N   . VAL A 1 23  ? -3.078  6.886   -10.517 1.00 18.17 ? 28  VAL A N   1 
ATOM   119 C  CA  . VAL A 1 23  ? -4.196  6.052   -10.094 1.00 17.58 ? 28  VAL A CA  1 
ATOM   120 C  C   . VAL A 1 23  ? -5.189  6.841   -9.247  1.00 19.28 ? 28  VAL A C   1 
ATOM   121 O  O   . VAL A 1 23  ? -4.824  7.809   -8.577  1.00 19.52 ? 28  VAL A O   1 
ATOM   122 C  CB  . VAL A 1 23  ? -3.720  4.814   -9.288  1.00 21.28 ? 28  VAL A CB  1 
ATOM   123 C  CG1 . VAL A 1 23  ? -2.805  3.923   -10.135 1.00 21.62 ? 28  VAL A CG1 1 
ATOM   124 C  CG2 . VAL A 1 23  ? -3.026  5.239   -8.004  1.00 21.77 ? 28  VAL A CG2 1 
ATOM   125 N  N   . ARG A 1 24  ? -6.449  6.417   -9.287  1.00 20.27 ? 29  ARG A N   1 
ATOM   126 C  CA  . ARG A 1 24  ? -7.498  7.006   -8.466  1.00 22.39 ? 29  ARG A CA  1 
ATOM   127 C  C   . ARG A 1 24  ? -8.044  5.926   -7.554  1.00 21.45 ? 29  ARG A C   1 
ATOM   128 O  O   . ARG A 1 24  ? -8.824  5.075   -7.992  1.00 23.12 ? 29  ARG A O   1 
ATOM   129 C  CB  . ARG A 1 24  ? -8.611  7.590   -9.339  1.00 25.56 ? 29  ARG A CB  1 
ATOM   130 C  CG  . ARG A 1 24  ? -8.137  8.727   -10.230 1.00 30.70 ? 29  ARG A CG  1 
ATOM   131 C  CD  . ARG A 1 24  ? -9.266  9.624   -10.702 1.00 37.79 ? 29  ARG A CD  1 
ATOM   132 N  NE  . ARG A 1 24  ? -8.742  10.761  -11.460 1.00 43.56 ? 29  ARG A NE  1 
ATOM   133 C  CZ  . ARG A 1 24  ? -8.617  10.788  -12.785 1.00 46.80 ? 29  ARG A CZ  1 
ATOM   134 N  NH1 . ARG A 1 24  ? -8.989  9.742   -13.511 1.00 47.87 ? 29  ARG A NH1 1 
ATOM   135 N  NH2 . ARG A 1 24  ? -8.124  11.864  -13.385 1.00 48.56 ? 29  ARG A NH2 1 
ATOM   136 N  N   . PRO A 1 25  ? -7.609  5.936   -6.286  1.00 21.71 ? 30  PRO A N   1 
ATOM   137 C  CA  . PRO A 1 25  ? -8.058  4.933   -5.318  1.00 19.99 ? 30  PRO A CA  1 
ATOM   138 C  C   . PRO A 1 25  ? -9.569  4.889   -5.182  1.00 21.66 ? 30  PRO A C   1 
ATOM   139 O  O   . PRO A 1 25  ? -10.254 5.913   -5.172  1.00 22.67 ? 30  PRO A O   1 
ATOM   140 C  CB  . PRO A 1 25  ? -7.431  5.408   -4.009  1.00 18.98 ? 30  PRO A CB  1 
ATOM   141 C  CG  . PRO A 1 25  ? -6.184  6.138   -4.458  1.00 18.20 ? 30  PRO A CG  1 
ATOM   142 C  CD  . PRO A 1 25  ? -6.619  6.856   -5.700  1.00 20.79 ? 30  PRO A CD  1 
ATOM   143 N  N   . LYS A 1 26  ? -10.081 3.670   -5.098  1.00 20.01 ? 31  LYS A N   1 
ATOM   144 C  CA  . LYS A 1 26  ? -11.476 3.441   -4.781  1.00 22.74 ? 31  LYS A CA  1 
ATOM   145 C  C   . LYS A 1 26  ? -11.683 3.799   -3.301  1.00 22.72 ? 31  LYS A C   1 
ATOM   146 O  O   . LYS A 1 26  ? -10.709 4.025   -2.587  1.00 23.04 ? 31  LYS A O   1 
ATOM   147 C  CB  . LYS A 1 26  ? -11.828 1.988   -5.125  1.00 24.75 ? 31  LYS A CB  1 
ATOM   148 C  CG  . LYS A 1 26  ? -12.034 1.763   -6.625  1.00 26.81 ? 31  LYS A CG  1 
ATOM   149 C  CD  . LYS A 1 26  ? -12.125 0.279   -6.970  1.00 31.11 ? 31  LYS A CD  1 
ATOM   150 C  CE  . LYS A 1 26  ? -12.061 0.047   -8.473  1.00 35.14 ? 31  LYS A CE  1 
ATOM   151 N  NZ  . LYS A 1 26  ? -13.404 -0.038  -9.103  1.00 39.50 ? 31  LYS A NZ  1 
ATOM   152 N  N   . PRO A 1 27  ? -12.947 3.880   -2.835  1.00 22.16 ? 32  PRO A N   1 
ATOM   153 C  CA  . PRO A 1 27  ? -13.195 4.473   -1.511  1.00 22.27 ? 32  PRO A CA  1 
ATOM   154 C  C   . PRO A 1 27  ? -12.412 3.921   -0.307  1.00 23.78 ? 32  PRO A C   1 
ATOM   155 O  O   . PRO A 1 27  ? -11.960 4.733   0.502   1.00 24.38 ? 32  PRO A O   1 
ATOM   156 C  CB  . PRO A 1 27  ? -14.695 4.259   -1.319  1.00 23.63 ? 32  PRO A CB  1 
ATOM   157 C  CG  . PRO A 1 27  ? -15.231 4.339   -2.711  1.00 24.23 ? 32  PRO A CG  1 
ATOM   158 C  CD  . PRO A 1 27  ? -14.207 3.664   -3.571  1.00 24.51 ? 32  PRO A CD  1 
ATOM   159 N  N   . LEU A 1 28  ? -12.260 2.605   -0.168  1.00 22.64 ? 33  LEU A N   1 
ATOM   160 C  CA  . LEU A 1 28  ? -11.557 2.084   1.006   1.00 24.69 ? 33  LEU A CA  1 
ATOM   161 C  C   . LEU A 1 28  ? -10.082 2.456   0.986   1.00 22.11 ? 33  LEU A C   1 
ATOM   162 O  O   . LEU A 1 28  ? -9.539  2.926   1.986   1.00 23.17 ? 33  LEU A O   1 
ATOM   163 C  CB  . LEU A 1 28  ? -11.720 0.569   1.162   1.00 26.59 ? 33  LEU A CB  1 
ATOM   164 C  CG  . LEU A 1 28  ? -10.954 -0.043  2.343   1.00 27.11 ? 33  LEU A CG  1 
ATOM   165 C  CD1 . LEU A 1 28  ? -11.324 0.612   3.676   1.00 25.18 ? 33  LEU A CD1 1 
ATOM   166 C  CD2 . LEU A 1 28  ? -11.198 -1.542  2.415   1.00 29.84 ? 33  LEU A CD2 1 
ATOM   167 N  N   . LEU A 1 29  ? -9.438  2.246   -0.152  1.00 21.69 ? 34  LEU A N   1 
ATOM   168 C  CA  . LEU A 1 29  ? -8.037  2.612   -0.276  1.00 20.76 ? 34  LEU A CA  1 
ATOM   169 C  C   . LEU A 1 29  ? -7.856  4.105   0.002   1.00 21.45 ? 34  LEU A C   1 
ATOM   170 O  O   . LEU A 1 29  ? -6.956  4.503   0.743   1.00 22.06 ? 34  LEU A O   1 
ATOM   171 C  CB  . LEU A 1 29  ? -7.501  2.243   -1.662  1.00 20.62 ? 34  LEU A CB  1 
ATOM   172 C  CG  . LEU A 1 29  ? -6.052  2.649   -1.929  1.00 20.63 ? 34  LEU A CG  1 
ATOM   173 C  CD1 . LEU A 1 29  ? -5.125  2.055   -0.880  1.00 22.86 ? 34  LEU A CD1 1 
ATOM   174 C  CD2 . LEU A 1 29  ? -5.630  2.207   -3.323  1.00 21.33 ? 34  LEU A CD2 1 
ATOM   175 N  N   . LEU A 1 30  ? -8.736  4.922   -0.567  1.00 22.93 ? 35  LEU A N   1 
ATOM   176 C  CA  . LEU A 1 30  ? -8.656  6.372   -0.384  1.00 22.83 ? 35  LEU A CA  1 
ATOM   177 C  C   . LEU A 1 30  ? -8.782  6.771   1.088   1.00 23.42 ? 35  LEU A C   1 
ATOM   178 O  O   . LEU A 1 30  ? -8.068  7.636   1.567   1.00 25.12 ? 35  LEU A O   1 
ATOM   179 C  CB  . LEU A 1 30  ? -9.723  7.082   -1.221  1.00 22.24 ? 35  LEU A CB  1 
ATOM   180 C  CG  . LEU A 1 30  ? -9.580  8.602   -1.339  1.00 22.88 ? 35  LEU A CG  1 
ATOM   181 C  CD1 . LEU A 1 30  ? -8.245  8.963   -1.993  1.00 23.02 ? 35  LEU A CD1 1 
ATOM   182 C  CD2 . LEU A 1 30  ? -10.728 9.197   -2.127  1.00 23.89 ? 35  LEU A CD2 1 
ATOM   183 N  N   . LYS A 1 31  ? -9.694  6.128   1.811   1.00 24.45 ? 36  LYS A N   1 
ATOM   184 C  CA  . LYS A 1 31  ? -9.859  6.396   3.236   1.00 24.83 ? 36  LYS A CA  1 
ATOM   185 C  C   . LYS A 1 31  ? -8.586  6.129   4.022   1.00 24.02 ? 36  LYS A C   1 
ATOM   186 O  O   . LYS A 1 31  ? -8.198  6.913   4.877   1.00 26.23 ? 36  LYS A O   1 
ATOM   187 C  CB  . LYS A 1 31  ? -11.032 5.598   3.798   1.00 25.41 ? 36  LYS A CB  1 
ATOM   188 C  CG  . LYS A 1 31  ? -11.232 5.752   5.310   1.00 29.99 ? 36  LYS A CG  1 
ATOM   189 C  CD  . LYS A 1 31  ? -12.136 6.900   5.662   1.00 35.25 ? 36  LYS A CD  1 
ATOM   190 N  N   . LEU A 1 32  ? -7.941  5.009   3.728   1.00 23.73 ? 37  LEU A N   1 
ATOM   191 C  CA  . LEU A 1 32  ? -6.718  4.624   4.429   1.00 23.35 ? 37  LEU A CA  1 
ATOM   192 C  C   . LEU A 1 32  ? -5.638  5.676   4.245   1.00 24.02 ? 37  LEU A C   1 
ATOM   193 O  O   . LEU A 1 32  ? -4.967  6.063   5.201   1.00 26.73 ? 37  LEU A O   1 
ATOM   194 C  CB  . LEU A 1 32  ? -6.203  3.248   3.957   1.00 22.97 ? 37  LEU A CB  1 
ATOM   195 C  CG  . LEU A 1 32  ? -7.095  2.028   4.188   1.00 25.78 ? 37  LEU A CG  1 
ATOM   196 C  CD1 . LEU A 1 32  ? -6.277  0.756   4.038   1.00 27.10 ? 37  LEU A CD1 1 
ATOM   197 C  CD2 . LEU A 1 32  ? -7.735  2.097   5.553   1.00 28.00 ? 37  LEU A CD2 1 
ATOM   198 N  N   . LEU A 1 33  ? -5.502  6.158   3.016   1.00 22.74 ? 38  LEU A N   1 
ATOM   199 C  CA  . LEU A 1 33  ? -4.481  7.150   2.706   1.00 24.47 ? 38  LEU A CA  1 
ATOM   200 C  C   . LEU A 1 33  ? -4.769  8.481   3.403   1.00 26.74 ? 38  LEU A C   1 
ATOM   201 O  O   . LEU A 1 33  ? -3.865  9.116   3.950   1.00 26.89 ? 38  LEU A O   1 
ATOM   202 C  CB  . LEU A 1 33  ? -4.369  7.348   1.192   1.00 24.38 ? 38  LEU A CB  1 
ATOM   203 C  CG  . LEU A 1 33  ? -4.206  6.111   0.295   1.00 25.25 ? 38  LEU A CG  1 
ATOM   204 C  CD1 . LEU A 1 33  ? -3.893  6.543   -1.126  1.00 25.32 ? 38  LEU A CD1 1 
ATOM   205 C  CD2 . LEU A 1 33  ? -3.157  5.130   0.795   1.00 24.88 ? 38  LEU A CD2 1 
ATOM   206 N  N   . LYS A 1 34  ? -6.031  8.899   3.392   1.00 28.24 ? 39  LYS A N   1 
ATOM   207 C  CA  . LYS A 1 34  ? -6.399  10.172  3.997   1.00 29.30 ? 39  LYS A CA  1 
ATOM   208 C  C   . LYS A 1 34  ? -6.235  10.164  5.518   1.00 32.04 ? 39  LYS A C   1 
ATOM   209 O  O   . LYS A 1 34  ? -6.020  11.212  6.129   1.00 33.49 ? 39  LYS A O   1 
ATOM   210 C  CB  . LYS A 1 34  ? -7.818  10.585  3.590   1.00 31.46 ? 39  LYS A CB  1 
ATOM   211 C  CG  . LYS A 1 34  ? -7.957  10.832  2.095   1.00 32.75 ? 39  LYS A CG  1 
ATOM   212 C  CD  . LYS A 1 34  ? -9.079  11.803  1.778   1.00 35.17 ? 39  LYS A CD  1 
ATOM   213 C  CE  . LYS A 1 34  ? -9.171  12.066  0.278   1.00 35.56 ? 39  LYS A CE  1 
ATOM   214 N  NZ  . LYS A 1 34  ? -10.246 13.043  -0.050  1.00 38.41 ? 39  LYS A NZ  1 
ATOM   215 N  N   . SER A 1 35  ? -6.313  8.980   6.120   1.00 30.70 ? 40  SER A N   1 
ATOM   216 C  CA  . SER A 1 35  ? -6.176  8.849   7.570   1.00 33.57 ? 40  SER A CA  1 
ATOM   217 C  C   . SER A 1 35  ? -4.759  9.164   8.049   1.00 34.58 ? 40  SER A C   1 
ATOM   218 O  O   . SER A 1 35  ? -4.543  9.457   9.228   1.00 37.90 ? 40  SER A O   1 
ATOM   219 C  CB  . SER A 1 35  ? -6.570  7.443   8.024   1.00 34.15 ? 40  SER A CB  1 
ATOM   220 O  OG  . SER A 1 35  ? -5.572  6.503   7.670   1.00 34.75 ? 40  SER A OG  1 
ATOM   221 N  N   . VAL A 1 36  ? -3.793  9.091   7.140   1.00 32.39 ? 41  VAL A N   1 
ATOM   222 C  CA  . VAL A 1 36  ? -2.418  9.444   7.477   1.00 32.43 ? 41  VAL A CA  1 
ATOM   223 C  C   . VAL A 1 36  ? -1.951  10.703  6.749   1.00 33.94 ? 41  VAL A C   1 
ATOM   224 O  O   . VAL A 1 36  ? -0.754  10.898  6.529   1.00 34.86 ? 41  VAL A O   1 
ATOM   225 C  CB  . VAL A 1 36  ? -1.435  8.271   7.243   1.00 31.26 ? 41  VAL A CB  1 
ATOM   226 C  CG1 . VAL A 1 36  ? -1.707  7.157   8.246   1.00 30.11 ? 41  VAL A CG1 1 
ATOM   227 C  CG2 . VAL A 1 36  ? -1.530  7.758   5.816   1.00 29.27 ? 41  VAL A CG2 1 
ATOM   228 N  N   . GLY A 1 37  ? -2.905  11.550  6.373   1.00 34.91 ? 42  GLY A N   1 
ATOM   229 C  CA  . GLY A 1 37  ? -2.587  12.889  5.910   1.00 36.23 ? 42  GLY A CA  1 
ATOM   230 C  C   . GLY A 1 37  ? -2.687  13.181  4.424   1.00 34.73 ? 42  GLY A C   1 
ATOM   231 O  O   . GLY A 1 37  ? -2.437  14.314  4.009   1.00 37.03 ? 42  GLY A O   1 
ATOM   232 N  N   . ALA A 1 38  ? -3.045  12.186  3.617   1.00 31.13 ? 43  ALA A N   1 
ATOM   233 C  CA  . ALA A 1 38  ? -3.195  12.417  2.181   1.00 30.57 ? 43  ALA A CA  1 
ATOM   234 C  C   . ALA A 1 38  ? -4.368  13.357  1.912   1.00 33.11 ? 43  ALA A C   1 
ATOM   235 O  O   . ALA A 1 38  ? -5.398  13.279  2.583   1.00 33.59 ? 43  ALA A O   1 
ATOM   236 C  CB  . ALA A 1 38  ? -3.371  11.103  1.438   1.00 28.74 ? 43  ALA A CB  1 
ATOM   237 N  N   . GLN A 1 39  ? -4.214  14.253  0.942   1.00 35.77 ? 44  GLN A N   1 
ATOM   238 C  CA  . GLN A 1 39  ? -5.223  15.285  0.708   1.00 39.32 ? 44  GLN A CA  1 
ATOM   239 C  C   . GLN A 1 39  ? -5.783  15.313  -0.719  1.00 41.36 ? 44  GLN A C   1 
ATOM   240 O  O   . GLN A 1 39  ? -6.463  16.264  -1.100  1.00 44.31 ? 44  GLN A O   1 
ATOM   241 C  CB  . GLN A 1 39  ? -4.663  16.665  1.071   1.00 40.94 ? 44  GLN A CB  1 
ATOM   242 N  N   . LYS A 1 40  ? -5.515  14.272  -1.504  1.00 39.69 ? 45  LYS A N   1 
ATOM   243 C  CA  . LYS A 1 40  ? -5.926  14.270  -2.908  1.00 38.60 ? 45  LYS A CA  1 
ATOM   244 C  C   . LYS A 1 40  ? -6.693  13.012  -3.319  1.00 34.49 ? 45  LYS A C   1 
ATOM   245 O  O   . LYS A 1 40  ? -6.832  12.072  -2.534  1.00 35.19 ? 45  LYS A O   1 
ATOM   246 C  CB  . LYS A 1 40  ? -4.699  14.448  -3.801  1.00 40.66 ? 45  LYS A CB  1 
ATOM   247 C  CG  . LYS A 1 40  ? -3.473  13.779  -3.224  1.00 42.20 ? 45  LYS A CG  1 
ATOM   248 C  CD  . LYS A 1 40  ? -2.342  13.681  -4.220  1.00 44.98 ? 45  LYS A CD  1 
ATOM   249 C  CE  . LYS A 1 40  ? -1.361  14.827  -4.055  1.00 47.04 ? 45  LYS A CE  1 
ATOM   250 N  NZ  . LYS A 1 40  ? -0.014  14.442  -4.566  1.00 46.99 ? 45  LYS A NZ  1 
ATOM   251 N  N   . ASP A 1 41  ? -7.187  13.009  -4.556  1.00 32.19 ? 46  ASP A N   1 
ATOM   252 C  CA  . ASP A 1 41  ? -7.915  11.865  -5.098  1.00 32.41 ? 46  ASP A CA  1 
ATOM   253 C  C   . ASP A 1 41  ? -7.091  11.071  -6.108  1.00 28.55 ? 46  ASP A C   1 
ATOM   254 O  O   . ASP A 1 41  ? -7.408  9.920   -6.402  1.00 28.05 ? 46  ASP A O   1 
ATOM   255 C  CB  . ASP A 1 41  ? -9.218  12.314  -5.766  1.00 36.25 ? 46  ASP A CB  1 
ATOM   256 C  CG  . ASP A 1 41  ? -10.226 12.856  -4.777  1.00 42.58 ? 46  ASP A CG  1 
ATOM   257 O  OD1 . ASP A 1 41  ? -10.107 12.549  -3.569  1.00 42.27 ? 46  ASP A OD1 1 
ATOM   258 O  OD2 . ASP A 1 41  ? -11.145 13.582  -5.212  1.00 46.81 ? 46  ASP A OD2 1 
ATOM   259 N  N   . THR A 1 42  ? -6.043  11.689  -6.645  1.00 27.04 ? 47  THR A N   1 
ATOM   260 C  CA  . THR A 1 42  ? -5.197  11.036  -7.642  1.00 27.33 ? 47  THR A CA  1 
ATOM   261 C  C   . THR A 1 42  ? -3.746  11.008  -7.170  1.00 25.87 ? 47  THR A C   1 
ATOM   262 O  O   . THR A 1 42  ? -3.242  12.004  -6.653  1.00 26.84 ? 47  THR A O   1 
ATOM   263 C  CB  . THR A 1 42  ? -5.292  11.754  -8.997  1.00 29.58 ? 47  THR A CB  1 
ATOM   264 O  OG1 . THR A 1 42  ? -6.665  11.808  -9.409  1.00 31.95 ? 47  THR A OG1 1 
ATOM   265 C  CG2 . THR A 1 42  ? -4.463  11.032  -10.061 1.00 30.53 ? 47  THR A CG2 1 
ATOM   266 N  N   . TYR A 1 43  ? -3.088  9.864   -7.346  1.00 22.61 ? 48  TYR A N   1 
ATOM   267 C  CA  . TYR A 1 43  ? -1.749  9.631   -6.813  1.00 23.99 ? 48  TYR A CA  1 
ATOM   268 C  C   . TYR A 1 43  ? -0.900  8.866   -7.813  1.00 21.84 ? 48  TYR A C   1 
ATOM   269 O  O   . TYR A 1 43  ? -1.429  8.230   -8.720  1.00 21.09 ? 48  TYR A O   1 
ATOM   270 C  CB  . TYR A 1 43  ? -1.840  8.778   -5.544  1.00 24.66 ? 48  TYR A CB  1 
ATOM   271 C  CG  . TYR A 1 43  ? -2.660  9.389   -4.436  1.00 26.37 ? 48  TYR A CG  1 
ATOM   272 C  CD1 . TYR A 1 43  ? -2.044  10.071  -3.398  1.00 29.95 ? 48  TYR A CD1 1 
ATOM   273 C  CD2 . TYR A 1 43  ? -4.046  9.287   -4.426  1.00 27.39 ? 48  TYR A CD2 1 
ATOM   274 C  CE1 . TYR A 1 43  ? -2.778  10.634  -2.380  1.00 31.38 ? 48  TYR A CE1 1 
ATOM   275 C  CE2 . TYR A 1 43  ? -4.795  9.856   -3.414  1.00 28.37 ? 48  TYR A CE2 1 
ATOM   276 C  CZ  . TYR A 1 43  ? -4.154  10.529  -2.394  1.00 31.23 ? 48  TYR A CZ  1 
ATOM   277 O  OH  . TYR A 1 43  ? -4.881  11.102  -1.376  1.00 33.58 ? 48  TYR A OH  1 
ATOM   278 N  N   . THR A 1 44  ? 0.420   8.921   -7.637  1.00 21.70 ? 49  THR A N   1 
ATOM   279 C  CA  . THR A 1 44  ? 1.303   7.955   -8.288  1.00 21.27 ? 49  THR A CA  1 
ATOM   280 C  C   . THR A 1 44  ? 1.382   6.724   -7.396  1.00 21.08 ? 49  THR A C   1 
ATOM   281 O  O   . THR A 1 44  ? 1.149   6.820   -6.191  1.00 20.95 ? 49  THR A O   1 
ATOM   282 C  CB  . THR A 1 44  ? 2.732   8.507   -8.486  1.00 22.90 ? 49  THR A CB  1 
ATOM   283 O  OG1 . THR A 1 44  ? 3.320   8.782   -7.207  1.00 24.90 ? 49  THR A OG1 1 
ATOM   284 C  CG2 . THR A 1 44  ? 2.704   9.779   -9.318  1.00 25.60 ? 49  THR A CG2 1 
ATOM   285 N  N   . MET A 1 45  ? 1.697   5.568   -7.974  1.00 20.33 ? 50  MET A N   1 
ATOM   286 C  CA  . MET A 1 45  ? 1.822   4.345   -7.178  1.00 18.51 ? 50  MET A CA  1 
ATOM   287 C  C   . MET A 1 45  ? 2.846   4.461   -6.040  1.00 18.20 ? 50  MET A C   1 
ATOM   288 O  O   . MET A 1 45  ? 2.598   3.989   -4.934  1.00 18.75 ? 50  MET A O   1 
ATOM   289 C  CB  . MET A 1 45  ? 2.101   3.122   -8.061  1.00 17.48 ? 50  MET A CB  1 
ATOM   290 C  CG  . MET A 1 45  ? 0.873   2.623   -8.827  1.00 15.75 ? 50  MET A CG  1 
ATOM   291 S  SD  . MET A 1 45  ? -0.423  1.960   -7.747  1.00 20.05 ? 50  MET A SD  1 
ATOM   292 C  CE  . MET A 1 45  ? 0.314   0.424   -7.213  1.00 20.06 ? 50  MET A CE  1 
ATOM   293 N  N   . LYS A 1 46  ? 3.983   5.116   -6.280  1.00 18.11 ? 51  LYS A N   1 
ATOM   294 C  CA  A LYS A 1 46  ? 4.994   5.245   -5.236  0.37 18.83 ? 51  LYS A CA  1 
ATOM   295 C  CA  B LYS A 1 46  ? 4.987   5.227   -5.228  0.63 18.18 ? 51  LYS A CA  1 
ATOM   296 C  C   . LYS A 1 46  ? 4.466   6.043   -4.038  1.00 19.72 ? 51  LYS A C   1 
ATOM   297 O  O   . LYS A 1 46  ? 4.891   5.828   -2.900  1.00 20.01 ? 51  LYS A O   1 
ATOM   298 C  CB  A LYS A 1 46  ? 6.291   5.852   -5.787  0.37 20.92 ? 51  LYS A CB  1 
ATOM   299 C  CB  B LYS A 1 46  ? 6.306   5.785   -5.770  0.63 20.62 ? 51  LYS A CB  1 
ATOM   300 C  CG  A LYS A 1 46  ? 6.168   7.280   -6.289  0.37 21.83 ? 51  LYS A CG  1 
ATOM   301 C  CG  B LYS A 1 46  ? 6.198   7.173   -6.354  0.63 21.78 ? 51  LYS A CG  1 
ATOM   302 C  CD  A LYS A 1 46  ? 7.509   7.791   -6.801  0.37 22.87 ? 51  LYS A CD  1 
ATOM   303 C  CD  B LYS A 1 46  ? 7.529   7.629   -6.920  0.63 22.47 ? 51  LYS A CD  1 
ATOM   304 C  CE  A LYS A 1 46  ? 7.481   9.295   -6.997  0.37 24.52 ? 51  LYS A CE  1 
ATOM   305 C  CE  B LYS A 1 46  ? 7.507   9.120   -7.157  0.63 24.39 ? 51  LYS A CE  1 
ATOM   306 N  NZ  A LYS A 1 46  ? 6.463   9.706   -8.002  0.37 24.73 ? 51  LYS A NZ  1 
ATOM   307 N  NZ  B LYS A 1 46  ? 8.769   9.592   -7.779  0.63 25.30 ? 51  LYS A NZ  1 
ATOM   308 N  N   . GLU A 1 47  ? 3.534   6.961   -4.300  1.00 19.45 ? 52  GLU A N   1 
ATOM   309 C  CA  . GLU A 1 47  ? 2.881   7.736   -3.241  1.00 20.84 ? 52  GLU A CA  1 
ATOM   310 C  C   . GLU A 1 47  ? 1.915   6.846   -2.470  1.00 19.96 ? 52  GLU A C   1 
ATOM   311 O  O   . GLU A 1 47  ? 1.840   6.914   -1.239  1.00 19.37 ? 52  GLU A O   1 
ATOM   312 C  CB  . GLU A 1 47  ? 2.101   8.918   -3.819  1.00 24.32 ? 52  GLU A CB  1 
ATOM   313 C  CG  . GLU A 1 47  ? 2.931   10.100  -4.294  1.00 30.48 ? 52  GLU A CG  1 
ATOM   314 C  CD  . GLU A 1 47  ? 2.053   11.284  -4.642  1.00 36.24 ? 52  GLU A CD  1 
ATOM   315 O  OE1 . GLU A 1 47  ? 1.147   11.128  -5.488  1.00 36.97 ? 52  GLU A OE1 1 
ATOM   316 O  OE2 . GLU A 1 47  ? 2.247   12.368  -4.050  1.00 40.24 ? 52  GLU A OE2 1 
ATOM   317 N  N   . VAL A 1 48  ? 1.161   6.028   -3.199  1.00 18.97 ? 53  VAL A N   1 
ATOM   318 C  CA  . VAL A 1 48  ? 0.258   5.076   -2.562  1.00 18.17 ? 53  VAL A CA  1 
ATOM   319 C  C   . VAL A 1 48  ? 1.040   4.140   -1.638  1.00 19.47 ? 53  VAL A C   1 
ATOM   320 O  O   . VAL A 1 48  ? 0.625   3.891   -0.504  1.00 20.72 ? 53  VAL A O   1 
ATOM   321 C  CB  . VAL A 1 48  ? -0.562  4.270   -3.595  1.00 18.04 ? 53  VAL A CB  1 
ATOM   322 C  CG1 . VAL A 1 48  ? -1.436  3.234   -2.885  1.00 18.56 ? 53  VAL A CG1 1 
ATOM   323 C  CG2 . VAL A 1 48  ? -1.426  5.208   -4.424  1.00 19.33 ? 53  VAL A CG2 1 
ATOM   324 N  N   . LEU A 1 49  ? 2.181   3.637   -2.109  1.00 18.17 ? 54  LEU A N   1 
ATOM   325 C  CA  . LEU A 1 49  ? 3.007   2.761   -1.285  1.00 18.48 ? 54  LEU A CA  1 
ATOM   326 C  C   . LEU A 1 49  ? 3.517   3.471   -0.024  1.00 20.79 ? 54  LEU A C   1 
ATOM   327 O  O   . LEU A 1 49  ? 3.547   2.872   1.052   1.00 21.73 ? 54  LEU A O   1 
ATOM   328 C  CB  . LEU A 1 49  ? 4.169   2.157   -2.093  1.00 18.63 ? 54  LEU A CB  1 
ATOM   329 C  CG  . LEU A 1 49  ? 3.885   0.836   -2.822  1.00 18.46 ? 54  LEU A CG  1 
ATOM   330 C  CD1 . LEU A 1 49  ? 3.559   -0.289  -1.836  1.00 19.33 ? 54  LEU A CD1 1 
ATOM   331 C  CD2 . LEU A 1 49  ? 2.773   0.989   -3.855  1.00 19.14 ? 54  LEU A CD2 1 
ATOM   332 N  N   . PHE A 1 50  ? 3.906   4.743   -0.150  1.00 18.33 ? 55  PHE A N   1 
ATOM   333 C  CA  . PHE A 1 50  ? 4.329   5.519   1.019   1.00 19.36 ? 55  PHE A CA  1 
ATOM   334 C  C   . PHE A 1 50  ? 3.218   5.625   2.061   1.00 20.70 ? 55  PHE A C   1 
ATOM   335 O  O   . PHE A 1 50  ? 3.436   5.338   3.241   1.00 21.60 ? 55  PHE A O   1 
ATOM   336 C  CB  . PHE A 1 50  ? 4.794   6.932   0.637   1.00 19.77 ? 55  PHE A CB  1 
ATOM   337 C  CG  . PHE A 1 50  ? 4.984   7.849   1.824   1.00 20.74 ? 55  PHE A CG  1 
ATOM   338 C  CD1 . PHE A 1 50  ? 6.134   7.778   2.598   1.00 23.33 ? 55  PHE A CD1 1 
ATOM   339 C  CD2 . PHE A 1 50  ? 4.007   8.773   2.172   1.00 22.62 ? 55  PHE A CD2 1 
ATOM   340 C  CE1 . PHE A 1 50  ? 6.306   8.611   3.696   1.00 24.85 ? 55  PHE A CE1 1 
ATOM   341 C  CE2 . PHE A 1 50  ? 4.172   9.608   3.269   1.00 24.51 ? 55  PHE A CE2 1 
ATOM   342 C  CZ  . PHE A 1 50  ? 5.325   9.528   4.030   1.00 23.67 ? 55  PHE A CZ  1 
ATOM   343 N  N   . TYR A 1 51  ? 2.038   6.060   1.628   1.00 19.57 ? 56  TYR A N   1 
ATOM   344 C  CA  . TYR A 1 51  ? 0.940   6.288   2.555   1.00 20.79 ? 56  TYR A CA  1 
ATOM   345 C  C   . TYR A 1 51  ? 0.459   4.976   3.166   1.00 21.30 ? 56  TYR A C   1 
ATOM   346 O  O   . TYR A 1 51  ? 0.121   4.930   4.347   1.00 22.62 ? 56  TYR A O   1 
ATOM   347 C  CB  . TYR A 1 51  ? -0.215  7.037   1.883   1.00 21.89 ? 56  TYR A CB  1 
ATOM   348 C  CG  . TYR A 1 51  ? 0.020   8.521   1.705   1.00 25.59 ? 56  TYR A CG  1 
ATOM   349 C  CD1 . TYR A 1 51  ? 0.229   9.351   2.801   1.00 28.31 ? 56  TYR A CD1 1 
ATOM   350 C  CD2 . TYR A 1 51  ? 0.013   9.096   0.439   1.00 26.45 ? 56  TYR A CD2 1 
ATOM   351 C  CE1 . TYR A 1 51  ? 0.439   10.714  2.638   1.00 31.05 ? 56  TYR A CE1 1 
ATOM   352 C  CE2 . TYR A 1 51  ? 0.217   10.451  0.269   1.00 29.56 ? 56  TYR A CE2 1 
ATOM   353 C  CZ  . TYR A 1 51  ? 0.429   11.255  1.371   1.00 31.92 ? 56  TYR A CZ  1 
ATOM   354 O  OH  . TYR A 1 51  ? 0.632   12.608  1.198   1.00 35.56 ? 56  TYR A OH  1 
ATOM   355 N  N   . LEU A 1 52  ? 0.442   3.907   2.375   1.00 21.62 ? 57  LEU A N   1 
ATOM   356 C  CA  A LEU A 1 52  ? 0.055   2.598   2.896   0.69 21.90 ? 57  LEU A CA  1 
ATOM   357 C  CA  B LEU A 1 52  ? 0.042   2.608   2.900   0.31 21.98 ? 57  LEU A CA  1 
ATOM   358 C  C   . LEU A 1 52  ? 1.074   2.101   3.910   1.00 21.49 ? 57  LEU A C   1 
ATOM   359 O  O   . LEU A 1 52  ? 0.720   1.471   4.907   1.00 22.14 ? 57  LEU A O   1 
ATOM   360 C  CB  A LEU A 1 52  ? -0.112  1.574   1.772   0.69 22.29 ? 57  LEU A CB  1 
ATOM   361 C  CB  B LEU A 1 52  ? -0.174  1.604   1.764   0.31 22.10 ? 57  LEU A CB  1 
ATOM   362 C  CG  A LEU A 1 52  ? -1.422  1.605   0.989   0.69 21.85 ? 57  LEU A CG  1 
ATOM   363 C  CG  B LEU A 1 52  ? -1.222  0.518   2.014   0.31 23.12 ? 57  LEU A CG  1 
ATOM   364 C  CD1 A LEU A 1 52  ? -1.370  0.589   -0.138  0.69 23.34 ? 57  LEU A CD1 1 
ATOM   365 C  CD1 B LEU A 1 52  ? -2.464  1.111   2.667   0.31 21.76 ? 57  LEU A CD1 1 
ATOM   366 C  CD2 A LEU A 1 52  ? -2.620  1.324   1.904   0.69 21.06 ? 57  LEU A CD2 1 
ATOM   367 C  CD2 B LEU A 1 52  ? -1.591  -0.175  0.711   0.31 23.89 ? 57  LEU A CD2 1 
ATOM   368 N  N   . GLY A 1 53  ? 2.347   2.392   3.657   1.00 20.67 ? 58  GLY A N   1 
ATOM   369 C  CA  . GLY A 1 53  ? 3.385   2.083   4.617   1.00 21.58 ? 58  GLY A CA  1 
ATOM   370 C  C   . GLY A 1 53  ? 3.141   2.842   5.913   1.00 22.49 ? 58  GLY A C   1 
ATOM   371 O  O   . GLY A 1 53  ? 3.271   2.282   6.997   1.00 22.76 ? 58  GLY A O   1 
ATOM   372 N  N   . GLN A 1 54  ? 2.779   4.118   5.805   1.00 21.67 ? 59  GLN A N   1 
ATOM   373 C  CA  . GLN A 1 54  ? 2.512   4.936   6.991   1.00 22.69 ? 59  GLN A CA  1 
ATOM   374 C  C   . GLN A 1 54  ? 1.305   4.416   7.756   1.00 23.73 ? 59  GLN A C   1 
ATOM   375 O  O   . GLN A 1 54  ? 1.287   4.420   8.984   1.00 25.06 ? 59  GLN A O   1 
ATOM   376 C  CB  . GLN A 1 54  ? 2.286   6.399   6.606   1.00 23.94 ? 59  GLN A CB  1 
ATOM   377 C  CG  . GLN A 1 54  ? 3.523   7.082   6.063   1.00 23.49 ? 59  GLN A CG  1 
ATOM   378 C  CD  . GLN A 1 54  ? 4.672   7.061   7.045   1.00 25.11 ? 59  GLN A CD  1 
ATOM   379 O  OE1 . GLN A 1 54  ? 5.695   6.414   6.807   1.00 29.19 ? 59  GLN A OE1 1 
ATOM   380 N  NE2 . GLN A 1 54  ? 4.525   7.784   8.142   1.00 22.80 ? 59  GLN A NE2 1 
ATOM   381 N  N   . TYR A 1 55  ? 0.298   3.981   7.008   1.00 21.97 ? 60  TYR A N   1 
ATOM   382 C  CA  . TYR A 1 55  ? -0.890  3.389   7.591   1.00 23.06 ? 60  TYR A CA  1 
ATOM   383 C  C   . TYR A 1 55  ? -0.521  2.131   8.379   1.00 23.80 ? 60  TYR A C   1 
ATOM   384 O  O   . TYR A 1 55  ? -0.931  1.967   9.525   1.00 24.47 ? 60  TYR A O   1 
ATOM   385 C  CB  . TYR A 1 55  ? -1.911  3.061   6.502   1.00 19.97 ? 60  TYR A CB  1 
ATOM   386 C  CG  . TYR A 1 55  ? -3.100  2.324   7.049   1.00 21.85 ? 60  TYR A CG  1 
ATOM   387 C  CD1 . TYR A 1 55  ? -4.130  3.013   7.664   1.00 23.28 ? 60  TYR A CD1 1 
ATOM   388 C  CD2 . TYR A 1 55  ? -3.178  0.941   6.975   1.00 23.75 ? 60  TYR A CD2 1 
ATOM   389 C  CE1 . TYR A 1 55  ? -5.216  2.349   8.188   1.00 24.82 ? 60  TYR A CE1 1 
ATOM   390 C  CE2 . TYR A 1 55  ? -4.266  0.265   7.496   1.00 24.98 ? 60  TYR A CE2 1 
ATOM   391 C  CZ  . TYR A 1 55  ? -5.280  0.976   8.100   1.00 27.10 ? 60  TYR A CZ  1 
ATOM   392 O  OH  . TYR A 1 55  ? -6.367  0.317   8.622   1.00 29.25 ? 60  TYR A OH  1 
ATOM   393 N  N   . ILE A 1 56  ? 0.270   1.260   7.759   1.00 23.85 ? 61  ILE A N   1 
ATOM   394 C  CA  . ILE A 1 56  ? 0.714   0.022   8.396   1.00 23.00 ? 61  ILE A CA  1 
ATOM   395 C  C   . ILE A 1 56  ? 1.456   0.277   9.715   1.00 24.86 ? 61  ILE A C   1 
ATOM   396 O  O   . ILE A 1 56  ? 1.225   -0.401  10.716  1.00 25.41 ? 61  ILE A O   1 
ATOM   397 C  CB  . ILE A 1 56  ? 1.596   -0.807  7.434   1.00 23.82 ? 61  ILE A CB  1 
ATOM   398 C  CG1 . ILE A 1 56  ? 0.737   -1.446  6.337   1.00 22.92 ? 61  ILE A CG1 1 
ATOM   399 C  CG2 . ILE A 1 56  ? 2.381   -1.869  8.190   1.00 24.64 ? 61  ILE A CG2 1 
ATOM   400 C  CD1 . ILE A 1 56  ? 1.544   -2.104  5.216   1.00 21.99 ? 61  ILE A CD1 1 
ATOM   401 N  N   . MET A 1 57  ? 2.348   1.261   9.717   1.00 24.33 ? 62  MET A N   1 
ATOM   402 C  CA  A MET A 1 57  ? 3.108   1.524   10.923  0.58 26.22 ? 62  MET A CA  1 
ATOM   403 C  CA  B MET A 1 57  ? 3.127   1.647   10.898  0.42 26.15 ? 62  MET A CA  1 
ATOM   404 C  C   . MET A 1 57  ? 2.258   2.219   11.995  1.00 28.70 ? 62  MET A C   1 
ATOM   405 O  O   . MET A 1 57  ? 2.421   1.927   13.181  1.00 31.04 ? 62  MET A O   1 
ATOM   406 C  CB  A MET A 1 57  ? 4.417   2.259   10.596  0.58 25.48 ? 62  MET A CB  1 
ATOM   407 C  CB  B MET A 1 57  ? 4.108   2.751   10.525  0.42 25.32 ? 62  MET A CB  1 
ATOM   408 C  CG  A MET A 1 57  ? 5.358   1.405   9.732   0.58 25.04 ? 62  MET A CG  1 
ATOM   409 C  CG  B MET A 1 57  ? 5.072   2.385   9.459   0.42 24.76 ? 62  MET A CG  1 
ATOM   410 S  SD  A MET A 1 57  ? 6.829   2.239   9.093   0.58 24.98 ? 62  MET A SD  1 
ATOM   411 S  SD  B MET A 1 57  ? 6.331   1.292   10.082  0.42 27.19 ? 62  MET A SD  1 
ATOM   412 C  CE  A MET A 1 57  ? 6.071   3.589   8.198   0.58 30.91 ? 62  MET A CE  1 
ATOM   413 C  CE  B MET A 1 57  ? 7.608   1.721   8.919   0.42 23.44 ? 62  MET A CE  1 
ATOM   414 N  N   . THR A 1 58  ? 1.347   3.092   11.580  1.00 29.29 ? 63  THR A N   1 
ATOM   415 C  CA  . THR A 1 58  ? 0.487   3.807   12.508  1.00 31.15 ? 63  THR A CA  1 
ATOM   416 C  C   . THR A 1 58  ? -0.473  2.834   13.186  1.00 29.83 ? 63  THR A C   1 
ATOM   417 O  O   . THR A 1 58  ? -0.749  2.954   14.381  1.00 33.38 ? 63  THR A O   1 
ATOM   418 C  CB  . THR A 1 58  ? -0.285  4.941   11.793  1.00 33.02 ? 63  THR A CB  1 
ATOM   419 O  OG1 . THR A 1 58  ? 0.653   5.886   11.259  1.00 35.20 ? 63  THR A OG1 1 
ATOM   420 C  CG2 . THR A 1 58  ? -1.215  5.658   12.751  1.00 35.78 ? 63  THR A CG2 1 
ATOM   421 N  N   . LYS A 1 59  ? -0.955  1.854   12.425  1.00 27.81 ? 64  LYS A N   1 
ATOM   422 C  CA  . LYS A 1 59  ? -1.876  0.851   12.961  1.00 30.59 ? 64  LYS A CA  1 
ATOM   423 C  C   . LYS A 1 59  ? -1.171  -0.305  13.671  1.00 31.59 ? 64  LYS A C   1 
ATOM   424 O  O   . LYS A 1 59  ? -1.831  -1.231  14.152  1.00 33.16 ? 64  LYS A O   1 
ATOM   425 C  CB  . LYS A 1 59  ? -2.784  0.297   11.860  1.00 31.86 ? 64  LYS A CB  1 
ATOM   426 C  CG  . LYS A 1 59  ? -3.584  1.350   11.117  1.00 35.21 ? 64  LYS A CG  1 
ATOM   427 C  CD  . LYS A 1 59  ? -4.487  2.144   12.040  1.00 40.90 ? 64  LYS A CD  1 
ATOM   428 C  CE  . LYS A 1 59  ? -5.578  1.269   12.615  1.00 45.24 ? 64  LYS A CE  1 
ATOM   429 N  NZ  . LYS A 1 59  ? -6.700  2.081   13.169  1.00 49.63 ? 64  LYS A NZ  1 
ATOM   430 N  N   . ARG A 1 60  ? 0.157   -0.247  13.739  1.00 30.74 ? 65  ARG A N   1 
ATOM   431 C  CA  . ARG A 1 60  ? 0.954   -1.244  14.459  1.00 34.03 ? 65  ARG A CA  1 
ATOM   432 C  C   . ARG A 1 60  ? 0.849   -2.640  13.854  1.00 32.25 ? 65  ARG A C   1 
ATOM   433 O  O   . ARG A 1 60  ? 0.834   -3.638  14.577  1.00 33.50 ? 65  ARG A O   1 
ATOM   434 C  CB  . ARG A 1 60  ? 0.569   -1.284  15.940  1.00 41.09 ? 65  ARG A CB  1 
ATOM   435 C  CG  . ARG A 1 60  ? 0.818   0.018   16.661  1.00 45.53 ? 65  ARG A CG  1 
ATOM   436 C  CD  . ARG A 1 60  ? 2.290   0.180   16.965  1.00 50.13 ? 65  ARG A CD  1 
ATOM   437 N  NE  . ARG A 1 60  ? 2.591   -0.201  18.342  1.00 57.55 ? 65  ARG A NE  1 
ATOM   438 C  CZ  . ARG A 1 60  ? 3.818   -0.408  18.803  1.00 61.40 ? 65  ARG A CZ  1 
ATOM   439 N  NH1 . ARG A 1 60  ? 4.858   -0.284  17.992  1.00 61.19 ? 65  ARG A NH1 1 
ATOM   440 N  NH2 . ARG A 1 60  ? 4.005   -0.748  20.071  1.00 65.16 ? 65  ARG A NH2 1 
ATOM   441 N  N   . LEU A 1 61  ? 0.779   -2.705  12.530  1.00 27.53 ? 66  LEU A N   1 
ATOM   442 C  CA  . LEU A 1 61  ? 0.628   -3.973  11.825  1.00 28.91 ? 66  LEU A CA  1 
ATOM   443 C  C   . LEU A 1 61  ? 1.963   -4.629  11.462  1.00 28.85 ? 66  LEU A C   1 
ATOM   444 O  O   . LEU A 1 61  ? 1.989   -5.733  10.915  1.00 29.05 ? 66  LEU A O   1 
ATOM   445 C  CB  . LEU A 1 61  ? -0.223  -3.777  10.566  1.00 27.96 ? 66  LEU A CB  1 
ATOM   446 C  CG  . LEU A 1 61  ? -1.617  -3.201  10.834  1.00 27.26 ? 66  LEU A CG  1 
ATOM   447 C  CD1 . LEU A 1 61  ? -2.435  -3.101  9.553   1.00 26.49 ? 66  LEU A CD1 1 
ATOM   448 C  CD2 . LEU A 1 61  ? -2.339  -4.032  11.881  1.00 29.63 ? 66  LEU A CD2 1 
ATOM   449 N  N   . TYR A 1 62  ? 3.071   -3.953  11.757  1.00 26.73 ? 67  TYR A N   1 
ATOM   450 C  CA  . TYR A 1 62  ? 4.389   -4.486  11.427  1.00 26.72 ? 67  TYR A CA  1 
ATOM   451 C  C   . TYR A 1 62  ? 5.396   -4.238  12.558  1.00 28.31 ? 67  TYR A C   1 
ATOM   452 O  O   . TYR A 1 62  ? 6.399   -3.552  12.376  1.00 27.91 ? 67  TYR A O   1 
ATOM   453 C  CB  . TYR A 1 62  ? 4.879   -3.883  10.105  1.00 25.56 ? 67  TYR A CB  1 
ATOM   454 C  CG  . TYR A 1 62  ? 6.127   -4.528  9.545   1.00 25.89 ? 67  TYR A CG  1 
ATOM   455 C  CD1 . TYR A 1 62  ? 6.224   -5.907  9.417   1.00 27.10 ? 67  TYR A CD1 1 
ATOM   456 C  CD2 . TYR A 1 62  ? 7.204   -3.755  9.128   1.00 27.92 ? 67  TYR A CD2 1 
ATOM   457 C  CE1 . TYR A 1 62  ? 7.364   -6.500  8.901   1.00 28.09 ? 67  TYR A CE1 1 
ATOM   458 C  CE2 . TYR A 1 62  ? 8.344   -4.338  8.612   1.00 27.38 ? 67  TYR A CE2 1 
ATOM   459 C  CZ  . TYR A 1 62  ? 8.422   -5.708  8.500   1.00 27.96 ? 67  TYR A CZ  1 
ATOM   460 O  OH  . TYR A 1 62  ? 9.561   -6.296  7.985   1.00 29.13 ? 67  TYR A OH  1 
ATOM   461 N  N   . ASP A 1 63  ? 5.117   -4.788  13.737  1.00 31.21 ? 68  ASP A N   1 
ATOM   462 C  CA  . ASP A 1 63  ? 5.991   -4.594  14.893  1.00 33.51 ? 68  ASP A CA  1 
ATOM   463 C  C   . ASP A 1 63  ? 7.210   -5.508  14.869  1.00 35.09 ? 68  ASP A C   1 
ATOM   464 O  O   . ASP A 1 63  ? 8.254   -5.163  15.418  1.00 38.78 ? 68  ASP A O   1 
ATOM   465 C  CB  . ASP A 1 63  ? 5.235   -4.828  16.207  1.00 34.44 ? 68  ASP A CB  1 
ATOM   466 C  CG  . ASP A 1 63  ? 4.312   -3.679  16.580  1.00 40.37 ? 68  ASP A CG  1 
ATOM   467 O  OD1 . ASP A 1 63  ? 4.413   -2.590  15.981  1.00 37.64 ? 68  ASP A OD1 1 
ATOM   468 O  OD2 . ASP A 1 63  ? 3.482   -3.868  17.494  1.00 43.90 ? 68  ASP A OD2 1 
ATOM   469 N  N   . GLU A 1 64  ? 7.076   -6.680  14.258  1.00 35.49 ? 69  GLU A N   1 
ATOM   470 C  CA  . GLU A 1 64  ? 8.191   -7.625  14.206  1.00 38.89 ? 69  GLU A CA  1 
ATOM   471 C  C   . GLU A 1 64  ? 9.031   -7.403  12.958  1.00 36.06 ? 69  GLU A C   1 
ATOM   472 O  O   . GLU A 1 64  ? 8.797   -8.011  11.914  1.00 33.93 ? 69  GLU A O   1 
ATOM   473 C  CB  . GLU A 1 64  ? 7.705   -9.071  14.281  1.00 44.30 ? 69  GLU A CB  1 
ATOM   474 C  CG  . GLU A 1 64  ? 7.382   -9.548  15.690  1.00 52.16 ? 69  GLU A CG  1 
ATOM   475 C  CD  . GLU A 1 64  ? 5.994   -9.143  16.121  1.00 55.63 ? 69  GLU A CD  1 
ATOM   476 O  OE1 . GLU A 1 64  ? 5.175   -8.822  15.233  1.00 55.94 ? 69  GLU A OE1 1 
ATOM   477 O  OE2 . GLU A 1 64  ? 5.721   -9.143  17.340  1.00 58.08 ? 69  GLU A OE2 1 
ATOM   478 N  N   . LYS A 1 65  ? 10.021  -6.530  13.093  1.00 38.14 ? 70  LYS A N   1 
ATOM   479 C  CA  . LYS A 1 65  ? 10.778  -6.021  11.960  1.00 37.53 ? 70  LYS A CA  1 
ATOM   480 C  C   . LYS A 1 65  ? 11.673  -7.075  11.316  1.00 40.18 ? 70  LYS A C   1 
ATOM   481 O  O   . LYS A 1 65  ? 12.099  -6.929  10.173  1.00 37.98 ? 70  LYS A O   1 
ATOM   482 C  CB  . LYS A 1 65  ? 11.632  -4.835  12.411  1.00 38.96 ? 70  LYS A CB  1 
ATOM   483 C  CG  . LYS A 1 65  ? 10.852  -3.756  13.133  1.00 39.04 ? 70  LYS A CG  1 
ATOM   484 C  CD  . LYS A 1 65  ? 9.814   -3.140  12.223  1.00 35.23 ? 70  LYS A CD  1 
ATOM   485 C  CE  . LYS A 1 65  ? 9.198   -1.906  12.858  1.00 35.25 ? 70  LYS A CE  1 
ATOM   486 N  NZ  . LYS A 1 65  ? 8.168   -1.305  11.977  1.00 31.57 ? 70  LYS A NZ  1 
ATOM   487 N  N   . GLN A 1 66  ? 11.947  -8.139  12.059  1.00 43.39 ? 71  GLN A N   1 
ATOM   488 C  CA  . GLN A 1 66  ? 12.890  -9.163  11.630  1.00 45.93 ? 71  GLN A CA  1 
ATOM   489 C  C   . GLN A 1 66  ? 12.253  -10.243 10.751  1.00 45.39 ? 71  GLN A C   1 
ATOM   490 O  O   . GLN A 1 66  ? 12.956  -11.009 10.095  1.00 45.57 ? 71  GLN A O   1 
ATOM   491 C  CB  . GLN A 1 66  ? 13.556  -9.806  12.856  1.00 50.72 ? 71  GLN A CB  1 
ATOM   492 C  CG  . GLN A 1 66  ? 12.621  -10.633 13.746  1.00 55.16 ? 71  GLN A CG  1 
ATOM   493 C  CD  . GLN A 1 66  ? 11.616  -9.794  14.528  1.00 57.18 ? 71  GLN A CD  1 
ATOM   494 O  OE1 . GLN A 1 66  ? 10.503  -10.241 14.800  1.00 57.60 ? 71  GLN A OE1 1 
ATOM   495 N  NE2 . GLN A 1 66  ? 12.012  -8.583  14.903  1.00 58.34 ? 71  GLN A NE2 1 
ATOM   496 N  N   . GLN A 1 67  ? 10.924  -10.285 10.728  1.00 43.25 ? 72  GLN A N   1 
ATOM   497 C  CA  . GLN A 1 67  ? 10.197  -11.433 10.182  1.00 45.36 ? 72  GLN A CA  1 
ATOM   498 C  C   . GLN A 1 67  ? 9.533   -11.180 8.825   1.00 42.15 ? 72  GLN A C   1 
ATOM   499 O  O   . GLN A 1 67  ? 9.197   -12.124 8.108   1.00 44.59 ? 72  GLN A O   1 
ATOM   500 C  CB  . GLN A 1 67  ? 9.185   -11.942 11.219  1.00 48.46 ? 72  GLN A CB  1 
ATOM   501 C  CG  . GLN A 1 67  ? 7.733   -12.006 10.762  1.00 50.59 ? 72  GLN A CG  1 
ATOM   502 C  CD  . GLN A 1 67  ? 6.782   -12.338 11.902  1.00 55.42 ? 72  GLN A CD  1 
ATOM   503 O  OE1 . GLN A 1 67  ? 6.463   -11.479 12.722  1.00 56.48 ? 72  GLN A OE1 1 
ATOM   504 N  NE2 . GLN A 1 67  ? 6.334   -13.589 11.964  1.00 58.33 ? 72  GLN A NE2 1 
ATOM   505 N  N   . HIS A 1 68  ? 9.346   -9.908  8.486   1.00 35.77 ? 73  HIS A N   1 
ATOM   506 C  CA  . HIS A 1 68  ? 8.844   -9.488  7.168   1.00 33.48 ? 73  HIS A CA  1 
ATOM   507 C  C   . HIS A 1 68  ? 7.414   -9.911  6.817   1.00 32.83 ? 73  HIS A C   1 
ATOM   508 O  O   . HIS A 1 68  ? 6.982   -9.746  5.678   1.00 30.44 ? 73  HIS A O   1 
ATOM   509 C  CB  . HIS A 1 68  ? 9.802   -9.908  6.051   1.00 34.49 ? 73  HIS A CB  1 
ATOM   510 C  CG  . HIS A 1 68  ? 11.199  -9.447  6.267   1.00 35.21 ? 73  HIS A CG  1 
ATOM   511 N  ND1 . HIS A 1 68  ? 12.158  -10.231 6.888   1.00 38.90 ? 73  HIS A ND1 1 
ATOM   512 C  CD2 . HIS A 1 68  ? 11.828  -8.281  5.961   1.00 33.51 ? 73  HIS A CD2 1 
ATOM   513 C  CE1 . HIS A 1 68  ? 13.300  -9.568  6.950   1.00 38.07 ? 73  HIS A CE1 1 
ATOM   514 N  NE2 . HIS A 1 68  ? 13.122  -8.386  6.389   1.00 34.30 ? 73  HIS A NE2 1 
ATOM   515 N  N   . ILE A 1 69  ? 6.670   -10.434 7.786   1.00 33.41 ? 74  ILE A N   1 
ATOM   516 C  CA  . ILE A 1 69  ? 5.254   -10.715 7.563   1.00 35.47 ? 74  ILE A CA  1 
ATOM   517 C  C   . ILE A 1 69  ? 4.405   -9.607  8.171   1.00 35.14 ? 74  ILE A C   1 
ATOM   518 O  O   . ILE A 1 69  ? 4.654   -9.179  9.296   1.00 34.97 ? 74  ILE A O   1 
ATOM   519 C  CB  . ILE A 1 69  ? 4.840   -12.050 8.190   1.00 36.36 ? 74  ILE A CB  1 
ATOM   520 C  CG1 . ILE A 1 69  ? 5.689   -13.195 7.634   1.00 38.10 ? 74  ILE A CG1 1 
ATOM   521 C  CG2 . ILE A 1 69  ? 3.351   -12.313 7.950   1.00 36.25 ? 74  ILE A CG2 1 
ATOM   522 C  CD1 . ILE A 1 69  ? 5.463   -13.468 6.165   1.00 37.82 ? 74  ILE A CD1 1 
ATOM   523 N  N   . VAL A 1 70  ? 3.426   -9.121  7.415   1.00 34.94 ? 75  VAL A N   1 
ATOM   524 C  CA  . VAL A 1 70  ? 2.428   -8.210  7.960   1.00 36.14 ? 75  VAL A CA  1 
ATOM   525 C  C   . VAL A 1 70  ? 1.147   -8.996  8.185   1.00 37.06 ? 75  VAL A C   1 
ATOM   526 O  O   . VAL A 1 70  ? 0.633   -9.627  7.264   1.00 35.70 ? 75  VAL A O   1 
ATOM   527 C  CB  . VAL A 1 70  ? 2.131   -7.022  7.019   1.00 33.14 ? 75  VAL A CB  1 
ATOM   528 C  CG1 . VAL A 1 70  ? 0.791   -6.384  7.371   1.00 34.31 ? 75  VAL A CG1 1 
ATOM   529 C  CG2 . VAL A 1 70  ? 3.237   -5.990  7.093   1.00 32.12 ? 75  VAL A CG2 1 
ATOM   530 N  N   . TYR A 1 71  ? 0.645   -8.984  9.415   1.00 42.13 ? 76  TYR A N   1 
ATOM   531 C  CA  . TYR A 1 71  ? -0.632  -9.621  9.708   1.00 43.64 ? 76  TYR A CA  1 
ATOM   532 C  C   . TYR A 1 71  ? -1.733  -8.566  9.744   1.00 40.17 ? 76  TYR A C   1 
ATOM   533 O  O   . TYR A 1 71  ? -1.646  -7.589  10.491  1.00 38.06 ? 76  TYR A O   1 
ATOM   534 C  CB  . TYR A 1 71  ? -0.572  -10.390 11.028  1.00 49.59 ? 76  TYR A CB  1 
ATOM   535 C  CG  . TYR A 1 71  ? -1.754  -11.311 11.248  1.00 55.38 ? 76  TYR A CG  1 
ATOM   536 C  CD1 . TYR A 1 71  ? -1.781  -12.584 10.688  1.00 57.94 ? 76  TYR A CD1 1 
ATOM   537 C  CD2 . TYR A 1 71  ? -2.844  -10.907 12.012  1.00 56.97 ? 76  TYR A CD2 1 
ATOM   538 C  CE1 . TYR A 1 71  ? -2.861  -13.430 10.888  1.00 60.41 ? 76  TYR A CE1 1 
ATOM   539 C  CE2 . TYR A 1 71  ? -3.925  -11.744 12.214  1.00 60.15 ? 76  TYR A CE2 1 
ATOM   540 C  CZ  . TYR A 1 71  ? -3.927  -13.005 11.652  1.00 61.69 ? 76  TYR A CZ  1 
ATOM   541 O  OH  . TYR A 1 71  ? -5.003  -13.840 11.853  1.00 64.58 ? 76  TYR A OH  1 
ATOM   542 N  N   . CYS A 1 72  ? -2.767  -8.770  8.935   1.00 38.21 ? 77  CYS A N   1 
ATOM   543 C  CA  . CYS A 1 72  ? -3.783  -7.743  8.721   1.00 36.17 ? 77  CYS A CA  1 
ATOM   544 C  C   . CYS A 1 72  ? -5.196  -8.317  8.680   1.00 37.14 ? 77  CYS A C   1 
ATOM   545 O  O   . CYS A 1 72  ? -6.143  -7.632  8.295   1.00 33.74 ? 77  CYS A O   1 
ATOM   546 C  CB  . CYS A 1 72  ? -3.476  -6.975  7.428   1.00 33.74 ? 77  CYS A CB  1 
ATOM   547 S  SG  . CYS A 1 72  ? -3.196  -8.033  5.981   1.00 34.57 ? 77  CYS A SG  1 
ATOM   548 N  N   . SER A 1 73  ? -5.335  -9.568  9.107   1.00 40.22 ? 78  SER A N   1 
ATOM   549 C  CA  . SER A 1 73  ? -6.604  -10.284 9.032   1.00 42.42 ? 78  SER A CA  1 
ATOM   550 C  C   . SER A 1 73  ? -7.770  -9.551  9.701   1.00 42.06 ? 78  SER A C   1 
ATOM   551 O  O   . SER A 1 73  ? -8.923  -9.708  9.297   1.00 43.79 ? 78  SER A O   1 
ATOM   552 C  CB  . SER A 1 73  ? -6.451  -11.680 9.638   1.00 46.00 ? 78  SER A CB  1 
ATOM   553 O  OG  . SER A 1 73  ? -7.536  -12.508 9.275   1.00 50.42 ? 78  SER A OG  1 
ATOM   554 N  N   . ASN A 1 74  ? -7.466  -8.748  10.716  1.00 40.28 ? 79  ASN A N   1 
ATOM   555 C  CA  . ASN A 1 74  ? -8.502  -8.059  11.476  1.00 40.28 ? 79  ASN A CA  1 
ATOM   556 C  C   . ASN A 1 74  ? -8.521  -6.550  11.266  1.00 36.23 ? 79  ASN A C   1 
ATOM   557 O  O   . ASN A 1 74  ? -9.219  -5.821  11.971  1.00 38.76 ? 79  ASN A O   1 
ATOM   558 C  CB  . ASN A 1 74  ? -8.375  -8.391  12.958  1.00 44.25 ? 79  ASN A CB  1 
ATOM   559 C  CG  . ASN A 1 74  ? -8.641  -9.851  13.241  1.00 49.10 ? 79  ASN A CG  1 
ATOM   560 O  OD1 . ASN A 1 74  ? -9.783  -10.301 13.178  1.00 50.20 ? 79  ASN A OD1 1 
ATOM   561 N  ND2 . ASN A 1 74  ? -7.588  -10.605 13.547  1.00 50.99 ? 79  ASN A ND2 1 
ATOM   562 N  N   . ASP A 1 75  ? -7.753  -6.089  10.287  1.00 32.49 ? 80  ASP A N   1 
ATOM   563 C  CA  . ASP A 1 75  ? -7.692  -4.676  9.969   1.00 30.38 ? 80  ASP A CA  1 
ATOM   564 C  C   . ASP A 1 75  ? -8.385  -4.448  8.635   1.00 28.66 ? 80  ASP A C   1 
ATOM   565 O  O   . ASP A 1 75  ? -8.559  -5.385  7.856   1.00 29.16 ? 80  ASP A O   1 
ATOM   566 C  CB  . ASP A 1 75  ? -6.225  -4.246  9.875   1.00 29.27 ? 80  ASP A CB  1 
ATOM   567 C  CG  . ASP A 1 75  ? -6.052  -2.741  9.797   1.00 30.71 ? 80  ASP A CG  1 
ATOM   568 O  OD1 . ASP A 1 75  ? -6.043  -2.092  10.863  1.00 33.44 ? 80  ASP A OD1 1 
ATOM   569 O  OD2 . ASP A 1 75  ? -5.889  -2.213  8.676   1.00 28.21 ? 80  ASP A OD2 1 
ATOM   570 N  N   . LEU A 1 76  ? -8.771  -3.203  8.374   1.00 28.68 ? 81  LEU A N   1 
ATOM   571 C  CA  . LEU A 1 76  ? -9.271  -2.801  7.064   1.00 27.62 ? 81  LEU A CA  1 
ATOM   572 C  C   . LEU A 1 76  ? -8.353  -3.254  5.931   1.00 24.93 ? 81  LEU A C   1 
ATOM   573 O  O   . LEU A 1 76  ? -8.820  -3.583  4.844   1.00 26.51 ? 81  LEU A O   1 
ATOM   574 C  CB  . LEU A 1 76  ? -9.423  -1.281  6.998   1.00 28.11 ? 81  LEU A CB  1 
ATOM   575 C  CG  . LEU A 1 76  ? -10.414 -0.690  7.998   1.00 28.80 ? 81  LEU A CG  1 
ATOM   576 C  CD1 . LEU A 1 76  ? -10.444 0.821   7.878   1.00 31.96 ? 81  LEU A CD1 1 
ATOM   577 C  CD2 . LEU A 1 76  ? -11.807 -1.272  7.784   1.00 28.76 ? 81  LEU A CD2 1 
ATOM   578 N  N   . LEU A 1 77  ? -7.047  -3.264  6.186   1.00 24.95 ? 82  LEU A N   1 
ATOM   579 C  CA  . LEU A 1 77  ? -6.073  -3.645  5.166   1.00 24.62 ? 82  LEU A CA  1 
ATOM   580 C  C   . LEU A 1 77  ? -6.299  -5.080  4.701   1.00 26.28 ? 82  LEU A C   1 
ATOM   581 O  O   . LEU A 1 77  ? -6.144  -5.397  3.522   1.00 26.20 ? 82  LEU A O   1 
ATOM   582 C  CB  . LEU A 1 77  ? -4.652  -3.484  5.701   1.00 24.29 ? 82  LEU A CB  1 
ATOM   583 C  CG  . LEU A 1 77  ? -3.530  -3.828  4.715   1.00 25.99 ? 82  LEU A CG  1 
ATOM   584 C  CD1 . LEU A 1 77  ? -3.635  -2.984  3.449   1.00 24.16 ? 82  LEU A CD1 1 
ATOM   585 C  CD2 . LEU A 1 77  ? -2.175  -3.650  5.376   1.00 27.39 ? 82  LEU A CD2 1 
ATOM   586 N  N   . GLY A 1 78  ? -6.681  -5.943  5.634   1.00 26.17 ? 83  GLY A N   1 
ATOM   587 C  CA  . GLY A 1 78  ? -6.973  -7.324  5.306   1.00 31.23 ? 83  GLY A CA  1 
ATOM   588 C  C   . GLY A 1 78  ? -8.147  -7.437  4.355   1.00 32.69 ? 83  GLY A C   1 
ATOM   589 O  O   . GLY A 1 78  ? -8.129  -8.240  3.423   1.00 33.12 ? 83  GLY A O   1 
ATOM   590 N  N   . ASP A 1 79  ? -9.174  -6.626  4.590   1.00 33.63 ? 84  ASP A N   1 
ATOM   591 C  CA  . ASP A 1 79  ? -10.338 -6.609  3.711   1.00 35.02 ? 84  ASP A CA  1 
ATOM   592 C  C   . ASP A 1 79  ? -9.971  -6.046  2.347   1.00 35.12 ? 84  ASP A C   1 
ATOM   593 O  O   . ASP A 1 79  ? -10.397 -6.563  1.315   1.00 37.37 ? 84  ASP A O   1 
ATOM   594 C  CB  . ASP A 1 79  ? -11.472 -5.788  4.331   1.00 35.80 ? 84  ASP A CB  1 
ATOM   595 C  CG  . ASP A 1 79  ? -12.733 -6.603  4.546   1.00 38.06 ? 84  ASP A CG  1 
ATOM   596 O  OD1 . ASP A 1 79  ? -12.865 -7.679  3.924   1.00 40.24 ? 84  ASP A OD1 1 
ATOM   597 O  OD2 . ASP A 1 79  ? -13.593 -6.168  5.338   1.00 37.68 ? 84  ASP A OD2 1 
ATOM   598 N  N   . LEU A 1 80  ? -9.167  -4.989  2.350   1.00 30.94 ? 85  LEU A N   1 
ATOM   599 C  CA  . LEU A 1 80  ? -8.724  -4.345  1.120   1.00 31.21 ? 85  LEU A CA  1 
ATOM   600 C  C   . LEU A 1 80  ? -7.969  -5.309  0.207   1.00 33.31 ? 85  LEU A C   1 
ATOM   601 O  O   . LEU A 1 80  ? -8.225  -5.366  -0.998  1.00 35.28 ? 85  LEU A O   1 
ATOM   602 C  CB  . LEU A 1 80  ? -7.828  -3.151  1.452   1.00 30.94 ? 85  LEU A CB  1 
ATOM   603 C  CG  . LEU A 1 80  ? -7.295  -2.313  0.291   1.00 32.12 ? 85  LEU A CG  1 
ATOM   604 C  CD1 . LEU A 1 80  ? -8.350  -1.328  -0.193  1.00 34.86 ? 85  LEU A CD1 1 
ATOM   605 C  CD2 . LEU A 1 80  ? -6.025  -1.595  0.710   1.00 31.09 ? 85  LEU A CD2 1 
ATOM   606 N  N   . PHE A 1 81  ? -7.040  -6.064  0.787   1.00 32.03 ? 86  PHE A N   1 
ATOM   607 C  CA  . PHE A 1 81  ? -6.173  -6.949  0.013   1.00 31.12 ? 86  PHE A CA  1 
ATOM   608 C  C   . PHE A 1 81  ? -6.771  -8.335  -0.217  1.00 34.92 ? 86  PHE A C   1 
ATOM   609 O  O   . PHE A 1 81  ? -6.399  -9.028  -1.163  1.00 37.78 ? 86  PHE A O   1 
ATOM   610 C  CB  . PHE A 1 81  ? -4.809  -7.097  0.698   1.00 28.80 ? 86  PHE A CB  1 
ATOM   611 C  CG  . PHE A 1 81  ? -3.862  -5.956  0.440   1.00 27.49 ? 86  PHE A CG  1 
ATOM   612 C  CD1 . PHE A 1 81  ? -2.600  -5.953  1.014   1.00 26.19 ? 86  PHE A CD1 1 
ATOM   613 C  CD2 . PHE A 1 81  ? -4.229  -4.890  -0.367  1.00 28.17 ? 86  PHE A CD2 1 
ATOM   614 C  CE1 . PHE A 1 81  ? -1.710  -4.909  0.782   1.00 26.21 ? 86  PHE A CE1 1 
ATOM   615 C  CE2 . PHE A 1 81  ? -3.351  -3.844  -0.601  1.00 27.46 ? 86  PHE A CE2 1 
ATOM   616 C  CZ  . PHE A 1 81  ? -2.092  -3.849  -0.025  1.00 26.78 ? 86  PHE A CZ  1 
ATOM   617 N  N   . GLY A 1 82  ? -7.686  -8.745  0.654   1.00 34.25 ? 87  GLY A N   1 
ATOM   618 C  CA  . GLY A 1 82  ? -8.286  -10.061 0.553   1.00 36.40 ? 87  GLY A CA  1 
ATOM   619 C  C   . GLY A 1 82  ? -7.393  -11.177 1.068   1.00 37.66 ? 87  GLY A C   1 
ATOM   620 O  O   . GLY A 1 82  ? -7.541  -12.330 0.662   1.00 41.28 ? 87  GLY A O   1 
ATOM   621 N  N   . VAL A 1 83  ? -6.461  -10.838 1.956   1.00 36.46 ? 88  VAL A N   1 
ATOM   622 C  CA  . VAL A 1 83  ? -5.561  -11.824 2.555   1.00 35.62 ? 88  VAL A CA  1 
ATOM   623 C  C   . VAL A 1 83  ? -5.385  -11.582 4.057   1.00 35.00 ? 88  VAL A C   1 
ATOM   624 O  O   . VAL A 1 83  ? -5.498  -10.447 4.530   1.00 34.66 ? 88  VAL A O   1 
ATOM   625 C  CB  . VAL A 1 83  ? -4.154  -11.803 1.895   1.00 34.42 ? 88  VAL A CB  1 
ATOM   626 C  CG1 . VAL A 1 83  ? -4.237  -12.121 0.408   1.00 34.11 ? 88  VAL A CG1 1 
ATOM   627 C  CG2 . VAL A 1 83  ? -3.487  -10.468 2.125   1.00 32.03 ? 88  VAL A CG2 1 
ATOM   628 N  N   . PRO A 1 84  ? -5.090  -12.648 4.817   1.00 35.59 ? 89  PRO A N   1 
ATOM   629 C  CA  . PRO A 1 84  ? -4.867  -12.511 6.261   1.00 37.37 ? 89  PRO A CA  1 
ATOM   630 C  C   . PRO A 1 84  ? -3.477  -11.971 6.580   1.00 37.71 ? 89  PRO A C   1 
ATOM   631 O  O   . PRO A 1 84  ? -3.253  -11.390 7.644   1.00 36.92 ? 89  PRO A O   1 
ATOM   632 C  CB  . PRO A 1 84  ? -4.999  -13.949 6.765   1.00 39.83 ? 89  PRO A CB  1 
ATOM   633 C  CG  . PRO A 1 84  ? -4.589  -14.787 5.602   1.00 40.93 ? 89  PRO A CG  1 
ATOM   634 C  CD  . PRO A 1 84  ? -5.070  -14.056 4.382   1.00 38.72 ? 89  PRO A CD  1 
ATOM   635 N  N   . SER A 1 85  ? -2.554  -12.156 5.642   1.00 36.05 ? 90  SER A N   1 
ATOM   636 C  CA  . SER A 1 85  ? -1.168  -11.773 5.841   1.00 36.06 ? 90  SER A CA  1 
ATOM   637 C  C   . SER A 1 85  ? -0.471  -11.733 4.497   1.00 32.22 ? 90  SER A C   1 
ATOM   638 O  O   . SER A 1 85  ? -0.949  -12.313 3.522   1.00 31.87 ? 90  SER A O   1 
ATOM   639 C  CB  . SER A 1 85  ? -0.464  -12.781 6.753   1.00 38.44 ? 90  SER A CB  1 
ATOM   640 O  OG  . SER A 1 85  ? -0.395  -14.053 6.131   1.00 40.81 ? 90  SER A OG  1 
ATOM   641 N  N   . PHE A 1 86  ? 0.659   -11.041 4.443   1.00 31.17 ? 91  PHE A N   1 
ATOM   642 C  CA  . PHE A 1 86  ? 1.469   -10.999 3.237   1.00 30.11 ? 91  PHE A CA  1 
ATOM   643 C  C   . PHE A 1 86  ? 2.895   -10.646 3.608   1.00 28.83 ? 91  PHE A C   1 
ATOM   644 O  O   . PHE A 1 86  ? 3.148   -10.080 4.673   1.00 27.53 ? 91  PHE A O   1 
ATOM   645 C  CB  . PHE A 1 86  ? 0.912   -9.996  2.220   1.00 25.93 ? 91  PHE A CB  1 
ATOM   646 C  CG  . PHE A 1 86  ? 0.913   -8.566  2.696   1.00 24.29 ? 91  PHE A CG  1 
ATOM   647 C  CD1 . PHE A 1 86  ? 1.968   -7.716  2.396   1.00 23.50 ? 91  PHE A CD1 1 
ATOM   648 C  CD2 . PHE A 1 86  ? -0.157  -8.068  3.430   1.00 25.41 ? 91  PHE A CD2 1 
ATOM   649 C  CE1 . PHE A 1 86  ? 1.966   -6.398  2.829   1.00 22.91 ? 91  PHE A CE1 1 
ATOM   650 C  CE2 . PHE A 1 86  ? -0.171  -6.757  3.864   1.00 25.16 ? 91  PHE A CE2 1 
ATOM   651 C  CZ  . PHE A 1 86  ? 0.892   -5.919  3.565   1.00 23.38 ? 91  PHE A CZ  1 
ATOM   652 N  N   . SER A 1 87  ? 3.824   -10.988 2.724   1.00 28.25 ? 92  SER A N   1 
ATOM   653 C  CA  . SER A 1 87  ? 5.225   -10.664 2.933   1.00 27.64 ? 92  SER A CA  1 
ATOM   654 C  C   . SER A 1 87  ? 5.516   -9.270  2.403   1.00 26.80 ? 92  SER A C   1 
ATOM   655 O  O   . SER A 1 87  ? 5.116   -8.932  1.291   1.00 26.35 ? 92  SER A O   1 
ATOM   656 C  CB  . SER A 1 87  ? 6.114   -11.682 2.220   1.00 28.84 ? 92  SER A CB  1 
ATOM   657 O  OG  . SER A 1 87  ? 7.452   -11.219 2.146   1.00 27.08 ? 92  SER A OG  1 
ATOM   658 N  N   . VAL A 1 88  ? 6.224   -8.463  3.187   1.00 26.32 ? 93  VAL A N   1 
ATOM   659 C  CA  . VAL A 1 88  ? 6.585   -7.123  2.737   1.00 23.20 ? 93  VAL A CA  1 
ATOM   660 C  C   . VAL A 1 88  ? 7.656   -7.166  1.651   1.00 24.06 ? 93  VAL A C   1 
ATOM   661 O  O   . VAL A 1 88  ? 7.942   -6.149  1.027   1.00 25.22 ? 93  VAL A O   1 
ATOM   662 C  CB  . VAL A 1 88  ? 7.068   -6.217  3.894   1.00 23.92 ? 93  VAL A CB  1 
ATOM   663 C  CG1 . VAL A 1 88  ? 5.928   -5.954  4.864   1.00 26.12 ? 93  VAL A CG1 1 
ATOM   664 C  CG2 . VAL A 1 88  ? 8.250   -6.843  4.615   1.00 27.90 ? 93  VAL A CG2 1 
ATOM   665 N  N   . LYS A 1 89  ? 8.230   -8.344  1.424   1.00 23.40 ? 94  LYS A N   1 
ATOM   666 C  CA  . LYS A 1 89  ? 9.301   -8.497  0.435   1.00 25.09 ? 94  LYS A CA  1 
ATOM   667 C  C   . LYS A 1 89  ? 8.801   -8.872  -0.957  1.00 25.39 ? 94  LYS A C   1 
ATOM   668 O  O   . LYS A 1 89  ? 9.566   -8.845  -1.920  1.00 25.20 ? 94  LYS A O   1 
ATOM   669 C  CB  . LYS A 1 89  ? 10.246  -9.613  0.847   1.00 29.87 ? 94  LYS A CB  1 
ATOM   670 C  CG  . LYS A 1 89  ? 11.148  -9.347  1.986   1.00 32.44 ? 94  LYS A CG  1 
ATOM   671 C  CD  . LYS A 1 89  ? 12.283  -10.320 1.865   1.00 38.82 ? 94  LYS A CD  1 
ATOM   672 C  CE  . LYS A 1 89  ? 13.259  -10.110 2.949   1.00 43.90 ? 94  LYS A CE  1 
ATOM   673 N  NZ  . LYS A 1 89  ? 12.809  -10.695 4.244   1.00 47.37 ? 94  LYS A NZ  1 
ATOM   674 N  N   . GLU A 1 90  ? 7.540   -9.278  -1.054  1.00 24.32 ? 95  GLU A N   1 
ATOM   675 C  CA  A GLU A 1 90  ? 6.951   -9.712  -2.320  0.48 23.73 ? 95  GLU A CA  1 
ATOM   676 C  CA  B GLU A 1 90  ? 6.990   -9.703  -2.334  0.52 23.58 ? 95  GLU A CA  1 
ATOM   677 C  C   . GLU A 1 90  ? 6.273   -8.543  -3.016  1.00 21.28 ? 95  GLU A C   1 
ATOM   678 O  O   . GLU A 1 90  ? 5.053   -8.416  -2.980  1.00 22.79 ? 95  GLU A O   1 
ATOM   679 C  CB  A GLU A 1 90  ? 5.930   -10.829 -2.078  0.48 25.47 ? 95  GLU A CB  1 
ATOM   680 C  CB  B GLU A 1 90  ? 6.119   -10.952 -2.155  0.52 25.83 ? 95  GLU A CB  1 
ATOM   681 C  CG  A GLU A 1 90  ? 6.523   -12.106 -1.511  0.48 28.47 ? 95  GLU A CG  1 
ATOM   682 C  CG  B GLU A 1 90  ? 6.976   -12.165 -1.795  0.52 28.73 ? 95  GLU A CG  1 
ATOM   683 C  CD  A GLU A 1 90  ? 7.352   -12.872 -2.526  0.48 30.54 ? 95  GLU A CD  1 
ATOM   684 C  CD  B GLU A 1 90  ? 6.194   -13.338 -1.233  0.52 31.78 ? 95  GLU A CD  1 
ATOM   685 O  OE1 A GLU A 1 90  ? 7.194   -12.625 -3.741  0.48 30.27 ? 95  GLU A OE1 1 
ATOM   686 O  OE1 B GLU A 1 90  ? 4.951   -13.263 -1.165  0.52 33.12 ? 95  GLU A OE1 1 
ATOM   687 O  OE2 A GLU A 1 90  ? 8.162   -13.727 -2.109  0.48 33.39 ? 95  GLU A OE2 1 
ATOM   688 O  OE2 B GLU A 1 90  ? 6.839   -14.340 -0.858  0.52 34.59 ? 95  GLU A OE2 1 
ATOM   689 N  N   . HIS A 1 91  ? 7.071   -7.690  -3.652  1.00 19.32 ? 96  HIS A N   1 
ATOM   690 C  CA  . HIS A 1 91  ? 6.568   -6.423  -4.158  1.00 18.86 ? 96  HIS A CA  1 
ATOM   691 C  C   . HIS A 1 91  ? 5.593   -6.526  -5.335  1.00 19.08 ? 96  HIS A C   1 
ATOM   692 O  O   . HIS A 1 91  ? 4.634   -5.753  -5.410  1.00 19.59 ? 96  HIS A O   1 
ATOM   693 C  CB  . HIS A 1 91  ? 7.735   -5.471  -4.450  1.00 19.08 ? 96  HIS A CB  1 
ATOM   694 C  CG  . HIS A 1 91  ? 8.592   -5.185  -3.251  1.00 20.47 ? 96  HIS A CG  1 
ATOM   695 N  ND1 . HIS A 1 91  ? 9.752   -4.448  -3.320  1.00 21.89 ? 96  HIS A ND1 1 
ATOM   696 C  CD2 . HIS A 1 91  ? 8.450   -5.541  -1.950  1.00 22.45 ? 96  HIS A CD2 1 
ATOM   697 C  CE1 . HIS A 1 91  ? 10.289  -4.358  -2.114  1.00 23.70 ? 96  HIS A CE1 1 
ATOM   698 N  NE2 . HIS A 1 91  ? 9.518   -5.012  -1.265  1.00 24.48 ? 96  HIS A NE2 1 
ATOM   699 N  N   . ARG A 1 92  ? 5.818   -7.476  -6.240  1.00 20.22 ? 97  ARG A N   1 
ATOM   700 C  CA  . ARG A 1 92  ? 4.869   -7.681  -7.332  1.00 20.03 ? 97  ARG A CA  1 
ATOM   701 C  C   . ARG A 1 92  ? 3.502   -8.108  -6.792  1.00 22.33 ? 97  ARG A C   1 
ATOM   702 O  O   . ARG A 1 92  ? 2.472   -7.618  -7.253  1.00 21.83 ? 97  ARG A O   1 
ATOM   703 C  CB  . ARG A 1 92  ? 5.404   -8.681  -8.366  1.00 21.73 ? 97  ARG A CB  1 
ATOM   704 C  CG  . ARG A 1 92  ? 4.381   -9.113  -9.416  1.00 22.15 ? 97  ARG A CG  1 
ATOM   705 C  CD  . ARG A 1 92  ? 3.793   -7.933  -10.174 1.00 20.90 ? 97  ARG A CD  1 
ATOM   706 N  NE  . ARG A 1 92  ? 4.823   -7.192  -10.895 1.00 20.82 ? 97  ARG A NE  1 
ATOM   707 C  CZ  . ARG A 1 92  ? 4.650   -5.973  -11.392 1.00 19.40 ? 97  ARG A CZ  1 
ATOM   708 N  NH1 . ARG A 1 92  ? 3.486   -5.349  -11.251 1.00 19.94 ? 97  ARG A NH1 1 
ATOM   709 N  NH2 . ARG A 1 92  ? 5.647   -5.372  -12.024 1.00 22.19 ? 97  ARG A NH2 1 
ATOM   710 N  N   . LYS A 1 93  ? 3.495   -8.994  -5.801  1.00 23.04 ? 98  LYS A N   1 
ATOM   711 C  CA  . LYS A 1 93  ? 2.235   -9.414  -5.186  1.00 23.24 ? 98  LYS A CA  1 
ATOM   712 C  C   . LYS A 1 93  ? 1.512   -8.232  -4.538  1.00 21.54 ? 98  LYS A C   1 
ATOM   713 O  O   . LYS A 1 93  ? 0.284   -8.124  -4.618  1.00 23.10 ? 98  LYS A O   1 
ATOM   714 C  CB  . LYS A 1 93  ? 2.457   -10.534 -4.159  1.00 25.81 ? 98  LYS A CB  1 
ATOM   715 C  CG  . LYS A 1 93  ? 2.995   -11.825 -4.746  1.00 30.37 ? 98  LYS A CG  1 
ATOM   716 C  CD  . LYS A 1 93  ? 2.824   -12.996 -3.785  1.00 36.72 ? 98  LYS A CD  1 
ATOM   717 C  CE  . LYS A 1 93  ? 3.710   -14.165 -4.191  1.00 43.31 ? 98  LYS A CE  1 
ATOM   718 N  NZ  . LYS A 1 93  ? 3.825   -14.272 -5.673  1.00 46.29 ? 98  LYS A NZ  1 
ATOM   719 N  N   . ILE A 1 94  ? 2.272   -7.349  -3.898  1.00 19.26 ? 99  ILE A N   1 
ATOM   720 C  CA  . ILE A 1 94  ? 1.700   -6.171  -3.256  1.00 19.20 ? 99  ILE A CA  1 
ATOM   721 C  C   . ILE A 1 94  ? 1.099   -5.229  -4.301  1.00 19.47 ? 99  ILE A C   1 
ATOM   722 O  O   . ILE A 1 94  ? -0.021  -4.742  -4.142  1.00 20.89 ? 99  ILE A O   1 
ATOM   723 C  CB  . ILE A 1 94  ? 2.742   -5.448  -2.370  1.00 19.89 ? 99  ILE A CB  1 
ATOM   724 C  CG1 . ILE A 1 94  ? 3.132   -6.342  -1.184  1.00 22.28 ? 99  ILE A CG1 1 
ATOM   725 C  CG2 . ILE A 1 94  ? 2.222   -4.087  -1.907  1.00 20.48 ? 99  ILE A CG2 1 
ATOM   726 C  CD1 . ILE A 1 94  ? 4.371   -5.872  -0.419  1.00 21.64 ? 99  ILE A CD1 1 
ATOM   727 N  N   . TYR A 1 95  ? 1.843   -4.977  -5.377  1.00 19.64 ? 100 TYR A N   1 
ATOM   728 C  CA  . TYR A 1 95  ? 1.322   -4.163  -6.467  1.00 19.54 ? 100 TYR A CA  1 
ATOM   729 C  C   . TYR A 1 95  ? 0.016   -4.719  -7.040  1.00 20.38 ? 100 TYR A C   1 
ATOM   730 O  O   . TYR A 1 95  ? -0.958  -3.980  -7.234  1.00 21.53 ? 100 TYR A O   1 
ATOM   731 C  CB  . TYR A 1 95  ? 2.382   -3.976  -7.562  1.00 18.80 ? 100 TYR A CB  1 
ATOM   732 C  CG  . TYR A 1 95  ? 3.076   -2.638  -7.438  1.00 19.18 ? 100 TYR A CG  1 
ATOM   733 C  CD1 . TYR A 1 95  ? 3.842   -2.337  -6.318  1.00 19.49 ? 100 TYR A CD1 1 
ATOM   734 C  CD2 . TYR A 1 95  ? 2.928   -1.659  -8.416  1.00 21.09 ? 100 TYR A CD2 1 
ATOM   735 C  CE1 . TYR A 1 95  ? 4.459   -1.105  -6.176  1.00 19.00 ? 100 TYR A CE1 1 
ATOM   736 C  CE2 . TYR A 1 95  ? 3.553   -0.419  -8.290  1.00 18.82 ? 100 TYR A CE2 1 
ATOM   737 C  CZ  . TYR A 1 95  ? 4.309   -0.149  -7.164  1.00 19.02 ? 100 TYR A CZ  1 
ATOM   738 O  OH  . TYR A 1 95  ? 4.918   1.078   -7.025  1.00 19.40 ? 100 TYR A OH  1 
ATOM   739 N  N   . THR A 1 96  ? -0.013  -6.023  -7.288  1.00 21.89 ? 101 THR A N   1 
ATOM   740 C  CA  . THR A 1 96  ? -1.216  -6.678  -7.799  1.00 23.12 ? 101 THR A CA  1 
ATOM   741 C  C   . THR A 1 96  ? -2.417  -6.446  -6.884  1.00 23.74 ? 101 THR A C   1 
ATOM   742 O  O   . THR A 1 96  ? -3.508  -6.114  -7.356  1.00 23.63 ? 101 THR A O   1 
ATOM   743 C  CB  . THR A 1 96  ? -0.999  -8.191  -7.994  1.00 24.54 ? 101 THR A CB  1 
ATOM   744 O  OG1 . THR A 1 96  ? 0.088   -8.400  -8.904  1.00 24.32 ? 101 THR A OG1 1 
ATOM   745 C  CG2 . THR A 1 96  ? -2.250  -8.855  -8.552  1.00 24.99 ? 101 THR A CG2 1 
ATOM   746 N  N   . MET A 1 97  ? -2.209  -6.606  -5.578  1.00 22.19 ? 102 MET A N   1 
ATOM   747 C  CA  . MET A 1 97  ? -3.286  -6.416  -4.608  1.00 24.01 ? 102 MET A CA  1 
ATOM   748 C  C   . MET A 1 97  ? -3.790  -4.970  -4.583  1.00 22.11 ? 102 MET A C   1 
ATOM   749 O  O   . MET A 1 97  ? -4.991  -4.726  -4.468  1.00 24.25 ? 102 MET A O   1 
ATOM   750 C  CB  . MET A 1 97  ? -2.846  -6.876  -3.212  1.00 24.92 ? 102 MET A CB  1 
ATOM   751 C  CG  . MET A 1 97  ? -2.558  -8.375  -3.123  1.00 29.36 ? 102 MET A CG  1 
ATOM   752 S  SD  . MET A 1 97  ? -2.298  -9.004  -1.444  1.00 28.06 ? 102 MET A SD  1 
ATOM   753 C  CE  . MET A 1 97  ? -0.666  -8.358  -1.074  1.00 30.20 ? 102 MET A CE  1 
ATOM   754 N  N   . ILE A 1 98  ? -2.874  -4.015  -4.716  1.00 19.14 ? 103 ILE A N   1 
ATOM   755 C  CA  . ILE A 1 98  ? -3.243  -2.603  -4.722  1.00 20.55 ? 103 ILE A CA  1 
ATOM   756 C  C   . ILE A 1 98  ? -4.045  -2.225  -5.978  1.00 20.50 ? 103 ILE A C   1 
ATOM   757 O  O   . ILE A 1 98  ? -5.035  -1.495  -5.893  1.00 19.74 ? 103 ILE A O   1 
ATOM   758 C  CB  . ILE A 1 98  ? -1.996  -1.707  -4.559  1.00 19.94 ? 103 ILE A CB  1 
ATOM   759 C  CG1 . ILE A 1 98  ? -1.381  -1.910  -3.166  1.00 19.56 ? 103 ILE A CG1 1 
ATOM   760 C  CG2 . ILE A 1 98  ? -2.335  -0.231  -4.792  1.00 18.32 ? 103 ILE A CG2 1 
ATOM   761 C  CD1 . ILE A 1 98  ? 0.006   -1.293  -3.007  1.00 19.47 ? 103 ILE A CD1 1 
ATOM   762 N  N   . TYR A 1 99  ? -3.628  -2.749  -7.131  1.00 20.87 ? 104 TYR A N   1 
ATOM   763 C  CA  . TYR A 1 99  ? -4.275  -2.450  -8.415  1.00 23.07 ? 104 TYR A CA  1 
ATOM   764 C  C   . TYR A 1 99  ? -5.757  -2.818  -8.451  1.00 24.66 ? 104 TYR A C   1 
ATOM   765 O  O   . TYR A 1 99  ? -6.552  -2.194  -9.158  1.00 23.77 ? 104 TYR A O   1 
ATOM   766 C  CB  . TYR A 1 99  ? -3.553  -3.174  -9.557  1.00 22.06 ? 104 TYR A CB  1 
ATOM   767 C  CG  . TYR A 1 99  ? -2.274  -2.528  -10.047 1.00 21.36 ? 104 TYR A CG  1 
ATOM   768 C  CD1 . TYR A 1 99  ? -2.172  -1.147  -10.202 1.00 20.35 ? 104 TYR A CD1 1 
ATOM   769 C  CD2 . TYR A 1 99  ? -1.174  -3.306  -10.369 1.00 19.14 ? 104 TYR A CD2 1 
ATOM   770 C  CE1 . TYR A 1 99  ? -1.002  -0.566  -10.666 1.00 18.97 ? 104 TYR A CE1 1 
ATOM   771 C  CE2 . TYR A 1 99  ? -0.002  -2.737  -10.830 1.00 18.79 ? 104 TYR A CE2 1 
ATOM   772 C  CZ  . TYR A 1 99  ? 0.078   -1.371  -10.967 1.00 19.83 ? 104 TYR A CZ  1 
ATOM   773 O  OH  . TYR A 1 99  ? 1.258   -0.823  -11.430 1.00 20.31 ? 104 TYR A OH  1 
ATOM   774 N  N   . ARG A 1 100 ? -6.130  -3.837  -7.688  1.00 24.20 ? 105 ARG A N   1 
ATOM   775 C  CA  . ARG A 1 100 ? -7.516  -4.274  -7.659  1.00 25.59 ? 105 ARG A CA  1 
ATOM   776 C  C   . ARG A 1 100 ? -8.403  -3.250  -6.955  1.00 25.58 ? 105 ARG A C   1 
ATOM   777 O  O   . ARG A 1 100 ? -9.635  -3.325  -7.028  1.00 25.82 ? 105 ARG A O   1 
ATOM   778 C  CB  . ARG A 1 100 ? -7.623  -5.649  -6.996  1.00 28.97 ? 105 ARG A CB  1 
ATOM   779 C  CG  . ARG A 1 100 ? -6.928  -6.743  -7.790  1.00 31.44 ? 105 ARG A CG  1 
ATOM   780 C  CD  . ARG A 1 100 ? -6.999  -8.095  -7.109  1.00 34.95 ? 105 ARG A CD  1 
ATOM   781 N  NE  . ARG A 1 100 ? -6.403  -9.135  -7.945  1.00 37.57 ? 105 ARG A NE  1 
ATOM   782 C  CZ  . ARG A 1 100 ? -5.518  -10.028 -7.517  1.00 39.52 ? 105 ARG A CZ  1 
ATOM   783 N  NH1 . ARG A 1 100 ? -5.120  -10.020 -6.251  1.00 40.28 ? 105 ARG A NH1 1 
ATOM   784 N  NH2 . ARG A 1 100 ? -5.031  -10.935 -8.354  1.00 40.73 ? 105 ARG A NH2 1 
ATOM   785 N  N   . ASN A 1 101 ? -7.772  -2.284  -6.291  1.00 23.50 ? 106 ASN A N   1 
ATOM   786 C  CA  . ASN A 1 101 ? -8.500  -1.336  -5.456  1.00 25.87 ? 106 ASN A CA  1 
ATOM   787 C  C   . ASN A 1 101 ? -8.420  0.101   -5.945  1.00 25.78 ? 106 ASN A C   1 
ATOM   788 O  O   . ASN A 1 101 ? -8.527  1.041   -5.161  1.00 25.68 ? 106 ASN A O   1 
ATOM   789 C  CB  . ASN A 1 101 ? -8.007  -1.413  -4.014  1.00 25.42 ? 106 ASN A CB  1 
ATOM   790 C  CG  . ASN A 1 101 ? -8.447  -2.677  -3.322  1.00 26.08 ? 106 ASN A CG  1 
ATOM   791 O  OD1 . ASN A 1 101 ? -9.608  -2.807  -2.934  1.00 27.46 ? 106 ASN A OD1 1 
ATOM   792 N  ND2 . ASN A 1 101 ? -7.525  -3.618  -3.161  1.00 26.54 ? 106 ASN A ND2 1 
ATOM   793 N  N   . LEU A 1 102 ? -8.233  0.266   -7.247  1.00 24.68 ? 107 LEU A N   1 
ATOM   794 C  CA  . LEU A 1 102 ? -8.128  1.595   -7.816  1.00 22.91 ? 107 LEU A CA  1 
ATOM   795 C  C   . LEU A 1 102 ? -8.515  1.576   -9.286  1.00 22.40 ? 107 LEU A C   1 
ATOM   796 O  O   . LEU A 1 102 ? -8.736  0.511   -9.873  1.00 23.54 ? 107 LEU A O   1 
ATOM   797 C  CB  . LEU A 1 102 ? -6.700  2.132   -7.638  1.00 21.17 ? 107 LEU A CB  1 
ATOM   798 C  CG  . LEU A 1 102 ? -5.540  1.266   -8.149  1.00 22.96 ? 107 LEU A CG  1 
ATOM   799 C  CD1 . LEU A 1 102 ? -5.365  1.363   -9.663  1.00 24.70 ? 107 LEU A CD1 1 
ATOM   800 C  CD2 . LEU A 1 102 ? -4.236  1.628   -7.443  1.00 21.80 ? 107 LEU A CD2 1 
ATOM   801 N  N   . VAL A 1 103 ? -8.591  2.764   -9.872  1.00 22.34 ? 108 VAL A N   1 
ATOM   802 C  CA  . VAL A 1 103 ? -8.750  2.910   -11.309 1.00 21.59 ? 108 VAL A CA  1 
ATOM   803 C  C   . VAL A 1 103 ? -7.481  3.543   -11.856 1.00 23.00 ? 108 VAL A C   1 
ATOM   804 O  O   . VAL A 1 103 ? -7.029  4.576   -11.352 1.00 23.02 ? 108 VAL A O   1 
ATOM   805 C  CB  . VAL A 1 103 ? -9.955  3.798   -11.648 1.00 23.51 ? 108 VAL A CB  1 
ATOM   806 C  CG1 . VAL A 1 103 ? -10.033 4.055   -13.138 1.00 26.06 ? 108 VAL A CG1 1 
ATOM   807 C  CG2 . VAL A 1 103 ? -11.233 3.139   -11.167 1.00 23.68 ? 108 VAL A CG2 1 
ATOM   808 N  N   . VAL A 1 104 ? -6.887  2.911   -12.864 1.00 22.00 ? 109 VAL A N   1 
ATOM   809 C  CA  . VAL A 1 104 ? -5.705  3.477   -13.494 1.00 22.98 ? 109 VAL A CA  1 
ATOM   810 C  C   . VAL A 1 104 ? -6.124  4.579   -14.452 1.00 26.06 ? 109 VAL A C   1 
ATOM   811 O  O   . VAL A 1 104 ? -6.950  4.363   -15.339 1.00 26.20 ? 109 VAL A O   1 
ATOM   812 C  CB  . VAL A 1 104 ? -4.885  2.417   -14.250 1.00 22.36 ? 109 VAL A CB  1 
ATOM   813 C  CG1 . VAL A 1 104 ? -3.703  3.079   -14.965 1.00 22.30 ? 109 VAL A CG1 1 
ATOM   814 C  CG2 . VAL A 1 104 ? -4.397  1.343   -13.287 1.00 23.15 ? 109 VAL A CG2 1 
ATOM   815 N  N   . VAL A 1 105 ? -5.562  5.769   -14.255 1.00 31.46 ? 110 VAL A N   1 
ATOM   816 C  CA  . VAL A 1 105 ? -5.874  6.912   -15.100 1.00 23.22 ? 110 VAL A CA  1 
ATOM   817 C  C   . VAL A 1 105 ? -5.330  6.691   -16.507 1.00 27.95 ? 110 VAL A C   1 
ATOM   818 O  O   . VAL A 1 105 ? -4.183  6.268   -16.675 1.00 29.56 ? 110 VAL A O   1 
ATOM   819 C  CB  . VAL A 1 105 ? -5.263  8.206   -14.530 1.00 26.08 ? 110 VAL A CB  1 
ATOM   820 C  CG1 . VAL A 1 105 ? -5.596  9.399   -15.424 1.00 29.26 ? 110 VAL A CG1 1 
ATOM   821 C  CG2 . VAL A 1 105 ? -5.746  8.440   -13.107 1.00 27.57 ? 110 VAL A CG2 1 
ATOM   822 O  OXT . VAL A 1 105 ? -6.019  6.930   -17.500 1.00 28.87 ? 110 VAL A OXT 1 
HETATM 823 C  C11 . 2U6 B 2 .   ? 7.147   -2.558  -0.798  1.00 23.71 ? 201 2U6 A C11 1 
HETATM 824 C  C10 . 2U6 B 2 .   ? 6.861   -2.112  -2.091  1.00 24.30 ? 201 2U6 A C10 1 
HETATM 825 CL CL1 . 2U6 B 2 .   ? 5.699   -2.967  -3.060  1.00 24.04 ? 201 2U6 A CL1 1 
HETATM 826 C  C9  . 2U6 B 2 .   ? 7.505   -0.989  -2.611  1.00 24.15 ? 201 2U6 A C9  1 
HETATM 827 C  C8  . 2U6 B 2 .   ? 8.438   -0.310  -1.832  1.00 22.97 ? 201 2U6 A C8  1 
HETATM 828 C  C7  . 2U6 B 2 .   ? 8.717   -0.759  -0.539  1.00 22.72 ? 201 2U6 A C7  1 
HETATM 829 C  C6  . 2U6 B 2 .   ? 8.078   -1.880  -0.011  1.00 23.57 ? 201 2U6 A C6  1 
HETATM 830 C  C2  . 2U6 B 2 .   ? 8.405   -2.358  1.421   1.00 24.79 ? 201 2U6 A C2  1 
HETATM 831 O  O1  . 2U6 B 2 .   ? 9.821   -2.335  1.683   1.00 24.28 ? 201 2U6 A O1  1 
HETATM 832 C  C3  . 2U6 B 2 .   ? 10.120  -2.867  2.985   1.00 25.90 ? 201 2U6 A C3  1 
HETATM 833 C  C22 . 2U6 B 2 .   ? 10.205  -4.389  3.131   1.00 26.41 ? 201 2U6 A C22 1 
HETATM 834 C  C24 . 2U6 B 2 .   ? 11.330  -5.118  2.366   1.00 25.76 ? 201 2U6 A C24 1 
HETATM 835 C  C25 . 2U6 B 2 .   ? 12.396  -5.605  3.122   1.00 27.16 ? 201 2U6 A C25 1 
HETATM 836 C  C26 . 2U6 B 2 .   ? 13.439  -6.278  2.504   1.00 27.87 ? 201 2U6 A C26 1 
HETATM 837 C  C27 . 2U6 B 2 .   ? 13.374  -6.468  1.134   1.00 27.70 ? 201 2U6 A C27 1 
HETATM 838 C  C29 . 2U6 B 2 .   ? 14.507  -7.220  0.435   1.00 31.65 ? 201 2U6 A C29 1 
HETATM 839 O  O4  . 2U6 B 2 .   ? 14.400  -7.428  -0.795  1.00 31.97 ? 201 2U6 A O4  1 
HETATM 840 O  O3  . 2U6 B 2 .   ? 15.451  -7.627  1.148   1.00 33.31 ? 201 2U6 A O3  1 
HETATM 841 C  C28 . 2U6 B 2 .   ? 12.281  -5.976  0.422   1.00 26.07 ? 201 2U6 A C28 1 
HETATM 842 N  N2  . 2U6 B 2 .   ? 11.295  -5.329  1.040   1.00 25.57 ? 201 2U6 A N2  1 
HETATM 843 C  C23 . 2U6 B 2 .   ? 11.514  -2.305  3.267   1.00 28.14 ? 201 2U6 A C23 1 
HETATM 844 C  C4  . 2U6 B 2 .   ? 9.285   -2.235  4.095   1.00 29.67 ? 201 2U6 A C4  1 
HETATM 845 O  O2  . 2U6 B 2 .   ? 9.693   -2.354  5.250   1.00 31.47 ? 201 2U6 A O2  1 
HETATM 846 N  N1  . 2U6 B 2 .   ? 8.106   -1.519  3.813   1.00 28.58 ? 201 2U6 A N1  1 
HETATM 847 C  C17 . 2U6 B 2 .   ? 7.431   -0.779  4.924   1.00 30.82 ? 201 2U6 A C17 1 
HETATM 848 C  C18 . 2U6 B 2 .   ? 6.784   -1.597  6.049   1.00 33.25 ? 201 2U6 A C18 1 
HETATM 849 C  C20 . 2U6 B 2 .   ? 5.375   -1.152  6.409   1.00 33.73 ? 201 2U6 A C20 1 
HETATM 850 C  C21 . 2U6 B 2 .   ? 5.601   -2.485  5.674   1.00 34.14 ? 201 2U6 A C21 1 
HETATM 851 C  C19 . 2U6 B 2 .   ? 8.366   0.287   5.538   1.00 32.02 ? 201 2U6 A C19 1 
HETATM 852 S  S1  . 2U6 B 2 .   ? 8.876   1.569   4.354   1.00 39.54 ? 201 2U6 A S1  1 
HETATM 853 O  O5  . 2U6 B 2 .   ? 7.657   2.268   3.835   1.00 42.98 ? 201 2U6 A O5  1 
HETATM 854 O  O6  . 2U6 B 2 .   ? 9.615   0.944   3.207   1.00 37.73 ? 201 2U6 A O6  1 
HETATM 855 C  C30 . 2U6 B 2 .   ? 9.996   2.777   5.158   1.00 38.88 ? 201 2U6 A C30 1 
HETATM 856 C  C32 . 2U6 B 2 .   ? 10.304  3.880   4.154   1.00 39.59 ? 201 2U6 A C32 1 
HETATM 857 C  C33 . 2U6 B 2 .   ? 11.285  2.075   5.585   1.00 38.80 ? 201 2U6 A C33 1 
HETATM 858 C  C31 . 2U6 B 2 .   ? 9.300   3.386   6.369   1.00 39.64 ? 201 2U6 A C31 1 
HETATM 859 C  C1  . 2U6 B 2 .   ? 7.680   -1.382  2.395   1.00 25.25 ? 201 2U6 A C1  1 
HETATM 860 C  C5  . 2U6 B 2 .   ? 6.155   -1.469  2.180   1.00 24.06 ? 201 2U6 A C5  1 
HETATM 861 C  C12 . 2U6 B 2 .   ? 5.531   -2.707  2.302   1.00 24.64 ? 201 2U6 A C12 1 
HETATM 862 C  C13 . 2U6 B 2 .   ? 4.162   -2.825  2.095   1.00 24.25 ? 201 2U6 A C13 1 
HETATM 863 C  C14 . 2U6 B 2 .   ? 3.422   -1.703  1.749   1.00 23.73 ? 201 2U6 A C14 1 
HETATM 864 CL CL2 . 2U6 B 2 .   ? 1.718   -1.853  1.484   1.00 25.27 ? 201 2U6 A CL2 1 
HETATM 865 C  C15 . 2U6 B 2 .   ? 4.042   -0.465  1.619   1.00 24.70 ? 201 2U6 A C15 1 
HETATM 866 C  C16 . 2U6 B 2 .   ? 5.413   -0.348  1.827   1.00 23.84 ? 201 2U6 A C16 1 
HETATM 867 S  S   . SO4 C 3 .   ? 13.701  -0.589  -14.404 1.00 39.10 ? 202 SO4 A S   1 
HETATM 868 O  O1  . SO4 C 3 .   ? 13.459  0.310   -13.277 1.00 37.63 ? 202 SO4 A O1  1 
HETATM 869 O  O2  . SO4 C 3 .   ? 13.691  -1.981  -13.949 1.00 41.45 ? 202 SO4 A O2  1 
HETATM 870 O  O3  . SO4 C 3 .   ? 12.654  -0.405  -15.408 1.00 39.87 ? 202 SO4 A O3  1 
HETATM 871 O  O4  . SO4 C 3 .   ? 15.007  -0.275  -14.991 1.00 40.24 ? 202 SO4 A O4  1 
HETATM 872 O  O   . HOH D 4 .   ? 6.827   1.593   -5.148  1.00 19.15 ? 301 HOH A O   1 
HETATM 873 O  O   . HOH D 4 .   ? 5.911   4.676   4.510   1.00 22.95 ? 302 HOH A O   1 
HETATM 874 O  O   . HOH D 4 .   ? 2.009   3.180   -16.299 1.00 24.66 ? 303 HOH A O   1 
HETATM 875 O  O   . HOH D 4 .   ? -16.266 -6.296  5.561   1.00 22.53 ? 304 HOH A O   1 
HETATM 876 O  O   . HOH D 4 .   ? 0.756   -6.345  -10.848 1.00 24.85 ? 305 HOH A O   1 
HETATM 877 O  O   . HOH D 4 .   ? 6.203   -10.789 -5.556  1.00 28.52 ? 306 HOH A O   1 
HETATM 878 O  O   . HOH D 4 .   ? 3.459   3.643   15.133  1.00 23.22 ? 307 HOH A O   1 
HETATM 879 O  O   . HOH D 4 .   ? 8.273   -9.055  -6.738  1.00 28.17 ? 308 HOH A O   1 
HETATM 880 O  O   . HOH D 4 .   ? -9.831  8.447   -5.821  1.00 28.28 ? 309 HOH A O   1 
HETATM 881 O  O   . HOH D 4 .   ? 5.807   -10.858 19.349  1.00 28.22 ? 310 HOH A O   1 
HETATM 882 O  O   . HOH D 4 .   ? 7.199   -8.770  -11.487 1.00 30.24 ? 311 HOH A O   1 
HETATM 883 O  O   . HOH D 4 .   ? 8.492   -6.472  -11.851 1.00 26.35 ? 312 HOH A O   1 
HETATM 884 O  O   . HOH D 4 .   ? -13.162 7.270   0.841   1.00 28.92 ? 313 HOH A O   1 
HETATM 885 O  O   . HOH D 4 .   ? 13.169  -0.418  -10.569 1.00 27.69 ? 314 HOH A O   1 
HETATM 886 O  O   . HOH D 4 .   ? 3.019   -12.518 0.078   1.00 40.98 ? 315 HOH A O   1 
HETATM 887 O  O   . HOH D 4 .   ? 3.334   10.240  -13.170 1.00 28.10 ? 316 HOH A O   1 
HETATM 888 O  O   . HOH D 4 .   ? 7.767   4.579   -19.387 1.00 30.68 ? 317 HOH A O   1 
HETATM 889 O  O   . HOH D 4 .   ? -8.080  0.330   -13.778 1.00 27.92 ? 318 HOH A O   1 
HETATM 890 O  O   . HOH D 4 .   ? -11.770 5.532   -8.456  1.00 32.29 ? 319 HOH A O   1 
HETATM 891 O  O   . HOH D 4 .   ? 10.787  -2.078  7.771   1.00 28.46 ? 320 HOH A O   1 
HETATM 892 O  O   . HOH D 4 .   ? 13.551  1.995   -8.771  1.00 33.71 ? 321 HOH A O   1 
HETATM 893 O  O   . HOH D 4 .   ? -15.308 -8.671  3.272   1.00 36.24 ? 322 HOH A O   1 
HETATM 894 O  O   . HOH D 4 .   ? 2.017   10.463  6.308   1.00 38.09 ? 323 HOH A O   1 
HETATM 895 O  O   . HOH D 4 .   ? -9.510  5.344   -16.218 1.00 37.75 ? 324 HOH A O   1 
HETATM 896 O  O   . HOH D 4 .   ? -11.715 -9.065  1.208   1.00 51.05 ? 325 HOH A O   1 
HETATM 897 O  O   . HOH D 4 .   ? -11.030 -9.814  5.488   1.00 38.73 ? 326 HOH A O   1 
HETATM 898 O  O   . HOH D 4 .   ? -4.242  -6.575  -10.448 1.00 31.63 ? 327 HOH A O   1 
HETATM 899 O  O   . HOH D 4 .   ? -11.663 9.276   1.840   1.00 32.68 ? 328 HOH A O   1 
HETATM 900 O  O   . HOH D 4 .   ? -11.642 10.039  4.498   1.00 35.57 ? 329 HOH A O   1 
HETATM 901 O  O   . HOH D 4 .   ? 3.348   12.485  5.495   1.00 35.26 ? 330 HOH A O   1 
HETATM 902 O  O   . HOH D 4 .   ? -11.897 -5.676  12.518  1.00 29.19 ? 331 HOH A O   1 
HETATM 903 O  O   . HOH D 4 .   ? 4.909   11.413  -6.737  1.00 39.19 ? 332 HOH A O   1 
HETATM 904 O  O   . HOH D 4 .   ? -8.473  8.138   -17.636 1.00 34.94 ? 333 HOH A O   1 
HETATM 905 O  O   . HOH D 4 .   ? -3.020  5.064   -18.727 1.00 33.67 ? 334 HOH A O   1 
HETATM 906 O  O   . HOH D 4 .   ? -5.913  13.928  5.216   1.00 37.93 ? 335 HOH A O   1 
HETATM 907 O  O   . HOH D 4 .   ? -12.563 11.565  0.260   1.00 38.42 ? 336 HOH A O   1 
HETATM 908 O  O   . HOH D 4 .   ? 2.891   12.748  -11.776 1.00 41.44 ? 337 HOH A O   1 
HETATM 909 O  O   . HOH D 4 .   ? -9.607  8.942   6.380   1.00 43.45 ? 338 HOH A O   1 
HETATM 910 O  O   . HOH D 4 .   ? -1.529  14.421  -0.574  1.00 43.56 ? 339 HOH A O   1 
HETATM 911 O  O   . HOH D 4 .   ? 8.711   -9.637  -9.226  1.00 39.84 ? 340 HOH A O   1 
HETATM 912 O  O   . HOH D 4 .   ? 13.239  6.245   -6.961  1.00 38.95 ? 341 HOH A O   1 
HETATM 913 O  O   . HOH D 4 .   ? -0.978  -10.665 -5.304  1.00 33.08 ? 342 HOH A O   1 
HETATM 914 O  O   . HOH D 4 .   ? 3.828   -12.965 12.561  0.50 41.22 ? 343 HOH A O   1 
HETATM 915 O  O   . HOH D 4 .   ? 4.562   -7.611  12.368  1.00 36.05 ? 344 HOH A O   1 
HETATM 916 O  O   . HOH D 4 .   ? -8.345  1.959   -16.440 1.00 44.08 ? 345 HOH A O   1 
HETATM 917 O  O   . HOH D 4 .   ? 10.697  -10.883 -4.116  1.00 40.91 ? 346 HOH A O   1 
HETATM 918 O  O   . HOH D 4 .   ? 15.361  -6.488  -7.204  1.00 45.05 ? 347 HOH A O   1 
HETATM 919 O  O   . HOH D 4 .   ? -10.662 8.159   -12.990 1.00 51.74 ? 348 HOH A O   1 
HETATM 920 O  O   . HOH D 4 .   ? 8.020   12.324  -2.781  1.00 44.53 ? 349 HOH A O   1 
HETATM 921 O  O   . HOH D 4 .   ? -6.619  -6.992  -3.776  1.00 36.09 ? 350 HOH A O   1 
HETATM 922 O  O   . HOH D 4 .   ? -0.302  4.259   16.680  1.00 44.55 ? 351 HOH A O   1 
HETATM 923 O  O   . HOH D 4 .   ? -3.774  8.097   11.823  1.00 44.93 ? 352 HOH A O   1 
HETATM 924 O  O   . HOH D 4 .   ? -6.023  -2.991  13.348  1.00 37.59 ? 353 HOH A O   1 
HETATM 925 O  O   . HOH D 4 .   ? -13.969 10.902  -1.422  1.00 44.20 ? 354 HOH A O   1 
HETATM 926 O  O   . HOH D 4 .   ? -12.373 6.924   -10.894 1.00 52.07 ? 355 HOH A O   1 
HETATM 927 O  O   . HOH D 4 .   ? -9.111  -7.101  -3.657  1.00 44.83 ? 356 HOH A O   1 
HETATM 928 O  O   . HOH D 4 .   ? 12.109  0.996   1.706   1.00 52.78 ? 357 HOH A O   1 
HETATM 929 O  O   . HOH D 4 .   ? 12.655  -7.241  -12.038 1.00 50.82 ? 358 HOH A O   1 
HETATM 930 O  O   . HOH D 4 .   ? 0.288   -12.658 -1.021  1.00 52.94 ? 359 HOH A O   1 
HETATM 931 O  O   . HOH D 4 .   ? 12.384  -13.208 6.376   1.00 52.31 ? 360 HOH A O   1 
HETATM 932 O  O   . HOH D 4 .   ? -4.599  5.939   10.481  1.00 42.88 ? 361 HOH A O   1 
HETATM 933 O  O   . HOH D 4 .   ? 9.116   -13.469 1.963   1.00 47.74 ? 362 HOH A O   1 
HETATM 934 O  O   . HOH D 4 .   ? -11.268 -0.226  -13.650 1.00 55.74 ? 363 HOH A O   1 
HETATM 935 O  O   . HOH D 4 .   ? 11.153  -8.580  -9.553  1.00 44.51 ? 364 HOH A O   1 
HETATM 936 O  O   . HOH D 4 .   ? -5.293  -5.881  13.371  1.00 41.22 ? 365 HOH A O   1 
HETATM 937 O  O   . HOH D 4 .   ? 9.435   9.357   1.430   1.00 43.60 ? 366 HOH A O   1 
HETATM 938 O  O   . HOH D 4 .   ? -4.976  -8.028  11.604  1.00 42.27 ? 367 HOH A O   1 
HETATM 939 O  O   . HOH D 4 .   ? -8.219  2.512   10.610  1.00 45.68 ? 368 HOH A O   1 
HETATM 940 O  O   . HOH D 4 .   ? 12.208  4.659   -9.218  1.00 42.92 ? 369 HOH A O   1 
HETATM 941 O  O   . HOH D 4 .   ? 6.617   1.139   18.402  1.00 53.50 ? 370 HOH A O   1 
HETATM 942 O  O   . HOH D 4 .   ? 15.209  -2.561  -11.252 1.00 50.08 ? 371 HOH A O   1 
HETATM 943 O  O   . HOH D 4 .   ? -0.738  -12.325 -3.033  1.00 46.93 ? 372 HOH A O   1 
HETATM 944 O  O   . HOH D 4 .   ? -10.287 8.685   8.964   1.00 55.71 ? 373 HOH A O   1 
HETATM 945 O  O   . HOH D 4 .   ? -3.359  -5.433  -12.869 1.00 41.79 ? 374 HOH A O   1 
HETATM 946 O  O   . HOH D 4 .   ? -6.295  -1.659  -12.039 1.00 36.80 ? 375 HOH A O   1 
HETATM 947 O  O   . HOH D 4 .   ? 11.989  -5.958  15.523  1.00 46.82 ? 376 HOH A O   1 
HETATM 948 O  O   . HOH D 4 .   ? 12.179  -4.473  -12.324 1.00 51.65 ? 377 HOH A O   1 
HETATM 949 O  O   . HOH D 4 .   ? 9.599   -15.068 8.198   1.00 45.06 ? 378 HOH A O   1 
HETATM 950 O  O   . HOH D 4 .   ? 1.923   -14.713 4.193   1.00 54.59 ? 379 HOH A O   1 
HETATM 951 O  O   . HOH D 4 .   ? 13.754  3.011   2.262   1.00 50.80 ? 380 HOH A O   1 
HETATM 952 O  O   . HOH D 4 .   ? 0.805   12.811  -7.436  1.00 53.71 ? 381 HOH A O   1 
HETATM 953 O  O   . HOH D 4 .   ? 1.345   -11.216 -8.714  1.00 41.10 ? 382 HOH A O   1 
HETATM 954 O  O   . HOH D 4 .   ? 7.675   7.060   -15.971 1.00 40.49 ? 383 HOH A O   1 
HETATM 955 O  O   . HOH D 4 .   ? 8.668   -2.652  16.651  1.00 48.10 ? 384 HOH A O   1 
HETATM 956 O  O   . HOH D 4 .   ? 15.354  2.332   -13.497 1.00 44.31 ? 385 HOH A O   1 
HETATM 957 O  O   . HOH D 4 .   ? 3.590   -10.638 11.768  1.00 57.53 ? 386 HOH A O   1 
HETATM 958 O  O   . HOH D 4 .   ? 2.827   9.686   8.711   1.00 30.76 ? 387 HOH A O   1 
HETATM 959 O  O   . HOH D 4 .   ? 9.848   5.688   -9.921  1.00 32.13 ? 388 HOH A O   1 
HETATM 960 O  O   . HOH D 4 .   ? -14.898 7.871   2.776   1.00 42.48 ? 389 HOH A O   1 
HETATM 961 O  O   . HOH D 4 .   ? 8.369   6.094   5.078   1.00 48.05 ? 390 HOH A O   1 
HETATM 962 O  O   . HOH D 4 .   ? -12.076 9.814   -6.193  1.00 58.11 ? 391 HOH A O   1 
HETATM 963 O  O   . HOH D 4 .   ? -2.820  1.965   16.503  1.00 50.56 ? 392 HOH A O   1 
HETATM 964 O  O   . HOH D 4 .   ? 5.395   13.149  3.014   1.00 34.64 ? 393 HOH A O   1 
HETATM 965 O  O   . HOH D 4 .   ? -5.391  -9.280  -10.800 1.00 34.73 ? 394 HOH A O   1 
HETATM 966 O  O   . HOH D 4 .   ? -6.353  14.900  -7.102  1.00 38.77 ? 395 HOH A O   1 
HETATM 967 O  O   . HOH D 4 .   ? 5.780   12.519  -4.151  1.00 49.14 ? 396 HOH A O   1 
HETATM 968 O  O   . HOH D 4 .   ? 8.827   12.642  -7.651  1.00 56.00 ? 397 HOH A O   1 
HETATM 969 O  O   . HOH D 4 .   ? -8.968  -2.175  14.627  1.00 53.24 ? 398 HOH A O   1 
# 
loop_
_atom_site_anisotrop.id 
_atom_site_anisotrop.type_symbol 
_atom_site_anisotrop.pdbx_label_atom_id 
_atom_site_anisotrop.pdbx_label_alt_id 
_atom_site_anisotrop.pdbx_label_comp_id 
_atom_site_anisotrop.pdbx_label_asym_id 
_atom_site_anisotrop.pdbx_label_seq_id 
_atom_site_anisotrop.pdbx_PDB_ins_code 
_atom_site_anisotrop.U[1][1] 
_atom_site_anisotrop.U[2][2] 
_atom_site_anisotrop.U[3][3] 
_atom_site_anisotrop.U[1][2] 
_atom_site_anisotrop.U[1][3] 
_atom_site_anisotrop.U[2][3] 
_atom_site_anisotrop.pdbx_auth_seq_id 
_atom_site_anisotrop.pdbx_auth_comp_id 
_atom_site_anisotrop.pdbx_auth_asym_id 
_atom_site_anisotrop.pdbx_auth_atom_id 
1   N N   . GLY A 7   ? 0.3324 0.3775 0.5140 -0.0476 0.0308  -0.1260 12  GLY A N   
2   C CA  . GLY A 7   ? 0.2697 0.3197 0.4370 -0.0344 0.0306  -0.1185 12  GLY A CA  
3   C C   . GLY A 7   ? 0.2431 0.2949 0.4067 -0.0308 0.0324  -0.0998 12  GLY A C   
4   O O   . GLY A 7   ? 0.2535 0.2937 0.4116 -0.0238 0.0352  -0.0905 12  GLY A O   
5   N N   . ALA A 8   ? 0.2433 0.3111 0.4103 -0.0349 0.0307  -0.0956 13  ALA A N   
6   C CA  . ALA A 8   ? 0.2468 0.3166 0.4105 -0.0312 0.0321  -0.0815 13  ALA A CA  
7   C C   . ALA A 8   ? 0.2615 0.3545 0.4276 -0.0313 0.0284  -0.0807 13  ALA A C   
8   O O   . ALA A 8   ? 0.3065 0.4135 0.4808 -0.0375 0.0261  -0.0887 13  ALA A O   
9   C CB  . ALA A 8   ? 0.2739 0.3287 0.4430 -0.0358 0.0379  -0.0741 13  ALA A CB  
10  N N   . VAL A 9   ? 0.2505 0.3479 0.4110 -0.0243 0.0275  -0.0716 14  VAL A N   
11  C CA  A VAL A 9   ? 0.2589 0.3747 0.4231 -0.0219 0.0247  -0.0689 14  VAL A CA  
12  C CA  B VAL A 9   ? 0.2592 0.3750 0.4234 -0.0219 0.0247  -0.0689 14  VAL A CA  
13  C C   . VAL A 9   ? 0.2634 0.3730 0.4269 -0.0179 0.0273  -0.0608 14  VAL A C   
14  O O   . VAL A 9   ? 0.2667 0.3629 0.4232 -0.0143 0.0282  -0.0561 14  VAL A O   
15  C CB  A VAL A 9   ? 0.2576 0.3883 0.4167 -0.0156 0.0196  -0.0672 14  VAL A CB  
16  C CB  B VAL A 9   ? 0.2580 0.3890 0.4173 -0.0159 0.0196  -0.0675 14  VAL A CB  
17  C CG1 A VAL A 9   ? 0.2680 0.4118 0.4262 -0.0187 0.0165  -0.0780 14  VAL A CG1 
18  C CG1 B VAL A 9   ? 0.2539 0.3740 0.4051 -0.0103 0.0202  -0.0598 14  VAL A CG1 
19  C CG2 A VAL A 9   ? 0.2537 0.3732 0.4049 -0.0102 0.0203  -0.0593 14  VAL A CG2 
20  C CG2 B VAL A 9   ? 0.2508 0.4002 0.4156 -0.0116 0.0167  -0.0631 14  VAL A CG2 
21  N N   . THR A 10  ? 0.2530 0.3750 0.4242 -0.0183 0.0284  -0.0606 15  THR A N   
22  C CA  . THR A 10  ? 0.2537 0.3723 0.4240 -0.0136 0.0316  -0.0562 15  THR A CA  
23  C C   . THR A 10  ? 0.2166 0.3486 0.3918 -0.0053 0.0291  -0.0545 15  THR A C   
24  O O   . THR A 10  ? 0.2400 0.3879 0.4203 -0.0038 0.0250  -0.0550 15  THR A O   
25  C CB  . THR A 10  ? 0.2985 0.4201 0.4746 -0.0198 0.0378  -0.0562 15  THR A CB  
26  O OG1 . THR A 10  ? 0.3160 0.4567 0.5050 -0.0260 0.0374  -0.0604 15  THR A OG1 
27  C CG2 . THR A 10  ? 0.3116 0.4152 0.4831 -0.0255 0.0411  -0.0545 15  THR A CG2 
28  N N   . THR A 11  ? 0.1947 0.3204 0.3676 0.0010  0.0314  -0.0530 16  THR A N   
29  C CA  . THR A 11  ? 0.1851 0.3179 0.3634 0.0111  0.0297  -0.0518 16  THR A CA  
30  C C   . THR A 11  ? 0.2019 0.3375 0.3813 0.0163  0.0350  -0.0551 16  THR A C   
31  O O   . THR A 11  ? 0.2077 0.3343 0.3791 0.0137  0.0387  -0.0568 16  THR A O   
32  C CB  . THR A 11  ? 0.1755 0.2914 0.3492 0.0167  0.0257  -0.0477 16  THR A CB  
33  O OG1 . THR A 11  ? 0.2022 0.3179 0.3820 0.0276  0.0250  -0.0467 16  THR A OG1 
34  C CG2 . THR A 11  ? 0.1817 0.2781 0.3463 0.0134  0.0267  -0.0495 16  THR A CG2 
35  N N   . SER A 12  ? 0.1967 0.3473 0.3854 0.0252  0.0353  -0.0556 17  SER A N   
36  C CA  . SER A 12  ? 0.1951 0.3511 0.3849 0.0330  0.0407  -0.0603 17  SER A CA  
37  C C   . SER A 12  ? 0.1852 0.3187 0.3681 0.0421  0.0393  -0.0645 17  SER A C   
38  O O   . SER A 12  ? 0.2220 0.3572 0.4023 0.0493  0.0436  -0.0716 17  SER A O   
39  C CB  . SER A 12  ? 0.2276 0.4110 0.4322 0.0407  0.0421  -0.0603 17  SER A CB  
40  O OG  . SER A 12  ? 0.2701 0.4538 0.4811 0.0489  0.0357  -0.0557 17  SER A OG  
41  N N   . GLN A 13  ? 0.1819 0.2953 0.3623 0.0414  0.0336  -0.0611 18  GLN A N   
42  C CA  . GLN A 13  ? 0.1754 0.2653 0.3531 0.0475  0.0313  -0.0655 18  GLN A CA  
43  C C   . GLN A 13  ? 0.2032 0.2814 0.3684 0.0413  0.0319  -0.0721 18  GLN A C   
44  O O   . GLN A 13  ? 0.2513 0.3141 0.4140 0.0455  0.0303  -0.0805 18  GLN A O   
45  C CB  . GLN A 13  ? 0.1581 0.2329 0.3402 0.0471  0.0256  -0.0567 18  GLN A CB  
46  C CG  . GLN A 13  ? 0.1723 0.2576 0.3658 0.0564  0.0238  -0.0484 18  GLN A CG  
47  C CD  . GLN A 13  ? 0.2062 0.2754 0.4032 0.0571  0.0193  -0.0371 18  GLN A CD  
48  O OE1 . GLN A 13  ? 0.2292 0.2744 0.4247 0.0534  0.0180  -0.0382 18  GLN A OE1 
49  N NE2 . GLN A 13  ? 0.2071 0.2924 0.4094 0.0612  0.0169  -0.0255 18  GLN A NE2 
50  N N   . ILE A 14  ? 0.1842 0.2701 0.3427 0.0318  0.0338  -0.0689 19  ILE A N   
51  C CA  . ILE A 14  ? 0.1959 0.2747 0.3425 0.0266  0.0337  -0.0719 19  ILE A CA  
52  C C   . ILE A 14  ? 0.1929 0.2891 0.3340 0.0249  0.0405  -0.0712 19  ILE A C   
53  O O   . ILE A 14  ? 0.2024 0.3119 0.3505 0.0217  0.0440  -0.0659 19  ILE A O   
54  C CB  . ILE A 14  ? 0.1966 0.2678 0.3414 0.0177  0.0301  -0.0646 19  ILE A CB  
55  C CG1 . ILE A 14  ? 0.2348 0.2940 0.3867 0.0181  0.0248  -0.0611 19  ILE A CG1 
56  C CG2 . ILE A 14  ? 0.1978 0.2646 0.3318 0.0139  0.0292  -0.0663 19  ILE A CG2 
57  C CD1 . ILE A 14  ? 0.2516 0.2944 0.4037 0.0195  0.0210  -0.0670 19  ILE A CD1 
58  N N   . PRO A 15  ? 0.2147 0.3129 0.3440 0.0268  0.0426  -0.0762 20  PRO A N   
59  C CA  . PRO A 15  ? 0.1864 0.3023 0.3099 0.0250  0.0504  -0.0716 20  PRO A CA  
60  C C   . PRO A 15  ? 0.1891 0.3033 0.3149 0.0148  0.0517  -0.0600 20  PRO A C   
61  O O   . PRO A 15  ? 0.1834 0.2836 0.3070 0.0108  0.0467  -0.0574 20  PRO A O   
62  C CB  . PRO A 15  ? 0.2272 0.3445 0.3347 0.0288  0.0500  -0.0776 20  PRO A CB  
63  C CG  . PRO A 15  ? 0.2547 0.3596 0.3630 0.0353  0.0438  -0.0912 20  PRO A CG  
64  C CD  . PRO A 15  ? 0.2280 0.3158 0.3494 0.0313  0.0383  -0.0870 20  PRO A CD  
65  N N   . ALA A 16  ? 0.1787 0.3073 0.3106 0.0104  0.0588  -0.0535 21  ALA A N   
66  C CA  . ALA A 16  ? 0.1803 0.3037 0.3174 0.0001  0.0603  -0.0444 21  ALA A CA  
67  C C   . ALA A 16  ? 0.2025 0.3136 0.3277 -0.0014 0.0597  -0.0381 21  ALA A C   
68  O O   . ALA A 16  ? 0.2024 0.2995 0.3299 -0.0059 0.0566  -0.0350 21  ALA A O   
69  C CB  . ALA A 16  ? 0.1876 0.3284 0.3346 -0.0058 0.0688  -0.0385 21  ALA A CB  
70  N N   . SER A 17  ? 0.1985 0.3175 0.3106 0.0039  0.0626  -0.0367 22  SER A N   
71  C CA  . SER A 17  ? 0.1999 0.3130 0.3002 0.0044  0.0619  -0.0289 22  SER A CA  
72  C C   . SER A 17  ? 0.2082 0.3074 0.3054 0.0061  0.0524  -0.0343 22  SER A C   
73  O O   . SER A 17  ? 0.2124 0.3034 0.3071 0.0050  0.0507  -0.0271 22  SER A O   
74  C CB  . SER A 17  ? 0.2315 0.3627 0.3165 0.0111  0.0662  -0.0271 22  SER A CB  
75  O OG  . SER A 17  ? 0.2594 0.3885 0.3324 0.0130  0.0644  -0.0182 22  SER A OG  
76  N N   . GLU A 18  ? 0.1901 0.2871 0.2892 0.0090  0.0468  -0.0461 23  GLU A N   
77  C CA  . GLU A 18  ? 0.1817 0.2676 0.2812 0.0088  0.0384  -0.0503 23  GLU A CA  
78  C C   . GLU A 18  ? 0.1926 0.2678 0.3016 0.0036  0.0372  -0.0448 23  GLU A C   
79  O O   . GLU A 18  ? 0.2042 0.2738 0.3125 0.0029  0.0330  -0.0428 23  GLU A O   
80  C CB  . GLU A 18  ? 0.1668 0.2491 0.2696 0.0117  0.0336  -0.0626 23  GLU A CB  
81  C CG  . GLU A 18  ? 0.1678 0.2398 0.2735 0.0092  0.0255  -0.0655 23  GLU A CG  
82  C CD  . GLU A 18  ? 0.2081 0.2723 0.3186 0.0110  0.0207  -0.0769 23  GLU A CD  
83  O OE1 . GLU A 18  ? 0.2150 0.2809 0.3256 0.0165  0.0234  -0.0842 23  GLU A OE1 
84  O OE2 . GLU A 18  ? 0.2209 0.2771 0.3371 0.0070  0.0147  -0.0783 23  GLU A OE2 
85  N N   . GLN A 19  ? 0.1894 0.2651 0.3074 0.0003  0.0408  -0.0434 24  GLN A N   
86  C CA  . GLN A 19  ? 0.2006 0.2691 0.3264 -0.0041 0.0395  -0.0415 24  GLN A CA  
87  C C   . GLN A 19  ? 0.2109 0.2725 0.3357 -0.0068 0.0428  -0.0343 24  GLN A C   
88  O O   . GLN A 19  ? 0.1985 0.2527 0.3283 -0.0092 0.0419  -0.0347 24  GLN A O   
89  C CB  . GLN A 19  ? 0.1746 0.2498 0.3105 -0.0066 0.0406  -0.0446 24  GLN A CB  
90  C CG  . GLN A 19  ? 0.1876 0.2676 0.3254 -0.0013 0.0379  -0.0498 24  GLN A CG  
91  C CD  . GLN A 19  ? 0.2002 0.2915 0.3483 -0.0014 0.0386  -0.0514 24  GLN A CD  
92  O OE1 . GLN A 19  ? 0.2253 0.3188 0.3790 -0.0044 0.0360  -0.0510 24  GLN A OE1 
93  N NE2 . GLN A 19  ? 0.1815 0.2839 0.3323 0.0029  0.0420  -0.0538 24  GLN A NE2 
94  N N   . GLU A 20  ? 0.2125 0.2767 0.3304 -0.0052 0.0471  -0.0275 25  GLU A N   
95  C CA  . GLU A 20  ? 0.2189 0.2739 0.3359 -0.0056 0.0505  -0.0176 25  GLU A CA  
96  C C   . GLU A 20  ? 0.2225 0.2774 0.3301 0.0013  0.0461  -0.0139 25  GLU A C   
97  O O   . GLU A 20  ? 0.2375 0.2854 0.3436 0.0040  0.0484  -0.0041 25  GLU A O   
98  C CB  . GLU A 20  ? 0.2223 0.2820 0.3383 -0.0079 0.0587  -0.0076 25  GLU A CB  
99  C CG  . GLU A 20  ? 0.2426 0.3074 0.3709 -0.0160 0.0635  -0.0102 25  GLU A CG  
100 C CD  . GLU A 20  ? 0.3258 0.3768 0.4676 -0.0237 0.0633  -0.0134 25  GLU A CD  
101 O OE1 . GLU A 20  ? 0.3838 0.4179 0.5260 -0.0229 0.0632  -0.0094 25  GLU A OE1 
102 O OE2 . GLU A 20  ? 0.3672 0.4258 0.5194 -0.0295 0.0627  -0.0211 25  GLU A OE2 
103 N N   . THR A 21  ? 0.2191 0.2818 0.3223 0.0040  0.0398  -0.0215 26  THR A N   
104 C CA  . THR A 21  ? 0.2271 0.2950 0.3239 0.0090  0.0343  -0.0199 26  THR A CA  
105 C C   . THR A 21  ? 0.2142 0.2739 0.3171 0.0108  0.0332  -0.0154 26  THR A C   
106 O O   . THR A 21  ? 0.2125 0.2658 0.3238 0.0078  0.0327  -0.0204 26  THR A O   
107 C CB  . THR A 21  ? 0.2178 0.2922 0.3143 0.0084  0.0271  -0.0312 26  THR A CB  
108 O OG1 . THR A 21  ? 0.2258 0.3070 0.3163 0.0091  0.0282  -0.0377 26  THR A OG1 
109 C CG2 . THR A 21  ? 0.2181 0.3023 0.3109 0.0116  0.0204  -0.0309 26  THR A CG2 
110 N N   . LEU A 22  ? 0.2044 0.2666 0.3027 0.0170  0.0332  -0.0059 27  LEU A N   
111 C CA  . LEU A 22  ? 0.2078 0.2638 0.3121 0.0219  0.0326  -0.0017 27  LEU A CA  
112 C C   . LEU A 22  ? 0.2085 0.2784 0.3154 0.0236  0.0251  -0.0069 27  LEU A C   
113 O O   . LEU A 22  ? 0.2259 0.3113 0.3269 0.0248  0.0196  -0.0080 27  LEU A O   
114 C CB  . LEU A 22  ? 0.2471 0.2999 0.3472 0.0299  0.0359  0.0132  27  LEU A CB  
115 C CG  . LEU A 22  ? 0.3002 0.3354 0.4026 0.0269  0.0447  0.0215  27  LEU A CG  
116 C CD1 . LEU A 22  ? 0.3181 0.3500 0.4163 0.0358  0.0481  0.0399  27  LEU A CD1 
117 C CD2 . LEU A 22  ? 0.3237 0.3396 0.4386 0.0224  0.0474  0.0139  27  LEU A CD2 
118 N N   . VAL A 23  ? 0.1694 0.2357 0.2852 0.0234  0.0250  -0.0106 28  VAL A N   
119 C CA  . VAL A 23  ? 0.1549 0.2363 0.2766 0.0227  0.0192  -0.0145 28  VAL A CA  
120 C C   . VAL A 23  ? 0.1732 0.2570 0.3025 0.0295  0.0208  -0.0120 28  VAL A C   
121 O O   . VAL A 23  ? 0.1806 0.2497 0.3116 0.0325  0.0262  -0.0122 28  VAL A O   
122 C CB  . VAL A 23  ? 0.2006 0.2817 0.3265 0.0139  0.0176  -0.0228 28  VAL A CB  
123 C CG1 . VAL A 23  ? 0.2073 0.2869 0.3271 0.0093  0.0159  -0.0274 28  VAL A CG1 
124 C CG2 . VAL A 23  ? 0.2092 0.2796 0.3386 0.0122  0.0225  -0.0254 28  VAL A CG2 
125 N N   . ARG A 24  ? 0.1773 0.2806 0.3121 0.0317  0.0159  -0.0110 29  ARG A N   
126 C CA  . ARG A 24  ? 0.1983 0.3104 0.3419 0.0392  0.0176  -0.0091 29  ARG A CA  
127 C C   . ARG A 24  ? 0.1782 0.3061 0.3308 0.0317  0.0155  -0.0134 29  ARG A C   
128 O O   . ARG A 24  ? 0.1910 0.3377 0.3496 0.0273  0.0097  -0.0129 29  ARG A O   
129 C CB  . ARG A 24  ? 0.2328 0.3603 0.3781 0.0500  0.0144  -0.0011 29  ARG A CB  
130 C CG  . ARG A 24  ? 0.3060 0.4175 0.4430 0.0587  0.0175  0.0076  29  ARG A CG  
131 C CD  . ARG A 24  ? 0.3905 0.5139 0.5313 0.0741  0.0164  0.0178  29  ARG A CD  
132 N NE  . ARG A 24  ? 0.4724 0.5761 0.6064 0.0825  0.0208  0.0292  29  ARG A NE  
133 C CZ  . ARG A 24  ? 0.5142 0.6259 0.6382 0.0851  0.0178  0.0394  29  ARG A CZ  
134 N NH1 . ARG A 24  ? 0.5203 0.6591 0.6394 0.0802  0.0095  0.0361  29  ARG A NH1 
135 N NH2 . ARG A 24  ? 0.5445 0.6371 0.6634 0.0925  0.0233  0.0528  29  ARG A NH2 
136 N N   . PRO A 25  ? 0.1830 0.3045 0.3372 0.0296  0.0203  -0.0175 30  PRO A N   
137 C CA  . PRO A 25  ? 0.1535 0.2903 0.3157 0.0229  0.0198  -0.0180 30  PRO A CA  
138 C C   . PRO A 25  ? 0.1619 0.3254 0.3356 0.0266  0.0187  -0.0138 30  PRO A C   
139 O O   . PRO A 25  ? 0.1718 0.3422 0.3474 0.0385  0.0210  -0.0121 30  PRO A O   
140 C CB  . PRO A 25  ? 0.1444 0.2737 0.3032 0.0250  0.0258  -0.0223 30  PRO A CB  
141 C CG  . PRO A 25  ? 0.1458 0.2504 0.2954 0.0258  0.0273  -0.0262 30  PRO A CG  
142 C CD  . PRO A 25  ? 0.1803 0.2810 0.3288 0.0324  0.0259  -0.0215 30  PRO A CD  
143 N N   . LYS A 26  ? 0.1327 0.3116 0.3161 0.0162  0.0151  -0.0116 31  LYS A N   
144 C CA  . LYS A 26  ? 0.1522 0.3614 0.3504 0.0162  0.0146  -0.0069 31  LYS A CA  
145 C C   . LYS A 26  ? 0.1480 0.3672 0.3481 0.0214  0.0228  -0.0054 31  LYS A C   
146 O O   . LYS A 26  ? 0.1611 0.3635 0.3508 0.0226  0.0270  -0.0089 31  LYS A O   
147 C CB  . LYS A 26  ? 0.1705 0.3891 0.3805 0.0006  0.0086  -0.0055 31  LYS A CB  
148 C CG  . LYS A 26  ? 0.1962 0.4167 0.4058 -0.0020 -0.0005 -0.0096 31  LYS A CG  
149 C CD  . LYS A 26  ? 0.2470 0.4679 0.4672 -0.0188 -0.0069 -0.0130 31  LYS A CD  
150 C CE  . LYS A 26  ? 0.3002 0.5201 0.5149 -0.0207 -0.0162 -0.0215 31  LYS A CE  
151 N NZ  . LYS A 26  ? 0.3397 0.5930 0.5680 -0.0230 -0.0238 -0.0219 31  LYS A NZ  
152 N N   . PRO A 27  ? 0.1261 0.3767 0.3392 0.0252  0.0252  -0.0007 32  PRO A N   
153 C CA  . PRO A 27  ? 0.1237 0.3869 0.3357 0.0346  0.0340  -0.0012 32  PRO A CA  
154 C C   . PRO A 27  ? 0.1466 0.4053 0.3517 0.0285  0.0388  -0.0007 32  PRO A C   
155 O O   . PRO A 27  ? 0.1596 0.4131 0.3537 0.0380  0.0440  -0.0075 32  PRO A O   
156 C CB  . PRO A 27  ? 0.1262 0.4200 0.3518 0.0346  0.0346  0.0052  32  PRO A CB  
157 C CG  . PRO A 27  ? 0.1296 0.4285 0.3627 0.0351  0.0265  0.0059  32  PRO A CG  
158 C CD  . PRO A 27  ? 0.1415 0.4197 0.3701 0.0242  0.0202  0.0035  32  PRO A CD  
159 N N   . LEU A 28  ? 0.1293 0.3902 0.3407 0.0136  0.0367  0.0069  33  LEU A N   
160 C CA  . LEU A 28  ? 0.1578 0.4177 0.3626 0.0100  0.0413  0.0107  33  LEU A CA  
161 C C   . LEU A 28  ? 0.1410 0.3705 0.3287 0.0124  0.0398  0.0019  33  LEU A C   
162 O O   . LEU A 28  ? 0.1572 0.3889 0.3342 0.0185  0.0441  -0.0023 33  LEU A O   
163 C CB  . LEU A 28  ? 0.1758 0.4414 0.3932 -0.0058 0.0399  0.0235  33  LEU A CB  
164 C CG  . LEU A 28  ? 0.1849 0.4498 0.3954 -0.0083 0.0444  0.0312  33  LEU A CG  
165 C CD1 . LEU A 28  ? 0.1562 0.4442 0.3563 0.0021  0.0522  0.0316  33  LEU A CD1 
166 C CD2 . LEU A 28  ? 0.2141 0.4798 0.4399 -0.0237 0.0433  0.0462  33  LEU A CD2 
167 N N   . LEU A 29  ? 0.1445 0.3493 0.3304 0.0075  0.0336  -0.0016 34  LEU A N   
168 C CA  . LEU A 29  ? 0.1455 0.3249 0.3183 0.0090  0.0325  -0.0093 34  LEU A CA  
169 C C   . LEU A 29  ? 0.1588 0.3334 0.3227 0.0208  0.0360  -0.0192 34  LEU A C   
170 O O   . LEU A 29  ? 0.1718 0.3397 0.3265 0.0230  0.0380  -0.0257 34  LEU A O   
171 C CB  . LEU A 29  ? 0.1508 0.3092 0.3233 0.0035  0.0264  -0.0115 34  LEU A CB  
172 C CG  . LEU A 29  ? 0.1625 0.2978 0.3235 0.0047  0.0259  -0.0184 34  LEU A CG  
173 C CD1 . LEU A 29  ? 0.1920 0.3269 0.3497 0.0018  0.0273  -0.0169 34  LEU A CD1 
174 C CD2 . LEU A 29  ? 0.1764 0.2970 0.3369 0.0003  0.0210  -0.0201 34  LEU A CD2 
175 N N   . LEU A 30  ? 0.1750 0.3535 0.3428 0.0287  0.0364  -0.0207 35  LEU A N   
176 C CA  . LEU A 30  ? 0.1788 0.3477 0.3409 0.0409  0.0400  -0.0300 35  LEU A CA  
177 C C   . LEU A 30  ? 0.1824 0.3668 0.3406 0.0475  0.0459  -0.0365 35  LEU A C   
178 O O   . LEU A 30  ? 0.2113 0.3818 0.3615 0.0522  0.0478  -0.0481 35  LEU A O   
179 C CB  . LEU A 30  ? 0.1673 0.3410 0.3366 0.0504  0.0395  -0.0274 35  LEU A CB  
180 C CG  . LEU A 30  ? 0.1832 0.3375 0.3485 0.0634  0.0427  -0.0350 35  LEU A CG  
181 C CD1 . LEU A 30  ? 0.1984 0.3203 0.3560 0.0580  0.0409  -0.0381 35  LEU A CD1 
182 C CD2 . LEU A 30  ? 0.1904 0.3535 0.3641 0.0751  0.0421  -0.0292 35  LEU A CD2 
183 N N   . LYS A 31  ? 0.1833 0.3982 0.3475 0.0473  0.0488  -0.0293 36  LYS A N   
184 C CA  . LYS A 31  ? 0.1829 0.4193 0.3413 0.0542  0.0551  -0.0345 36  LYS A CA  
185 C C   . LYS A 31  ? 0.1791 0.4083 0.3252 0.0491  0.0543  -0.0393 36  LYS A C   
186 O O   . LYS A 31  ? 0.2097 0.4410 0.3460 0.0564  0.0569  -0.0526 36  LYS A O   
187 C CB  . LYS A 31  ? 0.1762 0.4463 0.3430 0.0522  0.0586  -0.0215 36  LYS A CB  
188 C CG  . LYS A 31  ? 0.2318 0.5209 0.3866 0.0576  0.0643  -0.0237 36  LYS A CG  
189 C CD  . LYS A 31  ? 0.2975 0.5923 0.4495 0.0718  0.0685  -0.0330 36  LYS A CD  
190 N N   . LEU A 32  ? 0.1773 0.3996 0.3246 0.0371  0.0501  -0.0293 37  LEU A N   
191 C CA  . LEU A 32  ? 0.1769 0.3960 0.3142 0.0329  0.0485  -0.0310 37  LEU A CA  
192 C C   . LEU A 32  ? 0.1957 0.3915 0.3253 0.0353  0.0461  -0.0476 37  LEU A C   
193 O O   . LEU A 32  ? 0.2309 0.4337 0.3510 0.0380  0.0465  -0.0578 37  LEU A O   
194 C CB  . LEU A 32  ? 0.1731 0.3838 0.3158 0.0214  0.0442  -0.0174 37  LEU A CB  
195 C CG  . LEU A 32  ? 0.1989 0.4284 0.3524 0.0153  0.0461  0.0004  37  LEU A CG  
196 C CD1 . LEU A 32  ? 0.2188 0.4355 0.3751 0.0061  0.0424  0.0110  37  LEU A CD1 
197 C CD2 . LEU A 32  ? 0.2168 0.4806 0.3666 0.0211  0.0529  0.0053  37  LEU A CD2 
198 N N   . LEU A 33  ? 0.1866 0.3568 0.3207 0.0340  0.0438  -0.0502 38  LEU A N   
199 C CA  . LEU A 33  ? 0.2178 0.3638 0.3481 0.0340  0.0422  -0.0631 38  LEU A CA  
200 C C   . LEU A 33  ? 0.2479 0.3934 0.3749 0.0441  0.0460  -0.0789 38  LEU A C   
201 O O   . LEU A 33  ? 0.2539 0.3921 0.3758 0.0431  0.0452  -0.0932 38  LEU A O   
202 C CB  . LEU A 33  ? 0.2231 0.3447 0.3586 0.0311  0.0400  -0.0587 38  LEU A CB  
203 C CG  . LEU A 33  ? 0.2335 0.3535 0.3725 0.0227  0.0362  -0.0464 38  LEU A CG  
204 C CD1 . LEU A 33  ? 0.2410 0.3396 0.3814 0.0214  0.0346  -0.0455 38  LEU A CD1 
205 C CD2 . LEU A 33  ? 0.2284 0.3520 0.3647 0.0157  0.0339  -0.0443 38  LEU A CD2 
206 N N   . LYS A 34  ? 0.2624 0.4170 0.3935 0.0540  0.0499  -0.0779 39  LYS A N   
207 C CA  . LYS A 34  ? 0.2774 0.4293 0.4066 0.0661  0.0541  -0.0942 39  LYS A CA  
208 C C   . LYS A 34  ? 0.3072 0.4842 0.4261 0.0696  0.0563  -0.1062 39  LYS A C   
209 O O   . LYS A 34  ? 0.3293 0.4993 0.4439 0.0765  0.0578  -0.1262 39  LYS A O   
210 C CB  . LYS A 34  ? 0.2996 0.4585 0.4372 0.0782  0.0579  -0.0893 39  LYS A CB  
211 C CG  . LYS A 34  ? 0.3212 0.4563 0.4667 0.0774  0.0552  -0.0794 39  LYS A CG  
212 C CD  . LYS A 34  ? 0.3499 0.4835 0.5031 0.0936  0.0589  -0.0804 39  LYS A CD  
213 C CE  . LYS A 34  ? 0.3596 0.4727 0.5187 0.0938  0.0558  -0.0685 39  LYS A CE  
214 N NZ  . LYS A 34  ? 0.3933 0.5052 0.5607 0.1119  0.0589  -0.0673 39  LYS A NZ  
215 N N   . SER A 35  ? 0.2818 0.4877 0.3969 0.0649  0.0562  -0.0941 40  SER A N   
216 C CA  . SER A 35  ? 0.3121 0.5485 0.4151 0.0688  0.0583  -0.1016 40  SER A CA  
217 C C   . SER A 35  ? 0.3308 0.5584 0.4249 0.0634  0.0532  -0.1166 40  SER A C   
218 O O   . SER A 35  ? 0.3694 0.6190 0.4517 0.0686  0.0539  -0.1305 40  SER A O   
219 C CB  . SER A 35  ? 0.3091 0.5768 0.4117 0.0643  0.0599  -0.0800 40  SER A CB  
220 O OG  . SER A 35  ? 0.3201 0.5769 0.4233 0.0524  0.0541  -0.0688 40  SER A OG  
221 N N   . VAL A 36  ? 0.3105 0.5100 0.4101 0.0531  0.0480  -0.1142 41  VAL A N   
222 C CA  . VAL A 36  ? 0.3151 0.5071 0.4102 0.0466  0.0428  -0.1284 41  VAL A CA  
223 C C   . VAL A 36  ? 0.3437 0.4990 0.4468 0.0441  0.0418  -0.1437 41  VAL A C   
224 O O   . VAL A 36  ? 0.3588 0.5010 0.4647 0.0345  0.0374  -0.1500 41  VAL A O   
225 C CB  . VAL A 36  ? 0.2985 0.4949 0.3944 0.0364  0.0377  -0.1136 41  VAL A CB  
226 C CG1 . VAL A 36  ? 0.2747 0.5074 0.3620 0.0392  0.0385  -0.1002 41  VAL A CG1 
227 C CG2 . VAL A 36  ? 0.2777 0.4503 0.3843 0.0305  0.0374  -0.0976 41  VAL A CG2 
228 N N   . GLY A 37  ? 0.3596 0.4995 0.4677 0.0532  0.0465  -0.1479 42  GLY A N   
229 C CA  . GLY A 37  ? 0.3856 0.4900 0.5011 0.0534  0.0471  -0.1632 42  GLY A CA  
230 C C   . GLY A 37  ? 0.3735 0.4457 0.5005 0.0508  0.0481  -0.1495 42  GLY A C   
231 O O   . GLY A 37  ? 0.4106 0.4511 0.5452 0.0510  0.0494  -0.1587 42  GLY A O   
232 N N   . ALA A 38  ? 0.3250 0.4045 0.4533 0.0484  0.0475  -0.1278 43  ALA A N   
233 C CA  . ALA A 38  ? 0.3234 0.3782 0.4598 0.0473  0.0481  -0.1145 43  ALA A CA  
234 C C   . ALA A 38  ? 0.3575 0.4015 0.4991 0.0618  0.0525  -0.1153 43  ALA A C   
235 O O   . ALA A 38  ? 0.3570 0.4226 0.4965 0.0727  0.0552  -0.1178 43  ALA A O   
236 C CB  . ALA A 38  ? 0.2960 0.3642 0.4318 0.0421  0.0456  -0.0950 43  ALA A CB  
237 N N   . GLN A 39  ? 0.3993 0.4117 0.5482 0.0629  0.0539  -0.1118 44  GLN A N   
238 C CA  . GLN A 39  ? 0.4470 0.4449 0.6022 0.0787  0.0582  -0.1125 44  GLN A CA  
239 C C   . GLN A 39  ? 0.4741 0.4632 0.6343 0.0832  0.0582  -0.0913 44  GLN A C   
240 O O   . GLN A 39  ? 0.5147 0.4873 0.6816 0.0967  0.0614  -0.0886 44  GLN A O   
241 C CB  . GLN A 39  ? 0.4769 0.4407 0.6378 0.0801  0.0607  -0.1307 44  GLN A CB  
242 N N   . LYS A 40  ? 0.4500 0.4513 0.6069 0.0733  0.0545  -0.0766 45  LYS A N   
243 C CA  . LYS A 40  ? 0.4370 0.4335 0.5962 0.0767  0.0535  -0.0579 45  LYS A CA  
244 C C   . LYS A 40  ? 0.3751 0.4037 0.5316 0.0757  0.0492  -0.0467 45  LYS A C   
245 O O   . LYS A 40  ? 0.3771 0.4289 0.5313 0.0708  0.0477  -0.0512 45  LYS A O   
246 C CB  . LYS A 40  ? 0.4708 0.4446 0.6292 0.0650  0.0533  -0.0514 45  LYS A CB  
247 C CG  . LYS A 40  ? 0.4902 0.4684 0.6449 0.0495  0.0513  -0.0607 45  LYS A CG  
248 C CD  . LYS A 40  ? 0.5294 0.4956 0.6838 0.0382  0.0513  -0.0519 45  LYS A CD  
249 C CE  . LYS A 40  ? 0.5625 0.5001 0.7247 0.0318  0.0550  -0.0592 45  LYS A CE  
250 N NZ  . LYS A 40  ? 0.5617 0.4992 0.7245 0.0171  0.0547  -0.0553 45  LYS A NZ  
251 N N   . ASP A 41  ? 0.3450 0.3754 0.5028 0.0800  0.0472  -0.0319 46  ASP A N   
252 C CA  . ASP A 41  ? 0.3382 0.3978 0.4954 0.0777  0.0419  -0.0231 46  ASP A CA  
253 C C   . ASP A 41  ? 0.2923 0.3497 0.4428 0.0655  0.0379  -0.0168 46  ASP A C   
254 O O   . ASP A 41  ? 0.2793 0.3574 0.4290 0.0593  0.0330  -0.0143 46  ASP A O   
255 C CB  . ASP A 41  ? 0.3806 0.4532 0.5435 0.0925  0.0408  -0.0130 46  ASP A CB  
256 C CG  . ASP A 41  ? 0.4542 0.5385 0.6252 0.1063  0.0447  -0.0194 46  ASP A CG  
257 O OD1 . ASP A 41  ? 0.4478 0.5399 0.6183 0.1024  0.0472  -0.0311 46  ASP A OD1 
258 O OD2 . ASP A 41  ? 0.5042 0.5928 0.6817 0.1222  0.0454  -0.0123 46  ASP A OD2 
259 N N   . THR A 42  ? 0.2826 0.3153 0.4295 0.0620  0.0404  -0.0145 47  THR A N   
260 C CA  . THR A 42  ? 0.2886 0.3210 0.4286 0.0524  0.0381  -0.0088 47  THR A CA  
261 C C   . THR A 42  ? 0.2756 0.2929 0.4145 0.0409  0.0408  -0.0166 47  THR A C   
262 O O   . THR A 42  ? 0.2931 0.2904 0.4363 0.0410  0.0452  -0.0215 47  THR A O   
263 C CB  . THR A 42  ? 0.3206 0.3458 0.4575 0.0592  0.0390  0.0057  47  THR A CB  
264 O OG1 . THR A 42  ? 0.3439 0.3876 0.4827 0.0712  0.0355  0.0129  47  THR A OG1 
265 C CG2 . THR A 42  ? 0.3340 0.3646 0.4616 0.0506  0.0372  0.0105  47  THR A CG2 
266 N N   . TYR A 43  ? 0.2323 0.2597 0.3670 0.0314  0.0379  -0.0187 48  TYR A N   
267 C CA  . TYR A 43  ? 0.2520 0.2726 0.3871 0.0214  0.0394  -0.0261 48  TYR A CA  
268 C C   . TYR A 43  ? 0.2250 0.2499 0.3549 0.0152  0.0384  -0.0220 48  TYR A C   
269 O O   . TYR A 43  ? 0.2135 0.2493 0.3384 0.0175  0.0352  -0.0168 48  TYR A O   
270 C CB  . TYR A 43  ? 0.2555 0.2894 0.3921 0.0183  0.0369  -0.0352 48  TYR A CB  
271 C CG  . TYR A 43  ? 0.2754 0.3114 0.4151 0.0251  0.0383  -0.0413 48  TYR A CG  
272 C CD1 . TYR A 43  ? 0.3228 0.3509 0.4643 0.0236  0.0407  -0.0524 48  TYR A CD1 
273 C CD2 . TYR A 43  ? 0.2833 0.3325 0.4249 0.0332  0.0373  -0.0373 48  TYR A CD2 
274 C CE1 . TYR A 43  ? 0.3391 0.3710 0.4820 0.0311  0.0425  -0.0606 48  TYR A CE1 
275 C CE2 . TYR A 43  ? 0.2929 0.3475 0.4376 0.0412  0.0398  -0.0434 48  TYR A CE2 
276 C CZ  . TYR A 43  ? 0.3324 0.3776 0.4766 0.0407  0.0426  -0.0557 48  TYR A CZ  
277 O OH  . TYR A 43  ? 0.3594 0.4115 0.5050 0.0498  0.0455  -0.0644 48  TYR A OH  
278 N N   . THR A 44  ? 0.2246 0.2435 0.3566 0.0074  0.0410  -0.0258 49  THR A N   
279 C CA  . THR A 44  ? 0.2174 0.2450 0.3456 0.0025  0.0402  -0.0252 49  THR A CA  
280 C C   . THR A 44  ? 0.2110 0.2494 0.3405 0.0001  0.0358  -0.0329 49  THR A C   
281 O O   . THR A 44  ? 0.2077 0.2473 0.3409 0.0000  0.0349  -0.0381 49  THR A O   
282 C CB  . THR A 44  ? 0.2387 0.2602 0.3712 -0.0045 0.0452  -0.0248 49  THR A CB  
283 O OG1 . THR A 44  ? 0.2623 0.2811 0.4026 -0.0097 0.0450  -0.0345 49  THR A OG1 
284 C CG2 . THR A 44  ? 0.2770 0.2853 0.4104 -0.0032 0.0508  -0.0141 49  THR A CG2 
285 N N   . MET A 45  ? 0.1998 0.2461 0.3264 -0.0010 0.0334  -0.0333 50  MET A N   
286 C CA  . MET A 45  ? 0.1736 0.2266 0.3031 -0.0028 0.0298  -0.0380 50  MET A CA  
287 C C   . MET A 45  ? 0.1674 0.2221 0.3019 -0.0060 0.0309  -0.0422 50  MET A C   
288 O O   . MET A 45  ? 0.1717 0.2322 0.3084 -0.0057 0.0286  -0.0438 50  MET A O   
289 C CB  . MET A 45  ? 0.1603 0.2169 0.2871 -0.0026 0.0274  -0.0395 50  MET A CB  
290 C CG  . MET A 45  ? 0.1384 0.1982 0.2619 -0.0007 0.0232  -0.0388 50  MET A CG  
291 S SD  . MET A 45  ? 0.1889 0.2529 0.3201 -0.0024 0.0188  -0.0379 50  MET A SD  
292 C CE  . MET A 45  ? 0.1883 0.2488 0.3253 -0.0055 0.0168  -0.0409 50  MET A CE  
293 N N   . LYS A 46  ? 0.1660 0.2190 0.3031 -0.0093 0.0344  -0.0435 51  LYS A N   
294 C CA  A LYS A 46  ? 0.1711 0.2302 0.3142 -0.0131 0.0342  -0.0491 51  LYS A CA  
295 C CA  B LYS A 46  ? 0.1629 0.2221 0.3059 -0.0131 0.0341  -0.0491 51  LYS A CA  
296 C C   . LYS A 46  ? 0.1826 0.2401 0.3268 -0.0134 0.0333  -0.0543 51  LYS A C   
297 O O   . LYS A 46  ? 0.1819 0.2503 0.3281 -0.0143 0.0308  -0.0596 51  LYS A O   
298 C CB  A LYS A 46  ? 0.1951 0.2556 0.3440 -0.0186 0.0382  -0.0495 51  LYS A CB  
299 C CB  B LYS A 46  ? 0.1912 0.2522 0.3401 -0.0185 0.0381  -0.0496 51  LYS A CB  
300 C CG  A LYS A 46  ? 0.2105 0.2574 0.3615 -0.0223 0.0431  -0.0468 51  LYS A CG  
301 C CG  B LYS A 46  ? 0.2097 0.2575 0.3603 -0.0220 0.0430  -0.0464 51  LYS A CG  
302 C CD  A LYS A 46  ? 0.2195 0.2702 0.3790 -0.0299 0.0478  -0.0453 51  LYS A CD  
303 C CD  B LYS A 46  ? 0.2143 0.2665 0.3730 -0.0292 0.0479  -0.0447 51  LYS A CD  
304 C CE  A LYS A 46  ? 0.2440 0.2778 0.4100 -0.0357 0.0527  -0.0426 51  LYS A CE  
305 C CE  B LYS A 46  ? 0.2421 0.2779 0.4068 -0.0349 0.0528  -0.0414 51  LYS A CE  
306 N NZ  A LYS A 46  ? 0.2539 0.2743 0.4114 -0.0294 0.0556  -0.0315 51  LYS A NZ  
307 N NZ  B LYS A 46  ? 0.2483 0.2896 0.4232 -0.0439 0.0588  -0.0369 51  LYS A NZ  
308 N N   . GLU A 47  ? 0.1835 0.2295 0.3259 -0.0110 0.0354  -0.0530 52  GLU A N   
309 C CA  . GLU A 47  ? 0.2017 0.2456 0.3445 -0.0086 0.0353  -0.0596 52  GLU A CA  
310 C C   . GLU A 47  ? 0.1875 0.2447 0.3263 -0.0036 0.0324  -0.0582 52  GLU A C   
311 O O   . GLU A 47  ? 0.1769 0.2443 0.3146 -0.0024 0.0314  -0.0645 52  GLU A O   
312 C CB  . GLU A 47  ? 0.2511 0.2781 0.3947 -0.0049 0.0387  -0.0572 52  GLU A CB  
313 C CG  . GLU A 47  ? 0.3326 0.3426 0.4828 -0.0105 0.0429  -0.0580 52  GLU A CG  
314 C CD  . GLU A 47  ? 0.4114 0.4020 0.5633 -0.0043 0.0464  -0.0548 52  GLU A CD  
315 O OE1 . GLU A 47  ? 0.4223 0.4130 0.5694 0.0031  0.0465  -0.0440 52  GLU A OE1 
316 O OE2 . GLU A 47  ? 0.4650 0.4405 0.6236 -0.0061 0.0483  -0.0637 52  GLU A OE2 
317 N N   . VAL A 48  ? 0.1748 0.2339 0.3118 -0.0012 0.0312  -0.0500 53  VAL A N   
318 C CA  . VAL A 48  ? 0.1606 0.2324 0.2971 0.0011  0.0290  -0.0464 53  VAL A CA  
319 C C   . VAL A 48  ? 0.1734 0.2561 0.3103 -0.0012 0.0270  -0.0463 53  VAL A C   
320 O O   . VAL A 48  ? 0.1850 0.2811 0.3209 0.0008  0.0267  -0.0455 53  VAL A O   
321 C CB  . VAL A 48  ? 0.1588 0.2305 0.2961 0.0013  0.0269  -0.0394 53  VAL A CB  
322 C CG1 . VAL A 48  ? 0.1599 0.2443 0.3009 0.0007  0.0250  -0.0347 53  VAL A CG1 
323 C CG2 . VAL A 48  ? 0.1772 0.2435 0.3135 0.0057  0.0281  -0.0376 53  VAL A CG2 
324 N N   . LEU A 49  ? 0.1573 0.2373 0.2958 -0.0041 0.0259  -0.0462 54  LEU A N   
325 C CA  . LEU A 49  ? 0.1570 0.2480 0.2971 -0.0041 0.0237  -0.0447 54  LEU A CA  
326 C C   . LEU A 49  ? 0.1826 0.2865 0.3208 -0.0041 0.0232  -0.0516 54  LEU A C   
327 O O   . LEU A 49  ? 0.1899 0.3096 0.3262 -0.0016 0.0214  -0.0483 54  LEU A O   
328 C CB  . LEU A 49  ? 0.1591 0.2465 0.3024 -0.0051 0.0231  -0.0443 54  LEU A CB  
329 C CG  . LEU A 49  ? 0.1585 0.2391 0.3038 -0.0034 0.0216  -0.0387 54  LEU A CG  
330 C CD1 . LEU A 49  ? 0.1667 0.2530 0.3149 -0.0015 0.0194  -0.0309 54  LEU A CD1 
331 C CD2 . LEU A 49  ? 0.1710 0.2421 0.3139 -0.0045 0.0220  -0.0385 54  LEU A CD2 
332 N N   . PHE A 50  ? 0.1532 0.2511 0.2924 -0.0069 0.0248  -0.0612 55  PHE A N   
333 C CA  . PHE A 50  ? 0.1627 0.2721 0.3007 -0.0079 0.0235  -0.0722 55  PHE A CA  
334 C C   . PHE A 50  ? 0.1786 0.2983 0.3097 -0.0023 0.0240  -0.0737 55  PHE A C   
335 O O   . PHE A 50  ? 0.1845 0.3254 0.3110 -0.0001 0.0217  -0.0758 55  PHE A O   
336 C CB  . PHE A 50  ? 0.1711 0.2662 0.3140 -0.0134 0.0255  -0.0830 55  PHE A CB  
337 C CG  . PHE A 50  ? 0.1810 0.2841 0.3229 -0.0146 0.0239  -0.0987 55  PHE A CG  
338 C CD1 . PHE A 50  ? 0.2064 0.3289 0.3510 -0.0190 0.0194  -0.1069 55  PHE A CD1 
339 C CD2 . PHE A 50  ? 0.2090 0.3027 0.3480 -0.0104 0.0263  -0.1067 55  PHE A CD2 
340 C CE1 . PHE A 50  ? 0.2228 0.3555 0.3657 -0.0205 0.0167  -0.1243 55  PHE A CE1 
341 C CE2 . PHE A 50  ? 0.2311 0.3318 0.3684 -0.0107 0.0246  -0.1246 55  PHE A CE2 
342 C CZ  . PHE A 50  ? 0.2134 0.3338 0.3521 -0.0165 0.0194  -0.1343 55  PHE A CZ  
343 N N   . TYR A 51  ? 0.1682 0.2769 0.2986 0.0009  0.0272  -0.0721 56  TYR A N   
344 C CA  . TYR A 51  ? 0.1812 0.3023 0.3066 0.0073  0.0290  -0.0743 56  TYR A CA  
345 C C   . TYR A 51  ? 0.1819 0.3227 0.3047 0.0094  0.0285  -0.0613 56  TYR A C   
346 O O   . TYR A 51  ? 0.1935 0.3558 0.3103 0.0137  0.0293  -0.0626 56  TYR A O   
347 C CB  . TYR A 51  ? 0.1990 0.3061 0.3266 0.0117  0.0326  -0.0743 56  TYR A CB  
348 C CG  . TYR A 51  ? 0.2514 0.3397 0.3812 0.0123  0.0345  -0.0874 56  TYR A CG  
349 C CD1 . TYR A 51  ? 0.2850 0.3786 0.4119 0.0144  0.0347  -0.1038 56  TYR A CD1 
350 C CD2 . TYR A 51  ? 0.2682 0.3334 0.4033 0.0110  0.0361  -0.0832 56  TYR A CD2 
351 C CE1 . TYR A 51  ? 0.3256 0.3971 0.4573 0.0141  0.0365  -0.1168 56  TYR A CE1 
352 C CE2 . TYR A 51  ? 0.3131 0.3574 0.4525 0.0112  0.0386  -0.0924 56  TYR A CE2 
353 C CZ  . TYR A 51  ? 0.3428 0.3880 0.4819 0.0123  0.0388  -0.1097 56  TYR A CZ  
354 O OH  . TYR A 51  ? 0.3951 0.4148 0.5411 0.0117  0.0412  -0.1200 56  TYR A OH  
355 N N   . LEU A 52  ? 0.1865 0.3206 0.3142 0.0065  0.0273  -0.0489 57  LEU A N   
356 C CA  A LEU A 52  ? 0.1853 0.3329 0.3140 0.0068  0.0269  -0.0349 57  LEU A CA  
357 C CA  B LEU A 52  ? 0.1862 0.3339 0.3150 0.0068  0.0269  -0.0349 57  LEU A CA  
358 C C   . LEU A 52  ? 0.1759 0.3398 0.3006 0.0081  0.0245  -0.0326 57  LEU A C   
359 O O   . LEU A 52  ? 0.1787 0.3623 0.3004 0.0110  0.0254  -0.0228 57  LEU A O   
360 C CB  A LEU A 52  ? 0.1926 0.3250 0.3292 0.0028  0.0256  -0.0255 57  LEU A CB  
361 C CB  B LEU A 52  ? 0.1902 0.3227 0.3267 0.0028  0.0257  -0.0256 57  LEU A CB  
362 C CG  A LEU A 52  ? 0.1872 0.3141 0.3286 0.0016  0.0268  -0.0227 57  LEU A CG  
363 C CG  B LEU A 52  ? 0.1987 0.3387 0.3411 0.0012  0.0266  -0.0117 57  LEU A CG  
364 C CD1 A LEU A 52  ? 0.2088 0.3211 0.3568 -0.0031 0.0239  -0.0179 57  LEU A CD1 
365 C CD1 B LEU A 52  ? 0.1760 0.3335 0.3172 0.0043  0.0305  -0.0114 57  LEU A CD1 
366 C CD2 A LEU A 52  ? 0.1699 0.3168 0.3135 0.0030  0.0297  -0.0145 57  LEU A CD2 
367 C CD2 B LEU A 52  ? 0.2114 0.3341 0.3621 -0.0037 0.0245  -0.0090 57  LEU A CD2 
368 N N   . GLY A 53  ? 0.1669 0.3260 0.2925 0.0062  0.0215  -0.0405 58  GLY A N   
369 C CA  . GLY A 53  ? 0.1728 0.3518 0.2952 0.0083  0.0181  -0.0403 58  GLY A CA  
370 C C   . GLY A 53  ? 0.1799 0.3824 0.2922 0.0118  0.0182  -0.0496 58  GLY A C   
371 O O   . GLY A 53  ? 0.1770 0.4049 0.2830 0.0163  0.0168  -0.0422 58  GLY A O   
372 N N   . GLN A 54  ? 0.1728 0.3672 0.2836 0.0107  0.0200  -0.0656 59  GLN A N   
373 C CA  . GLN A 54  ? 0.1821 0.3970 0.2830 0.0150  0.0203  -0.0791 59  GLN A CA  
374 C C   . GLN A 54  ? 0.1911 0.4257 0.2850 0.0218  0.0245  -0.0679 59  GLN A C   
375 O O   . GLN A 54  ? 0.2015 0.4661 0.2846 0.0271  0.0242  -0.0705 59  GLN A O   
376 C CB  . GLN A 54  ? 0.2037 0.3988 0.3071 0.0134  0.0221  -0.0985 59  GLN A CB  
377 C CG  . GLN A 54  ? 0.2005 0.3804 0.3117 0.0052  0.0186  -0.1104 59  GLN A CG  
378 C CD  . GLN A 54  ? 0.2134 0.4193 0.3215 0.0030  0.0124  -0.1202 59  GLN A CD  
379 O OE1 . GLN A 54  ? 0.2610 0.4735 0.3745 -0.0007 0.0088  -0.1132 59  GLN A OE1 
380 N NE2 . GLN A 54  ? 0.1812 0.4043 0.2807 0.0062  0.0110  -0.1378 59  GLN A NE2 
381 N N   . TYR A 55  ? 0.1711 0.3920 0.2716 0.0213  0.0284  -0.0556 60  TYR A N   
382 C CA  . TYR A 55  ? 0.1793 0.4193 0.2777 0.0254  0.0333  -0.0420 60  TYR A CA  
383 C C   . TYR A 55  ? 0.1824 0.4438 0.2780 0.0260  0.0322  -0.0233 60  TYR A C   
384 O O   . TYR A 55  ? 0.1837 0.4758 0.2702 0.0315  0.0352  -0.0175 60  TYR A O   
385 C CB  . TYR A 55  ? 0.1423 0.3642 0.2523 0.0222  0.0360  -0.0324 60  TYR A CB  
386 C CG  . TYR A 55  ? 0.1581 0.4015 0.2705 0.0236  0.0410  -0.0163 60  TYR A CG  
387 C CD1 . TYR A 55  ? 0.1708 0.4345 0.2794 0.0304  0.0465  -0.0216 60  TYR A CD1 
388 C CD2 . TYR A 55  ? 0.1796 0.4235 0.2996 0.0183  0.0407  0.0045  60  TYR A CD2 
389 C CE1 . TYR A 55  ? 0.1807 0.4691 0.2933 0.0311  0.0520  -0.0054 60  TYR A CE1 
390 C CE2 . TYR A 55  ? 0.1865 0.4509 0.3117 0.0175  0.0460  0.0212  60  TYR A CE2 
391 C CZ  . TYR A 55  ? 0.2064 0.4952 0.3280 0.0235  0.0518  0.0167  60  TYR A CZ  
392 O OH  . TYR A 55  ? 0.2232 0.5367 0.3516 0.0219  0.0581  0.0344  60  TYR A OH  
393 N N   . ILE A 56  ? 0.1858 0.4315 0.2889 0.0217  0.0284  -0.0134 61  ILE A N   
394 C CA  . ILE A 56  ? 0.1704 0.4304 0.2732 0.0237  0.0272  0.0063  61  ILE A CA  
395 C C   . ILE A 56  ? 0.1873 0.4810 0.2762 0.0303  0.0244  0.0025  61  ILE A C   
396 O O   . ILE A 56  ? 0.1876 0.5079 0.2700 0.0352  0.0264  0.0193  61  ILE A O   
397 C CB  . ILE A 56  ? 0.1856 0.4203 0.2993 0.0201  0.0233  0.0126  61  ILE A CB  
398 C CG1 . ILE A 56  ? 0.1787 0.3871 0.3050 0.0141  0.0256  0.0207  61  ILE A CG1 
399 C CG2 . ILE A 56  ? 0.1911 0.4409 0.3040 0.0252  0.0208  0.0297  61  ILE A CG2 
400 C CD1 . ILE A 56  ? 0.1727 0.3542 0.3087 0.0115  0.0222  0.0209  61  ILE A CD1 
401 N N   . MET A 57  ? 0.1818 0.4762 0.2664 0.0299  0.0197  -0.0194 62  MET A N   
402 C CA  A MET A 57  ? 0.1983 0.5275 0.2704 0.0352  0.0153  -0.0263 62  MET A CA  
403 C CA  B MET A 57  ? 0.1977 0.5262 0.2697 0.0349  0.0151  -0.0289 62  MET A CA  
404 C C   . MET A 57  ? 0.2253 0.5828 0.2826 0.0410  0.0190  -0.0357 62  MET A C   
405 O O   . MET A 57  ? 0.2467 0.6419 0.2909 0.0479  0.0179  -0.0297 62  MET A O   
406 C CB  A MET A 57  ? 0.1895 0.5131 0.2654 0.0309  0.0082  -0.0467 62  MET A CB  
407 C CB  B MET A 57  ? 0.1894 0.5082 0.2642 0.0299  0.0096  -0.0547 62  MET A CB  
408 C CG  A MET A 57  ? 0.1853 0.4919 0.2742 0.0283  0.0050  -0.0349 62  MET A CG  
409 C CG  B MET A 57  ? 0.1855 0.4813 0.2741 0.0243  0.0064  -0.0516 62  MET A CG  
410 S SD  A MET A 57  ? 0.1838 0.4829 0.2824 0.0211  -0.0012 -0.0560 62  MET A SD  
411 S SD  B MET A 57  ? 0.2070 0.5301 0.2959 0.0300  -0.0003 -0.0366 62  MET A SD  
412 C CE  A MET A 57  ? 0.2688 0.5347 0.3710 0.0132  0.0038  -0.0750 62  MET A CE  
413 C CE  B MET A 57  ? 0.1611 0.4639 0.2657 0.0220  -0.0041 -0.0500 62  MET A CE  
414 N N   . THR A 58  ? 0.2373 0.5791 0.2966 0.0398  0.0238  -0.0492 63  THR A N   
415 C CA  . THR A 58  ? 0.2567 0.6235 0.3032 0.0471  0.0284  -0.0606 63  THR A CA  
416 C C   . THR A 58  ? 0.2325 0.6263 0.2744 0.0522  0.0353  -0.0349 63  THR A C   
417 O O   . THR A 58  ? 0.2696 0.7026 0.2959 0.0603  0.0378  -0.0362 63  THR A O   
418 C CB  . THR A 58  ? 0.2873 0.6274 0.3400 0.0464  0.0323  -0.0791 63  THR A CB  
419 O OG1 . THR A 58  ? 0.3213 0.6372 0.3788 0.0408  0.0267  -0.1012 63  THR A OG1 
420 C CG2 . THR A 58  ? 0.3175 0.6840 0.3581 0.0563  0.0379  -0.0919 63  THR A CG2 
421 N N   . LYS A 59  ? 0.2088 0.5829 0.2647 0.0468  0.0383  -0.0117 64  LYS A N   
422 C CA  . LYS A 59  ? 0.2364 0.6323 0.2934 0.0485  0.0453  0.0157  64  LYS A CA  
423 C C   . LYS A 59  ? 0.2442 0.6590 0.2968 0.0506  0.0431  0.0399  64  LYS A C   
424 O O   . LYS A 59  ? 0.2578 0.6893 0.3127 0.0511  0.0492  0.0667  64  LYS A O   
425 C CB  . LYS A 59  ? 0.2556 0.6230 0.3319 0.0403  0.0491  0.0287  64  LYS A CB  
426 C CG  . LYS A 59  ? 0.3016 0.6529 0.3833 0.0399  0.0514  0.0097  64  LYS A CG  
427 C CD  . LYS A 59  ? 0.3662 0.7505 0.4373 0.0493  0.0582  0.0003  64  LYS A CD  
428 C CE  . LYS A 59  ? 0.4128 0.8199 0.4862 0.0486  0.0649  0.0254  64  LYS A CE  
429 N NZ  . LYS A 59  ? 0.4665 0.8876 0.5314 0.0557  0.0690  0.0155  64  LYS A NZ  
430 N N   . ARG A 60  ? 0.2355 0.6491 0.2837 0.0520  0.0347  0.0319  65  ARG A N   
431 C CA  . ARG A 60  ? 0.2715 0.7064 0.3151 0.0570  0.0313  0.0537  65  ARG A CA  
432 C C   . ARG A 60  ? 0.2518 0.6608 0.3127 0.0526  0.0333  0.0835  65  ARG A C   
433 O O   . ARG A 60  ? 0.2620 0.6897 0.3212 0.0571  0.0358  0.1117  65  ARG A O   
434 C CB  . ARG A 60  ? 0.3502 0.8371 0.3740 0.0666  0.0353  0.0635  65  ARG A CB  
435 C CG  . ARG A 60  ? 0.4033 0.9186 0.4081 0.0723  0.0320  0.0314  65  ARG A CG  
436 C CD  . ARG A 60  ? 0.4593 0.9875 0.4579 0.0749  0.0206  0.0198  65  ARG A CD  
437 N NE  . ARG A 60  ? 0.5420 1.1240 0.5206 0.0857  0.0188  0.0324  65  ARG A NE  
438 C CZ  . ARG A 60  ? 0.5851 1.1900 0.5578 0.0903  0.0090  0.0326  65  ARG A CZ  
439 N NH1 . ARG A 60  ? 0.5866 1.1647 0.5735 0.0844  0.0007  0.0209  65  ARG A NH1 
440 N NH2 . ARG A 60  ? 0.6217 1.2797 0.5742 0.1016  0.0075  0.0457  65  ARG A NH2 
441 N N   . LEU A 61  ? 0.2007 0.5670 0.2783 0.0442  0.0324  0.0770  66  LEU A N   
442 C CA  . LEU A 61  ? 0.2220 0.5588 0.3177 0.0389  0.0339  0.0994  66  LEU A CA  
443 C C   . LEU A 61  ? 0.2245 0.5454 0.3263 0.0422  0.0270  0.1038  66  LEU A C   
444 O O   . LEU A 61  ? 0.2308 0.5252 0.3475 0.0398  0.0276  0.1207  66  LEU A O   
445 C CB  . LEU A 61  ? 0.2166 0.5195 0.3263 0.0290  0.0361  0.0898  66  LEU A CB  
446 C CG  . LEU A 61  ? 0.2029 0.5222 0.3106 0.0268  0.0432  0.0872  66  LEU A CG  
447 C CD1 . LEU A 61  ? 0.1980 0.4872 0.3211 0.0177  0.0442  0.0798  66  LEU A CD1 
448 C CD2 . LEU A 61  ? 0.2235 0.5714 0.3308 0.0282  0.0503  0.1153  66  LEU A CD2 
449 N N   . TYR A 62  ? 0.1955 0.5326 0.2874 0.0475  0.0205  0.0873  67  TYR A N   
450 C CA  . TYR A 62  ? 0.1961 0.5243 0.2949 0.0518  0.0140  0.0899  67  TYR A CA  
451 C C   . TYR A 62  ? 0.2066 0.5774 0.2917 0.0615  0.0077  0.0888  67  TYR A C   
452 O O   . TYR A 62  ? 0.1997 0.5770 0.2840 0.0616  0.0011  0.0685  67  TYR A O   
453 C CB  . TYR A 62  ? 0.1886 0.4858 0.2967 0.0451  0.0110  0.0665  67  TYR A CB  
454 C CG  . TYR A 62  ? 0.1934 0.4782 0.3122 0.0493  0.0062  0.0694  67  TYR A CG  
455 C CD1 . TYR A 62  ? 0.2102 0.4793 0.3401 0.0544  0.0074  0.0929  67  TYR A CD1 
456 C CD2 . TYR A 62  ? 0.2174 0.5060 0.3376 0.0483  0.0011  0.0486  67  TYR A CD2 
457 C CE1 . TYR A 62  ? 0.2229 0.4812 0.3633 0.0608  0.0034  0.0945  67  TYR A CE1 
458 C CE2 . TYR A 62  ? 0.2090 0.4912 0.3402 0.0533  -0.0025 0.0512  67  TYR A CE2 
459 C CZ  . TYR A 62  ? 0.2182 0.4854 0.3588 0.0606  -0.0013 0.0735  67  TYR A CZ  
460 O OH  . TYR A 62  ? 0.2311 0.4925 0.3833 0.0681  -0.0044 0.0751  67  TYR A OH  
461 N N   . ASP A 63  ? 0.2361 0.6390 0.3108 0.0694  0.0099  0.1112  68  ASP A N   
462 C CA  . ASP A 63  ? 0.2546 0.7050 0.3138 0.0799  0.0034  0.1115  68  ASP A CA  
463 C C   . ASP A 63  ? 0.2711 0.7231 0.3392 0.0890  -0.0029 0.1279  68  ASP A C   
464 O O   . ASP A 63  ? 0.3089 0.7949 0.3698 0.0957  -0.0114 0.1189  68  ASP A O   
465 C CB  . ASP A 63  ? 0.2586 0.7492 0.3005 0.0866  0.0084  0.1312  68  ASP A CB  
466 C CG  . ASP A 63  ? 0.3328 0.8404 0.3605 0.0825  0.0127  0.1088  68  ASP A CG  
467 O OD1 . ASP A 63  ? 0.3028 0.7951 0.3322 0.0757  0.0099  0.0765  68  ASP A OD1 
468 O OD2 . ASP A 63  ? 0.3718 0.9093 0.3871 0.0870  0.0193  0.1246  68  ASP A OD2 
469 N N   . GLU A 64  ? 0.2822 0.6993 0.3669 0.0899  0.0008  0.1510  69  GLU A N   
470 C CA  . GLU A 64  ? 0.3224 0.7376 0.4176 0.1012  -0.0042 0.1679  69  GLU A CA  
471 C C   . GLU A 64  ? 0.2913 0.6772 0.4019 0.0975  -0.0082 0.1462  69  GLU A C   
472 O O   . GLU A 64  ? 0.2737 0.6152 0.4003 0.0935  -0.0044 0.1491  69  GLU A O   
473 C CB  . GLU A 64  ? 0.3949 0.7871 0.5014 0.1060  0.0019  0.2050  69  GLU A CB  
474 C CG  . GLU A 64  ? 0.4857 0.9179 0.5783 0.1156  0.0045  0.2360  69  GLU A CG  
475 C CD  . GLU A 64  ? 0.5299 0.9721 0.6119 0.1061  0.0130  0.2379  69  GLU A CD  
476 O OE1 . GLU A 64  ? 0.5419 0.9503 0.6332 0.0925  0.0176  0.2223  69  GLU A OE1 
477 O OE2 . GLU A 64  ? 0.5518 1.0387 0.6163 0.1132  0.0152  0.2548  69  GLU A OE2 
478 N N   . LYS A 65  ? 0.3098 0.7237 0.4157 0.0984  -0.0159 0.1240  70  LYS A N   
479 C CA  . LYS A 65  ? 0.3045 0.6983 0.4231 0.0923  -0.0186 0.1000  70  LYS A CA  
480 C C   . LYS A 65  ? 0.3380 0.7141 0.4746 0.1023  -0.0200 0.1128  70  LYS A C   
481 O O   . LYS A 65  ? 0.3144 0.6653 0.4635 0.0978  -0.0193 0.0977  70  LYS A O   
482 C CB  . LYS A 65  ? 0.3121 0.7451 0.4234 0.0897  -0.0266 0.0748  70  LYS A CB  
483 C CG  . LYS A 65  ? 0.3126 0.7651 0.4059 0.0822  -0.0260 0.0587  70  LYS A CG  
484 C CD  . LYS A 65  ? 0.2768 0.6890 0.3725 0.0692  -0.0186 0.0444  70  LYS A CD  
485 C CE  . LYS A 65  ? 0.2762 0.7067 0.3565 0.0632  -0.0184 0.0230  70  LYS A CE  
486 N NZ  . LYS A 65  ? 0.2412 0.6339 0.3247 0.0529  -0.0112 0.0112  70  LYS A NZ  
487 N N   . GLN A 66  ? 0.3738 0.7636 0.5114 0.1170  -0.0214 0.1415  71  GLN A N   
488 C CA  . GLN A 66  ? 0.4042 0.7821 0.5589 0.1306  -0.0232 0.1549  71  GLN A CA  
489 C C   . GLN A 66  ? 0.4112 0.7329 0.5804 0.1303  -0.0157 0.1681  71  GLN A C   
490 O O   . GLN A 66  ? 0.4150 0.7161 0.6004 0.1400  -0.0160 0.1719  71  GLN A O   
491 C CB  . GLN A 66  ? 0.4579 0.8666 0.6026 0.1445  -0.0267 0.1766  71  GLN A CB  
492 C CG  . GLN A 66  ? 0.5172 0.9243 0.6542 0.1492  -0.0211 0.2093  71  GLN A CG  
493 C CD  . GLN A 66  ? 0.5397 0.9755 0.6576 0.1406  -0.0196 0.2059  71  GLN A CD  
494 O OE1 . GLN A 66  ? 0.5489 0.9742 0.6654 0.1386  -0.0131 0.2270  71  GLN A OE1 
495 N NE2 . GLN A 66  ? 0.5474 1.0185 0.6509 0.1350  -0.0253 0.1787  71  GLN A NE2 
496 N N   . GLN A 67  ? 0.3934 0.6921 0.5580 0.1189  -0.0093 0.1732  72  GLN A N   
497 C CA  . GLN A 67  ? 0.4313 0.6821 0.6100 0.1178  -0.0030 0.1902  72  GLN A CA  
498 C C   . GLN A 67  ? 0.4021 0.6111 0.5884 0.1029  0.0009  0.1679  72  GLN A C   
499 O O   . GLN A 67  ? 0.4420 0.6092 0.6431 0.1022  0.0042  0.1742  72  GLN A O   
500 C CB  . GLN A 67  ? 0.4701 0.7286 0.6425 0.1168  0.0019  0.2194  72  GLN A CB  
501 C CG  . GLN A 67  ? 0.5062 0.7333 0.6827 0.1001  0.0092  0.2187  72  GLN A CG  
502 C CD  . GLN A 67  ? 0.5635 0.8097 0.7327 0.0985  0.0146  0.2474  72  GLN A CD  
503 O OE1 . GLN A 67  ? 0.5697 0.8565 0.7200 0.0966  0.0148  0.2434  72  GLN A OE1 
504 N NE2 . GLN A 67  ? 0.6046 0.8221 0.7896 0.0992  0.0197  0.2763  72  GLN A NE2 
505 N N   . HIS A 68  ? 0.3207 0.5412 0.4969 0.0917  0.0001  0.1419  73  HIS A N   
506 C CA  . HIS A 68  ? 0.3010 0.4891 0.4820 0.0791  0.0028  0.1195  73  HIS A CA  
507 C C   . HIS A 68  ? 0.3014 0.4590 0.4867 0.0679  0.0082  0.1258  73  HIS A C   
508 O O   . HIS A 68  ? 0.2784 0.4091 0.4689 0.0590  0.0097  0.1094  73  HIS A O   
509 C CB  . HIS A 68  ? 0.3166 0.4833 0.5106 0.0853  0.0015  0.1086  73  HIS A CB  
510 C CG  . HIS A 68  ? 0.3152 0.5143 0.5084 0.0947  -0.0035 0.1009  73  HIS A CG  
511 N ND1 . HIS A 68  ? 0.3542 0.5699 0.5540 0.1115  -0.0069 0.1179  73  HIS A ND1 
512 C CD2 . HIS A 68  ? 0.2880 0.5081 0.4770 0.0892  -0.0059 0.0789  73  HIS A CD2 
513 C CE1 . HIS A 68  ? 0.3326 0.5815 0.5324 0.1156  -0.0116 0.1055  73  HIS A CE1 
514 N NE2 . HIS A 68  ? 0.2862 0.5370 0.4802 0.1012  -0.0109 0.0817  73  HIS A NE2 
515 N N   . ILE A 69  ? 0.3068 0.4723 0.4905 0.0678  0.0113  0.1497  74  ILE A N   
516 C CA  . ILE A 69  ? 0.3378 0.4828 0.5272 0.0550  0.0165  0.1556  74  ILE A CA  
517 C C   . ILE A 69  ? 0.3287 0.5036 0.5028 0.0475  0.0188  0.1493  74  ILE A C   
518 O O   . ILE A 69  ? 0.3186 0.5311 0.4788 0.0539  0.0181  0.1560  74  ILE A O   
519 C CB  . ILE A 69  ? 0.3492 0.4818 0.5505 0.0577  0.0202  0.1883  74  ILE A CB  
520 C CG1 . ILE A 69  ? 0.3767 0.4759 0.5948 0.0676  0.0182  0.1947  74  ILE A CG1 
521 C CG2 . ILE A 69  ? 0.3507 0.4655 0.5612 0.0418  0.0256  0.1937  74  ILE A CG2 
522 C CD1 . ILE A 69  ? 0.3832 0.4396 0.6144 0.0595  0.0178  0.1735  74  ILE A CD1 
523 N N   . VAL A 70  ? 0.3303 0.4906 0.5067 0.0352  0.0212  0.1347  75  VAL A N   
524 C CA  . VAL A 70  ? 0.3409 0.5260 0.5064 0.0290  0.0246  0.1309  75  VAL A CA  
525 C C   . VAL A 70  ? 0.3510 0.5294 0.5276 0.0208  0.0305  0.1514  75  VAL A C   
526 O O   . VAL A 70  ? 0.3391 0.4853 0.5320 0.0121  0.0310  0.1505  75  VAL A O   
527 C CB  . VAL A 70  ? 0.3067 0.4847 0.4678 0.0221  0.0235  0.1024  75  VAL A CB  
528 C CG1 . VAL A 70  ? 0.3176 0.5117 0.4744 0.0157  0.0283  0.1015  75  VAL A CG1 
529 C CG2 . VAL A 70  ? 0.2924 0.4864 0.4418 0.0280  0.0190  0.0836  75  VAL A CG2 
530 N N   . TYR A 71  ? 0.4071 0.6179 0.5757 0.0230  0.0352  0.1697  76  TYR A N   
531 C CA  . TYR A 71  ? 0.4222 0.6336 0.6023 0.0137  0.0422  0.1905  76  TYR A CA  
532 C C   . TYR A 71  ? 0.3732 0.6065 0.5466 0.0074  0.0460  0.1767  76  TYR A C   
533 O O   . TYR A 71  ? 0.3415 0.6087 0.4959 0.0145  0.0468  0.1678  76  TYR A O   
534 C CB  . TYR A 71  ? 0.4904 0.7259 0.6678 0.0205  0.0468  0.2244  76  TYR A CB  
535 C CG  . TYR A 71  ? 0.5596 0.7895 0.7551 0.0092  0.0547  0.2513  76  TYR A CG  
536 C CD1 . TYR A 71  ? 0.5978 0.7859 0.8176 0.0024  0.0548  0.2665  76  TYR A CD1 
537 C CD2 . TYR A 71  ? 0.5693 0.8358 0.7594 0.0048  0.0625  0.2607  76  TYR A CD2 
538 C CE1 . TYR A 71  ? 0.6245 0.8062 0.8644 -0.0105 0.0620  0.2912  76  TYR A CE1 
539 C CE2 . TYR A 71  ? 0.6036 0.8685 0.8131 -0.0071 0.0704  0.2866  76  TYR A CE2 
540 C CZ  . TYR A 71  ? 0.6289 0.8507 0.8642 -0.0160 0.0700  0.3022  76  TYR A CZ  
541 O OH  . TYR A 71  ? 0.6622 0.8768 0.9149 -0.0270 0.0733  0.3166  76  TYR A OH  
542 N N   . CYS A 72  ? 0.3492 0.5638 0.5388 -0.0051 0.0480  0.1736  77  CYS A N   
543 C CA  . CYS A 72  ? 0.3188 0.5504 0.5050 -0.0097 0.0505  0.1578  77  CYS A CA  
544 C C   . CYS A 72  ? 0.3233 0.5590 0.5287 -0.0226 0.0565  0.1730  77  CYS A C   
545 O O   . CYS A 72  ? 0.2757 0.5221 0.4841 -0.0272 0.0581  0.1608  77  CYS A O   
546 C CB  . CYS A 72  ? 0.2966 0.5040 0.4814 -0.0109 0.0441  0.1282  77  CYS A CB  
547 S SG  . CYS A 72  ? 0.3166 0.4754 0.5213 -0.0195 0.0384  0.1243  77  CYS A SG  
548 N N   . SER A 73  ? 0.3598 0.5886 0.5799 -0.0280 0.0600  0.2010  78  SER A N   
549 C CA  . SER A 73  ? 0.3795 0.6091 0.6233 -0.0433 0.0656  0.2178  78  SER A CA  
550 C C   . SER A 73  ? 0.3645 0.6340 0.5995 -0.0428 0.0712  0.2169  78  SER A C   
551 O O   . SER A 73  ? 0.3834 0.6498 0.6306 -0.0532 0.0711  0.2133  78  SER A O   
552 C CB  . SER A 73  ? 0.4251 0.6411 0.6817 -0.0464 0.0687  0.2497  78  SER A CB  
553 O OG  . SER A 73  ? 0.4802 0.6781 0.7572 -0.0609 0.0681  0.2536  78  SER A OG  
554 N N   . ASN A 74  ? 0.3379 0.6434 0.5493 -0.0292 0.0747  0.2165  79  ASN A N   
555 C CA  . ASN A 74  ? 0.3304 0.6709 0.5292 -0.0251 0.0791  0.2133  79  ASN A CA  
556 C C   . ASN A 74  ? 0.2799 0.6349 0.4619 -0.0160 0.0777  0.1834  79  ASN A C   
557 O O   . ASN A 74  ? 0.3069 0.6905 0.4753 -0.0091 0.0812  0.1774  79  ASN A O   
558 C CB  . ASN A 74  ? 0.3750 0.7471 0.5592 -0.0161 0.0838  0.2360  79  ASN A CB  
559 C CG  . ASN A 74  ? 0.4348 0.7932 0.6375 -0.0248 0.0860  0.2667  79  ASN A CG  
560 O OD1 . ASN A 74  ? 0.4439 0.8016 0.6619 -0.0354 0.0886  0.2738  79  ASN A OD1 
561 N ND2 . ASN A 74  ? 0.4625 0.8094 0.6654 -0.0201 0.0847  0.2846  79  ASN A ND2 
562 N N   . ASP A 75  ? 0.2388 0.5722 0.4234 -0.0156 0.0724  0.1644  80  ASP A N   
563 C CA  . ASP A 75  ? 0.2145 0.5539 0.3860 -0.0073 0.0703  0.1359  80  ASP A CA  
564 C C   . ASP A 75  ? 0.1949 0.5119 0.3821 -0.0155 0.0666  0.1220  80  ASP A C   
565 O O   . ASP A 75  ? 0.2024 0.4964 0.4093 -0.0276 0.0638  0.1303  80  ASP A O   
566 C CB  . ASP A 75  ? 0.2107 0.5346 0.3668 0.0009  0.0635  0.1209  80  ASP A CB  
567 C CG  . ASP A 75  ? 0.2322 0.5621 0.3727 0.0100  0.0616  0.0924  80  ASP A CG  
568 O OD1 . ASP A 75  ? 0.2615 0.6236 0.3856 0.0198  0.0653  0.0877  80  ASP A OD1 
569 O OD2 . ASP A 75  ? 0.2085 0.5105 0.3530 0.0077  0.0564  0.0745  80  ASP A OD2 
570 N N   . LEU A 76  ? 0.1962 0.5193 0.3744 -0.0085 0.0661  0.1006  81  LEU A N   
571 C CA  . LEU A 76  ? 0.1848 0.4898 0.3747 -0.0129 0.0618  0.0864  81  LEU A CA  
572 C C   . LEU A 76  ? 0.1612 0.4288 0.3572 -0.0189 0.0539  0.0805  81  LEU A C   
573 O O   . LEU A 76  ? 0.1819 0.4334 0.3921 -0.0275 0.0496  0.0773  81  LEU A O   
574 C CB  . LEU A 76  ? 0.1932 0.5050 0.3699 -0.0007 0.0621  0.0643  81  LEU A CB  
575 C CG  . LEU A 76  ? 0.1961 0.5354 0.3629 0.0074  0.0682  0.0638  81  LEU A CG  
576 C CD1 . LEU A 76  ? 0.2399 0.5786 0.3958 0.0202  0.0681  0.0410  81  LEU A CD1 
577 C CD2 . LEU A 76  ? 0.1872 0.5356 0.3699 -0.0010 0.0700  0.0753  81  LEU A CD2 
578 N N   . LEU A 77  ? 0.1707 0.4244 0.3530 -0.0135 0.0508  0.0770  82  LEU A N   
579 C CA  . LEU A 77  ? 0.1778 0.3956 0.3618 -0.0167 0.0436  0.0694  82  LEU A CA  
580 C C   . LEU A 77  ? 0.1987 0.3981 0.4016 -0.0283 0.0418  0.0836  82  LEU A C   
581 O O   . LEU A 77  ? 0.2040 0.3771 0.4146 -0.0336 0.0362  0.0744  82  LEU A O   
582 C CB  . LEU A 77  ? 0.1800 0.3941 0.3489 -0.0086 0.0414  0.0659  82  LEU A CB  
583 C CG  . LEU A 77  ? 0.2118 0.3937 0.3820 -0.0097 0.0350  0.0578  82  LEU A CG  
584 C CD1 . LEU A 77  ? 0.1942 0.3599 0.3639 -0.0108 0.0318  0.0387  82  LEU A CD1 
585 C CD2 . LEU A 77  ? 0.2321 0.4188 0.3898 -0.0015 0.0331  0.0558  82  LEU A CD2 
586 N N   . GLY A 78  ? 0.1899 0.4038 0.4009 -0.0321 0.0470  0.1060  83  GLY A N   
587 C CA  . GLY A 78  ? 0.2532 0.4477 0.4855 -0.0444 0.0462  0.1211  83  GLY A CA  
588 C C   . GLY A 78  ? 0.2664 0.4583 0.5173 -0.0567 0.0442  0.1147  83  GLY A C   
589 O O   . GLY A 78  ? 0.2765 0.4402 0.5417 -0.0662 0.0388  0.1108  83  GLY A O   
590 N N   . ASP A 79  ? 0.2679 0.4911 0.5187 -0.0558 0.0481  0.1124  84  ASP A N   
591 C CA  . ASP A 79  ? 0.2811 0.5053 0.5444 -0.0647 0.0447  0.1037  84  ASP A CA  
592 C C   . ASP A 79  ? 0.2887 0.4950 0.5507 -0.0631 0.0369  0.0822  84  ASP A C   
593 O O   . ASP A 79  ? 0.3171 0.5099 0.5927 -0.0734 0.0306  0.0753  84  ASP A O   
594 C CB  . ASP A 79  ? 0.2821 0.5400 0.5382 -0.0591 0.0500  0.1032  84  ASP A CB  
595 C CG  . ASP A 79  ? 0.3020 0.5706 0.5735 -0.0710 0.0522  0.1149  84  ASP A CG  
596 O OD1 . ASP A 79  ? 0.3312 0.5784 0.6194 -0.0849 0.0478  0.1180  84  ASP A OD1 
597 O OD2 . ASP A 79  ? 0.2890 0.5865 0.5560 -0.0662 0.0583  0.1200  84  ASP A OD2 
598 N N   . LEU A 80  ? 0.2441 0.4473 0.4842 -0.0494 0.0364  0.0695  85  LEU A N   
599 C CA  . LEU A 80  ? 0.2567 0.4408 0.4884 -0.0453 0.0298  0.0499  85  LEU A CA  
600 C C   . LEU A 80  ? 0.2927 0.4439 0.5290 -0.0518 0.0234  0.0449  85  LEU A C   
601 O O   . LEU A 80  ? 0.3195 0.4608 0.5602 -0.0561 0.0173  0.0331  85  LEU A O   
602 C CB  . LEU A 80  ? 0.2607 0.4443 0.4706 -0.0315 0.0315  0.0400  85  LEU A CB  
603 C CG  . LEU A 80  ? 0.2847 0.4507 0.4850 -0.0264 0.0267  0.0229  85  LEU A CG  
604 C CD1 . LEU A 80  ? 0.3137 0.4950 0.5157 -0.0224 0.0267  0.0168  85  LEU A CD1 
605 C CD2 . LEU A 80  ? 0.2802 0.4378 0.4635 -0.0174 0.0279  0.0162  85  LEU A CD2 
606 N N   . PHE A 81  ? 0.2820 0.4184 0.5165 -0.0509 0.0247  0.0537  86  PHE A N   
607 C CA  . PHE A 81  ? 0.2802 0.3844 0.5179 -0.0533 0.0196  0.0479  86  PHE A CA  
608 C C   . PHE A 81  ? 0.3254 0.4154 0.5862 -0.0672 0.0177  0.0557  86  PHE A C   
609 O O   . PHE A 81  ? 0.3685 0.4321 0.6351 -0.0709 0.0122  0.0450  86  PHE A O   
610 C CB  . PHE A 81  ? 0.2575 0.3527 0.4842 -0.0437 0.0215  0.0531  86  PHE A CB  
611 C CG  . PHE A 81  ? 0.2468 0.3432 0.4543 -0.0329 0.0206  0.0389  86  PHE A CG  
612 C CD1 . PHE A 81  ? 0.2343 0.3283 0.4326 -0.0244 0.0212  0.0412  86  PHE A CD1 
613 C CD2 . PHE A 81  ? 0.2561 0.3575 0.4568 -0.0316 0.0189  0.0246  86  PHE A CD2 
614 C CE1 . PHE A 81  ? 0.2385 0.3347 0.4226 -0.0170 0.0204  0.0281  86  PHE A CE1 
615 C CE2 . PHE A 81  ? 0.2524 0.3527 0.4384 -0.0234 0.0188  0.0135  86  PHE A CE2 
616 C CZ  . PHE A 81  ? 0.2471 0.3448 0.4257 -0.0172 0.0196  0.0146  86  PHE A CZ  
617 N N   . GLY A 82  ? 0.3064 0.4140 0.5812 -0.0751 0.0226  0.0739  87  GLY A N   
618 C CA  . GLY A 82  ? 0.3297 0.4232 0.6301 -0.0907 0.0216  0.0837  87  GLY A CA  
619 C C   . GLY A 82  ? 0.3530 0.4189 0.6589 -0.0895 0.0234  0.0979  87  GLY A C   
620 O O   . GLY A 82  ? 0.4020 0.4406 0.7260 -0.0998 0.0205  0.0991  87  GLY A O   
621 N N   . VAL A 83  ? 0.3415 0.4138 0.6298 -0.0756 0.0274  0.1073  88  VAL A N   
622 C CA  . VAL A 83  ? 0.3367 0.3878 0.6288 -0.0708 0.0293  0.1238  88  VAL A CA  
623 C C   . VAL A 83  ? 0.3228 0.4032 0.6040 -0.0624 0.0366  0.1473  88  VAL A C   
624 O O   . VAL A 83  ? 0.3137 0.4259 0.5774 -0.0554 0.0390  0.1425  88  VAL A O   
625 C CB  . VAL A 83  ? 0.3338 0.3603 0.6135 -0.0584 0.0242  0.1075  88  VAL A CB  
626 C CG1 . VAL A 83  ? 0.3364 0.3358 0.6241 -0.0649 0.0173  0.0838  88  VAL A CG1 
627 C CG2 . VAL A 83  ? 0.3042 0.3543 0.5587 -0.0453 0.0245  0.0972  88  VAL A CG2 
628 N N   . PRO A 84  ? 0.3305 0.4000 0.6219 -0.0622 0.0402  0.1725  89  PRO A N   
629 C CA  . PRO A 84  ? 0.3467 0.4471 0.6261 -0.0529 0.0469  0.1968  89  PRO A CA  
630 C C   . PRO A 84  ? 0.3569 0.4629 0.6131 -0.0346 0.0439  0.1896  89  PRO A C   
631 O O   . PRO A 84  ? 0.3411 0.4818 0.5798 -0.0251 0.0472  0.1985  89  PRO A O   
632 C CB  . PRO A 84  ? 0.3771 0.4578 0.6783 -0.0594 0.0510  0.2275  89  PRO A CB  
633 C CG  . PRO A 84  ? 0.4022 0.4329 0.7200 -0.0640 0.0445  0.2134  89  PRO A CG  
634 C CD  . PRO A 84  ? 0.3754 0.4042 0.6916 -0.0712 0.0386  0.1808  89  PRO A CD  
635 N N   . SER A 85  ? 0.3460 0.4211 0.6025 -0.0299 0.0374  0.1723  90  SER A N   
636 C CA  . SER A 85  ? 0.3502 0.4299 0.5899 -0.0138 0.0341  0.1657  90  SER A CA  
637 C C   . SER A 85  ? 0.3109 0.3609 0.5521 -0.0120 0.0279  0.1400  90  SER A C   
638 O O   . SER A 85  ? 0.3110 0.3326 0.5675 -0.0215 0.0260  0.1313  90  SER A O   
639 C CB  . SER A 85  ? 0.3801 0.4563 0.6241 -0.0043 0.0360  0.1934  90  SER A CB  
640 O OG  . SER A 85  ? 0.4171 0.4501 0.6832 -0.0083 0.0349  0.1996  90  SER A OG  
641 N N   . PHE A 86  ? 0.2995 0.3592 0.5254 -0.0002 0.0249  0.1272  91  PHE A N   
642 C CA  . PHE A 86  ? 0.2934 0.3306 0.5199 0.0034  0.0204  0.1053  91  PHE A CA  
643 C C   . PHE A 86  ? 0.2761 0.3278 0.4915 0.0179  0.0184  0.1030  91  PHE A C   
644 O O   . PHE A 86  ? 0.2531 0.3361 0.4568 0.0232  0.0192  0.1113  91  PHE A O   
645 C CB  . PHE A 86  ? 0.2420 0.2810 0.4622 -0.0043 0.0188  0.0813  91  PHE A CB  
646 C CG  . PHE A 86  ? 0.2167 0.2869 0.4194 -0.0020 0.0198  0.0739  91  PHE A CG  
647 C CD1 . PHE A 86  ? 0.2081 0.2854 0.3994 0.0051  0.0176  0.0588  91  PHE A CD1 
648 C CD2 . PHE A 86  ? 0.2244 0.3171 0.4238 -0.0072 0.0234  0.0814  91  PHE A CD2 
649 C CE1 . PHE A 86  ? 0.1970 0.2985 0.3747 0.0060  0.0184  0.0505  91  PHE A CE1 
650 C CE2 . PHE A 86  ? 0.2179 0.3359 0.4022 -0.0039 0.0244  0.0721  91  PHE A CE2 
651 C CZ  . PHE A 86  ? 0.1980 0.3183 0.3718 0.0022  0.0216  0.0561  91  PHE A CZ  
652 N N   . SER A 87  ? 0.2739 0.3059 0.4937 0.0244  0.0156  0.0907  92  SER A N   
653 C CA  . SER A 87  ? 0.2632 0.3110 0.4759 0.0375  0.0135  0.0869  92  SER A CA  
654 C C   . SER A 87  ? 0.2512 0.3161 0.4511 0.0345  0.0124  0.0646  92  SER A C   
655 O O   . SER A 87  ? 0.2504 0.3008 0.4502 0.0276  0.0125  0.0482  92  SER A O   
656 C CB  . SER A 87  ? 0.2832 0.3046 0.5083 0.0473  0.0121  0.0841  92  SER A CB  
657 O OG  . SER A 87  ? 0.2564 0.2963 0.4762 0.0586  0.0102  0.0755  92  SER A OG  
658 N N   . VAL A 88  ? 0.2382 0.3341 0.4279 0.0397  0.0111  0.0642  93  VAL A N   
659 C CA  . VAL A 88  ? 0.1973 0.3067 0.3777 0.0360  0.0103  0.0442  93  VAL A CA  
660 C C   . VAL A 88  ? 0.2095 0.3096 0.3950 0.0406  0.0095  0.0308  93  VAL A C   
661 O O   . VAL A 88  ? 0.2239 0.3299 0.4045 0.0362  0.0099  0.0154  93  VAL A O   
662 C CB  . VAL A 88  ? 0.1979 0.3432 0.3677 0.0386  0.0085  0.0443  93  VAL A CB  
663 C CG1 . VAL A 88  ? 0.2240 0.3825 0.3859 0.0342  0.0105  0.0533  93  VAL A CG1 
664 C CG2 . VAL A 88  ? 0.2411 0.4043 0.4144 0.0509  0.0052  0.0555  93  VAL A CG2 
665 N N   . LYS A 89  ? 0.2025 0.2880 0.3985 0.0498  0.0090  0.0377  94  LYS A N   
666 C CA  . LYS A 89  ? 0.2238 0.3042 0.4253 0.0568  0.0092  0.0253  94  LYS A CA  
667 C C   . LYS A 89  ? 0.2366 0.2873 0.4410 0.0527  0.0109  0.0125  94  LYS A C   
668 O O   . LYS A 89  ? 0.2341 0.2832 0.4401 0.0576  0.0122  -0.0004 94  LYS A O   
669 C CB  . LYS A 89  ? 0.2808 0.3608 0.4932 0.0723  0.0078  0.0375  94  LYS A CB  
670 C CG  . LYS A 89  ? 0.3023 0.4173 0.5131 0.0804  0.0048  0.0475  94  LYS A CG  
671 C CD  . LYS A 89  ? 0.3792 0.4931 0.6028 0.0976  0.0040  0.0531  94  LYS A CD  
672 C CE  . LYS A 89  ? 0.4303 0.5840 0.6539 0.1072  -0.0002 0.0631  94  LYS A CE  
673 N NZ  . LYS A 89  ? 0.4729 0.6328 0.6939 0.1121  -0.0022 0.0877  94  LYS A NZ  
674 N N   . GLU A 90  ? 0.2292 0.2597 0.4351 0.0443  0.0111  0.0159  95  GLU A N   
675 C CA  A GLU A 90  ? 0.2294 0.2339 0.4383 0.0394  0.0113  0.0026  95  GLU A CA  
676 C CA  B GLU A 90  ? 0.2274 0.2324 0.4363 0.0397  0.0112  0.0024  95  GLU A CA  
677 C C   . GLU A 90  ? 0.1994 0.2121 0.3971 0.0289  0.0117  -0.0098 95  GLU A C   
678 O O   . GLU A 90  ? 0.2204 0.2282 0.4174 0.0191  0.0111  -0.0079 95  GLU A O   
679 C CB  A GLU A 90  ? 0.2561 0.2353 0.4763 0.0342  0.0103  0.0129  95  GLU A CB  
680 C CB  B GLU A 90  ? 0.2611 0.2383 0.4823 0.0364  0.0103  0.0120  95  GLU A CB  
681 C CG  A GLU A 90  ? 0.2950 0.2584 0.5286 0.0453  0.0103  0.0271  95  GLU A CG  
682 C CG  B GLU A 90  ? 0.2983 0.2609 0.5322 0.0499  0.0103  0.0221  95  GLU A CG  
683 C CD  A GLU A 90  ? 0.3257 0.2682 0.5665 0.0561  0.0101  0.0128  95  GLU A CD  
684 C CD  B GLU A 90  ? 0.3407 0.2776 0.5889 0.0464  0.0102  0.0391  95  GLU A CD  
685 O OE1 A GLU A 90  ? 0.3260 0.2621 0.5620 0.0523  0.0099  -0.0083 95  GLU A OE1 
686 O OE1 B GLU A 90  ? 0.3587 0.2911 0.6085 0.0319  0.0102  0.0421  95  GLU A OE1 
687 O OE2 A GLU A 90  ? 0.3611 0.2955 0.6121 0.0699  0.0105  0.0227  95  GLU A OE2 
688 O OE2 B GLU A 90  ? 0.3775 0.2995 0.6373 0.0583  0.0105  0.0508  95  GLU A OE2 
689 N N   . HIS A 91  ? 0.1724 0.1987 0.3629 0.0314  0.0133  -0.0211 96  HIS A N   
690 C CA  . HIS A 91  ? 0.1669 0.2027 0.3470 0.0231  0.0143  -0.0289 96  HIS A CA  
691 C C   . HIS A 91  ? 0.1755 0.1971 0.3525 0.0172  0.0135  -0.0389 96  HIS A C   
692 O O   . HIS A 91  ? 0.1823 0.2084 0.3537 0.0095  0.0131  -0.0389 96  HIS A O   
693 C CB  . HIS A 91  ? 0.1649 0.2193 0.3407 0.0261  0.0170  -0.0352 96  HIS A CB  
694 C CG  . HIS A 91  ? 0.1749 0.2493 0.3536 0.0296  0.0163  -0.0276 96  HIS A CG  
695 N ND1 . HIS A 91  ? 0.1860 0.2800 0.3655 0.0312  0.0180  -0.0323 96  HIS A ND1 
696 C CD2 . HIS A 91  ? 0.1969 0.2780 0.3781 0.0317  0.0140  -0.0154 96  HIS A CD2 
697 C CE1 . HIS A 91  ? 0.2018 0.3143 0.3843 0.0338  0.0154  -0.0254 96  HIS A CE1 
698 N NE2 . HIS A 91  ? 0.2141 0.3198 0.3962 0.0350  0.0131  -0.0148 96  HIS A NE2 
699 N N   . ARG A 92  ? 0.1938 0.2000 0.3746 0.0215  0.0127  -0.0481 97  ARG A N   
700 C CA  . ARG A 92  ? 0.1959 0.1913 0.3738 0.0156  0.0102  -0.0594 97  ARG A CA  
701 C C   . ARG A 92  ? 0.2254 0.2117 0.4111 0.0057  0.0068  -0.0522 97  ARG A C   
702 O O   . ARG A 92  ? 0.2189 0.2101 0.4004 -0.0020 0.0048  -0.0559 97  ARG A O   
703 C CB  . ARG A 92  ? 0.2212 0.2026 0.4018 0.0228  0.0097  -0.0741 97  ARG A CB  
704 C CG  . ARG A 92  ? 0.2308 0.2011 0.4098 0.0163  0.0053  -0.0882 97  ARG A CG  
705 C CD  . ARG A 92  ? 0.2135 0.2028 0.3780 0.0111  0.0051  -0.0922 97  ARG A CD  
706 N NE  . ARG A 92  ? 0.2111 0.2165 0.3635 0.0187  0.0101  -0.0970 97  ARG A NE  
707 C CZ  . ARG A 92  ? 0.1912 0.2142 0.3317 0.0164  0.0122  -0.0948 97  ARG A CZ  
708 N NH1 . ARG A 92  ? 0.1976 0.2242 0.3358 0.0084  0.0092  -0.0892 97  ARG A NH1 
709 N NH2 . ARG A 92  ? 0.2247 0.2619 0.3567 0.0224  0.0178  -0.0969 97  ARG A NH2 
710 N N   . LYS A 93  ? 0.2342 0.2096 0.4318 0.0064  0.0065  -0.0399 98  LYS A N   
711 C CA  . LYS A 93  ? 0.2354 0.2051 0.4426 -0.0040 0.0047  -0.0297 98  LYS A CA  
712 C C   . LYS A 93  ? 0.2086 0.2015 0.4084 -0.0095 0.0063  -0.0216 98  LYS A C   
713 O O   . LYS A 93  ? 0.2259 0.2223 0.4293 -0.0188 0.0047  -0.0207 98  LYS A O   
714 C CB  . LYS A 93  ? 0.2679 0.2235 0.4892 -0.0014 0.0056  -0.0135 98  LYS A CB  
715 C CG  . LYS A 93  ? 0.3316 0.2581 0.5642 0.0043  0.0040  -0.0212 98  LYS A CG  
716 C CD  . LYS A 93  ? 0.4127 0.3197 0.6628 0.0038  0.0047  -0.0021 98  LYS A CD  
717 C CE  . LYS A 93  ? 0.5023 0.3803 0.7631 0.0151  0.0043  -0.0080 98  LYS A CE  
718 N NZ  . LYS A 93  ? 0.5451 0.4119 0.8019 0.0160  0.0017  -0.0363 98  LYS A NZ  
719 N N   . ILE A 94  ? 0.1772 0.1867 0.3679 -0.0034 0.0092  -0.0171 99  ILE A N   
720 C CA  . ILE A 94  ? 0.1722 0.2017 0.3555 -0.0066 0.0109  -0.0125 99  ILE A CA  
721 C C   . ILE A 94  ? 0.1768 0.2106 0.3525 -0.0101 0.0102  -0.0237 99  ILE A C   
722 O O   . ILE A 94  ? 0.1918 0.2342 0.3676 -0.0152 0.0100  -0.0212 99  ILE A O   
723 C CB  . ILE A 94  ? 0.1780 0.2235 0.3543 0.0000  0.0131  -0.0088 99  ILE A CB  
724 C CG1 . ILE A 94  ? 0.2053 0.2531 0.3880 0.0044  0.0132  0.0062  99  ILE A CG1 
725 C CG2 . ILE A 94  ? 0.1826 0.2452 0.3503 -0.0025 0.0148  -0.0099 99  ILE A CG2 
726 C CD1 . ILE A 94  ? 0.1932 0.2587 0.3705 0.0121  0.0135  0.0079  99  ILE A CD1 
727 N N   . TYR A 95  ? 0.1822 0.2123 0.3516 -0.0063 0.0102  -0.0350 100 TYR A N   
728 C CA  . TYR A 95  ? 0.1823 0.2168 0.3434 -0.0083 0.0095  -0.0432 100 TYR A CA  
729 C C   . TYR A 95  ? 0.1921 0.2234 0.3587 -0.0149 0.0050  -0.0464 100 TYR A C   
730 O O   . TYR A 95  ? 0.2039 0.2460 0.3680 -0.0178 0.0041  -0.0456 100 TYR A O   
731 C CB  . TYR A 95  ? 0.1757 0.2093 0.3293 -0.0028 0.0111  -0.0528 100 TYR A CB  
732 C CG  . TYR A 95  ? 0.1793 0.2239 0.3256 -0.0008 0.0155  -0.0507 100 TYR A CG  
733 C CD1 . TYR A 95  ? 0.1804 0.2307 0.3297 0.0007  0.0176  -0.0452 100 TYR A CD1 
734 C CD2 . TYR A 95  ? 0.2046 0.2546 0.3420 -0.0008 0.0172  -0.0535 100 TYR A CD2 
735 C CE1 . TYR A 95  ? 0.1725 0.2316 0.3179 0.0004  0.0210  -0.0452 100 TYR A CE1 
736 C CE2 . TYR A 95  ? 0.1751 0.2312 0.3089 -0.0005 0.0218  -0.0504 100 TYR A CE2 
737 C CZ  . TYR A 95  ? 0.1748 0.2344 0.3136 -0.0009 0.0235  -0.0476 100 TYR A CZ  
738 O OH  . TYR A 95  ? 0.1783 0.2426 0.3162 -0.0027 0.0273  -0.0468 100 TYR A OH  
739 N N   . THR A 96  ? 0.2132 0.2297 0.3891 -0.0173 0.0019  -0.0506 101 THR A N   
740 C CA  . THR A 96  ? 0.2269 0.2401 0.4115 -0.0261 -0.0033 -0.0555 101 THR A CA  
741 C C   . THR A 96  ? 0.2278 0.2530 0.4213 -0.0335 -0.0031 -0.0431 101 THR A C   
742 O O   . THR A 96  ? 0.2217 0.2593 0.4168 -0.0388 -0.0064 -0.0460 101 THR A O   
743 C CB  . THR A 96  ? 0.2483 0.2386 0.4455 -0.0285 -0.0063 -0.0617 101 THR A CB  
744 O OG1 . THR A 96  ? 0.2509 0.2333 0.4396 -0.0197 -0.0059 -0.0754 101 THR A OG1 
745 C CG2 . THR A 96  ? 0.2511 0.2384 0.4599 -0.0403 -0.0128 -0.0694 101 THR A CG2 
746 N N   . MET A 97  ? 0.2064 0.2317 0.4049 -0.0328 0.0009  -0.0290 102 MET A N   
747 C CA  . MET A 97  ? 0.2219 0.2624 0.4281 -0.0385 0.0027  -0.0161 102 MET A CA  
748 C C   . MET A 97  ? 0.1942 0.2557 0.3902 -0.0349 0.0045  -0.0168 102 MET A C   
749 O O   . MET A 97  ? 0.2140 0.2910 0.4165 -0.0396 0.0041  -0.0133 102 MET A O   
750 C CB  . MET A 97  ? 0.2322 0.2720 0.4428 -0.0365 0.0071  -0.0001 102 MET A CB  
751 C CG  . MET A 97  ? 0.2912 0.3083 0.5162 -0.0400 0.0057  0.0050  102 MET A CG  
752 S SD  . MET A 97  ? 0.2713 0.2916 0.5030 -0.0378 0.0110  0.0300  102 MET A SD  
753 C CE  . MET A 97  ? 0.3025 0.3281 0.5170 -0.0225 0.0125  0.0275  102 MET A CE  
754 N N   . ILE A 98  ? 0.1611 0.2232 0.3431 -0.0265 0.0069  -0.0213 103 ILE A N   
755 C CA  . ILE A 98  ? 0.1774 0.2531 0.3505 -0.0222 0.0091  -0.0224 103 ILE A CA  
756 C C   . ILE A 98  ? 0.1756 0.2562 0.3472 -0.0231 0.0052  -0.0292 103 ILE A C   
757 O O   . ILE A 98  ? 0.1605 0.2559 0.3336 -0.0219 0.0055  -0.0264 103 ILE A O   
758 C CB  . ILE A 98  ? 0.1745 0.2468 0.3362 -0.0152 0.0125  -0.0254 103 ILE A CB  
759 C CG1 . ILE A 98  ? 0.1682 0.2443 0.3308 -0.0134 0.0152  -0.0185 103 ILE A CG1 
760 C CG2 . ILE A 98  ? 0.1541 0.2334 0.3084 -0.0108 0.0146  -0.0278 103 ILE A CG2 
761 C CD1 . ILE A 98  ? 0.1702 0.2444 0.3252 -0.0086 0.0171  -0.0230 103 ILE A CD1 
762 N N   . TYR A 99  ? 0.1844 0.2555 0.3531 -0.0240 0.0014  -0.0382 104 TYR A N   
763 C CA  . TYR A 99  ? 0.2109 0.2903 0.3754 -0.0238 -0.0031 -0.0453 104 TYR A CA  
764 C C   . TYR A 99  ? 0.2219 0.3159 0.3990 -0.0310 -0.0082 -0.0440 104 TYR A C   
765 O O   . TYR A 99  ? 0.2061 0.3163 0.3808 -0.0287 -0.0113 -0.0455 104 TYR A O   
766 C CB  . TYR A 99  ? 0.2034 0.2724 0.3623 -0.0237 -0.0064 -0.0573 104 TYR A CB  
767 C CG  . TYR A 99  ? 0.2008 0.2651 0.3455 -0.0156 -0.0019 -0.0595 104 TYR A CG  
768 C CD1 . TYR A 99  ? 0.1887 0.2607 0.3239 -0.0100 0.0019  -0.0537 104 TYR A CD1 
769 C CD2 . TYR A 99  ? 0.1773 0.2298 0.3202 -0.0137 -0.0012 -0.0669 104 TYR A CD2 
770 C CE1 . TYR A 99  ? 0.1756 0.2444 0.3009 -0.0050 0.0068  -0.0542 104 TYR A CE1 
771 C CE2 . TYR A 99  ? 0.1763 0.2292 0.3084 -0.0070 0.0037  -0.0682 104 TYR A CE2 
772 C CZ  . TYR A 99  ? 0.1893 0.2509 0.3133 -0.0039 0.0077  -0.0612 104 TYR A CZ  
773 O OH  . TYR A 99  ? 0.1976 0.2606 0.3137 0.0005  0.0132  -0.0611 104 TYR A OH  
774 N N   . ARG A 100 ? 0.2123 0.3028 0.4045 -0.0395 -0.0086 -0.0399 105 ARG A N   
775 C CA  . ARG A 100 ? 0.2190 0.3256 0.4278 -0.0490 -0.0128 -0.0379 105 ARG A CA  
776 C C   . ARG A 100 ? 0.2105 0.3405 0.4210 -0.0447 -0.0089 -0.0278 105 ARG A C   
777 O O   . ARG A 100 ? 0.2020 0.3534 0.4256 -0.0501 -0.0120 -0.0257 105 ARG A O   
778 C CB  . ARG A 100 ? 0.2599 0.3543 0.4865 -0.0604 -0.0131 -0.0335 105 ARG A CB  
779 C CG  . ARG A 100 ? 0.2989 0.3687 0.5269 -0.0642 -0.0178 -0.0463 105 ARG A CG  
780 C CD  . ARG A 100 ? 0.3427 0.3948 0.5904 -0.0747 -0.0174 -0.0401 105 ARG A CD  
781 N NE  . ARG A 100 ? 0.3836 0.4098 0.6341 -0.0771 -0.0222 -0.0553 105 ARG A NE  
782 C CZ  . ARG A 100 ? 0.4158 0.4147 0.6711 -0.0751 -0.0196 -0.0523 105 ARG A CZ  
783 N NH1 . ARG A 100 ? 0.4255 0.4223 0.6827 -0.0714 -0.0127 -0.0331 105 ARG A NH1 
784 N NH2 . ARG A 100 ? 0.4379 0.4135 0.6963 -0.0756 -0.0240 -0.0690 105 ARG A NH2 
785 N N   . ASN A 101 ? 0.1889 0.3163 0.3877 -0.0346 -0.0023 -0.0230 106 ASN A N   
786 C CA  . ASN A 101 ? 0.2121 0.3585 0.4124 -0.0288 0.0026  -0.0153 106 ASN A CA  
787 C C   . ASN A 101 ? 0.2145 0.3631 0.4020 -0.0166 0.0041  -0.0181 106 ASN A C   
788 O O   . ASN A 101 ? 0.2124 0.3665 0.3967 -0.0086 0.0096  -0.0147 106 ASN A O   
789 C CB  . ASN A 101 ? 0.2073 0.3515 0.4069 -0.0276 0.0095  -0.0076 106 ASN A CB  
790 C CG  . ASN A 101 ? 0.2092 0.3575 0.4243 -0.0384 0.0099  0.0014  106 ASN A CG  
791 O OD1 . ASN A 101 ? 0.2147 0.3852 0.4432 -0.0430 0.0110  0.0083  106 ASN A OD1 
792 N ND2 . ASN A 101 ? 0.2217 0.3497 0.4371 -0.0425 0.0094  0.0027  106 ASN A ND2 
793 N N   . LEU A 102 ? 0.2044 0.3487 0.3846 -0.0148 -0.0007 -0.0241 107 LEU A N   
794 C CA  . LEU A 102 ? 0.1859 0.3299 0.3549 -0.0034 0.0010  -0.0235 107 LEU A CA  
795 C C   . LEU A 102 ? 0.1777 0.3308 0.3427 -0.0022 -0.0060 -0.0269 107 LEU A C   
796 O O   . LEU A 102 ? 0.1890 0.3468 0.3588 -0.0109 -0.0126 -0.0333 107 LEU A O   
797 C CB  . LEU A 102 ? 0.1753 0.2971 0.3320 0.0003  0.0062  -0.0250 107 LEU A CB  
798 C CG  . LEU A 102 ? 0.2046 0.3115 0.3561 -0.0051 0.0047  -0.0308 107 LEU A CG  
799 C CD1 . LEU A 102 ? 0.2296 0.3373 0.3715 -0.0027 0.0010  -0.0348 107 LEU A CD1 
800 C CD2 . LEU A 102 ? 0.1969 0.2887 0.3427 -0.0034 0.0104  -0.0309 107 LEU A CD2 
801 N N   . VAL A 103 ? 0.1789 0.3345 0.3352 0.0088  -0.0046 -0.0226 108 VAL A N   
802 C CA  . VAL A 103 ? 0.1692 0.3344 0.3167 0.0126  -0.0103 -0.0235 108 VAL A CA  
803 C C   . VAL A 103 ? 0.1988 0.3448 0.3304 0.0175  -0.0054 -0.0218 108 VAL A C   
804 O O   . VAL A 103 ? 0.2043 0.3366 0.3336 0.0237  0.0018  -0.0156 108 VAL A O   
805 C CB  . VAL A 103 ? 0.1847 0.3725 0.3360 0.0230  -0.0127 -0.0156 108 VAL A CB  
806 C CG1 . VAL A 103 ? 0.2169 0.4172 0.3561 0.0290  -0.0184 -0.0140 108 VAL A CG1 
807 C CG2 . VAL A 103 ? 0.1724 0.3853 0.3420 0.0170  -0.0175 -0.0170 108 VAL A CG2 
808 N N   . VAL A 104 ? 0.1894 0.3352 0.3115 0.0144  -0.0088 -0.0283 109 VAL A N   
809 C CA  . VAL A 104 ? 0.2106 0.3442 0.3184 0.0188  -0.0034 -0.0253 109 VAL A CA  
810 C C   . VAL A 104 ? 0.2489 0.3940 0.3475 0.0297  -0.0033 -0.0140 109 VAL A C   
811 O O   . VAL A 104 ? 0.2440 0.4122 0.3392 0.0326  -0.0108 -0.0147 109 VAL A O   
812 C CB  . VAL A 104 ? 0.2057 0.3381 0.3056 0.0137  -0.0058 -0.0368 109 VAL A CB  
813 C CG1 . VAL A 104 ? 0.2117 0.3380 0.2976 0.0189  0.0011  -0.0317 109 VAL A CG1 
814 C CG2 . VAL A 104 ? 0.2172 0.3349 0.3274 0.0048  -0.0053 -0.0454 109 VAL A CG2 
815 N N   . VAL A 105 ? 0.3234 0.4529 0.4193 0.0357  0.0049  -0.0031 110 VAL A N   
# 
loop_
_pdbx_poly_seq_scheme.asym_id 
_pdbx_poly_seq_scheme.entity_id 
_pdbx_poly_seq_scheme.seq_id 
_pdbx_poly_seq_scheme.mon_id 
_pdbx_poly_seq_scheme.ndb_seq_num 
_pdbx_poly_seq_scheme.pdb_seq_num 
_pdbx_poly_seq_scheme.auth_seq_num 
_pdbx_poly_seq_scheme.pdb_mon_id 
_pdbx_poly_seq_scheme.auth_mon_id 
_pdbx_poly_seq_scheme.pdb_strand_id 
_pdbx_poly_seq_scheme.pdb_ins_code 
_pdbx_poly_seq_scheme.hetero 
A 1 1   MET 1   6   ?   ?   ?   A . n 
A 1 2   SER 2   7   ?   ?   ?   A . n 
A 1 3   VAL 3   8   ?   ?   ?   A . n 
A 1 4   PRO 4   9   ?   ?   ?   A . n 
A 1 5   THR 5   10  ?   ?   ?   A . n 
A 1 6   ASP 6   11  ?   ?   ?   A . n 
A 1 7   GLY 7   12  12  GLY GLY A . n 
A 1 8   ALA 8   13  13  ALA ALA A . n 
A 1 9   VAL 9   14  14  VAL VAL A . n 
A 1 10  THR 10  15  15  THR THR A . n 
A 1 11  THR 11  16  16  THR THR A . n 
A 1 12  SER 12  17  17  SER SER A . n 
A 1 13  GLN 13  18  18  GLN GLN A . n 
A 1 14  ILE 14  19  19  ILE ILE A . n 
A 1 15  PRO 15  20  20  PRO PRO A . n 
A 1 16  ALA 16  21  21  ALA ALA A . n 
A 1 17  SER 17  22  22  SER SER A . n 
A 1 18  GLU 18  23  23  GLU GLU A . n 
A 1 19  GLN 19  24  24  GLN GLN A . n 
A 1 20  GLU 20  25  25  GLU GLU A . n 
A 1 21  THR 21  26  26  THR THR A . n 
A 1 22  LEU 22  27  27  LEU LEU A . n 
A 1 23  VAL 23  28  28  VAL VAL A . n 
A 1 24  ARG 24  29  29  ARG ARG A . n 
A 1 25  PRO 25  30  30  PRO PRO A . n 
A 1 26  LYS 26  31  31  LYS LYS A . n 
A 1 27  PRO 27  32  32  PRO PRO A . n 
A 1 28  LEU 28  33  33  LEU LEU A . n 
A 1 29  LEU 29  34  34  LEU LEU A . n 
A 1 30  LEU 30  35  35  LEU LEU A . n 
A 1 31  LYS 31  36  36  LYS LYS A . n 
A 1 32  LEU 32  37  37  LEU LEU A . n 
A 1 33  LEU 33  38  38  LEU LEU A . n 
A 1 34  LYS 34  39  39  LYS LYS A . n 
A 1 35  SER 35  40  40  SER SER A . n 
A 1 36  VAL 36  41  41  VAL VAL A . n 
A 1 37  GLY 37  42  42  GLY GLY A . n 
A 1 38  ALA 38  43  43  ALA ALA A . n 
A 1 39  GLN 39  44  44  GLN GLN A . n 
A 1 40  LYS 40  45  45  LYS LYS A . n 
A 1 41  ASP 41  46  46  ASP ASP A . n 
A 1 42  THR 42  47  47  THR THR A . n 
A 1 43  TYR 43  48  48  TYR TYR A . n 
A 1 44  THR 44  49  49  THR THR A . n 
A 1 45  MET 45  50  50  MET MET A . n 
A 1 46  LYS 46  51  51  LYS LYS A . n 
A 1 47  GLU 47  52  52  GLU GLU A . n 
A 1 48  VAL 48  53  53  VAL VAL A . n 
A 1 49  LEU 49  54  54  LEU LEU A . n 
A 1 50  PHE 50  55  55  PHE PHE A . n 
A 1 51  TYR 51  56  56  TYR TYR A . n 
A 1 52  LEU 52  57  57  LEU LEU A . n 
A 1 53  GLY 53  58  58  GLY GLY A . n 
A 1 54  GLN 54  59  59  GLN GLN A . n 
A 1 55  TYR 55  60  60  TYR TYR A . n 
A 1 56  ILE 56  61  61  ILE ILE A . n 
A 1 57  MET 57  62  62  MET MET A . n 
A 1 58  THR 58  63  63  THR THR A . n 
A 1 59  LYS 59  64  64  LYS LYS A . n 
A 1 60  ARG 60  65  65  ARG ARG A . n 
A 1 61  LEU 61  66  66  LEU LEU A . n 
A 1 62  TYR 62  67  67  TYR TYR A . n 
A 1 63  ASP 63  68  68  ASP ASP A . n 
A 1 64  GLU 64  69  69  GLU GLU A . n 
A 1 65  LYS 65  70  70  LYS LYS A . n 
A 1 66  GLN 66  71  71  GLN GLN A . n 
A 1 67  GLN 67  72  72  GLN GLN A . n 
A 1 68  HIS 68  73  73  HIS HIS A . n 
A 1 69  ILE 69  74  74  ILE ILE A . n 
A 1 70  VAL 70  75  75  VAL VAL A . n 
A 1 71  TYR 71  76  76  TYR TYR A . n 
A 1 72  CYS 72  77  77  CYS CYS A . n 
A 1 73  SER 73  78  78  SER SER A . n 
A 1 74  ASN 74  79  79  ASN ASN A . n 
A 1 75  ASP 75  80  80  ASP ASP A . n 
A 1 76  LEU 76  81  81  LEU LEU A . n 
A 1 77  LEU 77  82  82  LEU LEU A . n 
A 1 78  GLY 78  83  83  GLY GLY A . n 
A 1 79  ASP 79  84  84  ASP ASP A . n 
A 1 80  LEU 80  85  85  LEU LEU A . n 
A 1 81  PHE 81  86  86  PHE PHE A . n 
A 1 82  GLY 82  87  87  GLY GLY A . n 
A 1 83  VAL 83  88  88  VAL VAL A . n 
A 1 84  PRO 84  89  89  PRO PRO A . n 
A 1 85  SER 85  90  90  SER SER A . n 
A 1 86  PHE 86  91  91  PHE PHE A . n 
A 1 87  SER 87  92  92  SER SER A . n 
A 1 88  VAL 88  93  93  VAL VAL A . n 
A 1 89  LYS 89  94  94  LYS LYS A . n 
A 1 90  GLU 90  95  95  GLU GLU A . n 
A 1 91  HIS 91  96  96  HIS HIS A . n 
A 1 92  ARG 92  97  97  ARG ARG A . n 
A 1 93  LYS 93  98  98  LYS LYS A . n 
A 1 94  ILE 94  99  99  ILE ILE A . n 
A 1 95  TYR 95  100 100 TYR TYR A . n 
A 1 96  THR 96  101 101 THR THR A . n 
A 1 97  MET 97  102 102 MET MET A . n 
A 1 98  ILE 98  103 103 ILE ILE A . n 
A 1 99  TYR 99  104 104 TYR TYR A . n 
A 1 100 ARG 100 105 105 ARG ARG A . n 
A 1 101 ASN 101 106 106 ASN ASN A . n 
A 1 102 LEU 102 107 107 LEU LEU A . n 
A 1 103 VAL 103 108 108 VAL VAL A . n 
A 1 104 VAL 104 109 109 VAL VAL A . n 
A 1 105 VAL 105 110 110 VAL VAL A . n 
# 
loop_
_pdbx_nonpoly_scheme.asym_id 
_pdbx_nonpoly_scheme.entity_id 
_pdbx_nonpoly_scheme.mon_id 
_pdbx_nonpoly_scheme.ndb_seq_num 
_pdbx_nonpoly_scheme.pdb_seq_num 
_pdbx_nonpoly_scheme.auth_seq_num 
_pdbx_nonpoly_scheme.pdb_mon_id 
_pdbx_nonpoly_scheme.auth_mon_id 
_pdbx_nonpoly_scheme.pdb_strand_id 
_pdbx_nonpoly_scheme.pdb_ins_code 
B 2 2U6 1  201 1  2U6 UNL A . 
C 3 SO4 1  202 1  SO4 SO4 A . 
D 4 HOH 1  301 1  HOH HOH A . 
D 4 HOH 2  302 2  HOH HOH A . 
D 4 HOH 3  303 3  HOH HOH A . 
D 4 HOH 4  304 4  HOH HOH A . 
D 4 HOH 5  305 5  HOH HOH A . 
D 4 HOH 6  306 6  HOH HOH A . 
D 4 HOH 7  307 7  HOH HOH A . 
D 4 HOH 8  308 8  HOH HOH A . 
D 4 HOH 9  309 9  HOH HOH A . 
D 4 HOH 10 310 10 HOH HOH A . 
D 4 HOH 11 311 11 HOH HOH A . 
D 4 HOH 12 312 12 HOH HOH A . 
D 4 HOH 13 313 13 HOH HOH A . 
D 4 HOH 14 314 14 HOH HOH A . 
D 4 HOH 15 315 15 HOH HOH A . 
D 4 HOH 16 316 16 HOH HOH A . 
D 4 HOH 17 317 17 HOH HOH A . 
D 4 HOH 18 318 18 HOH HOH A . 
D 4 HOH 19 319 19 HOH HOH A . 
D 4 HOH 20 320 20 HOH HOH A . 
D 4 HOH 21 321 21 HOH HOH A . 
D 4 HOH 22 322 22 HOH HOH A . 
D 4 HOH 23 323 23 HOH HOH A . 
D 4 HOH 24 324 24 HOH HOH A . 
D 4 HOH 25 325 25 HOH HOH A . 
D 4 HOH 26 326 26 HOH HOH A . 
D 4 HOH 27 327 27 HOH HOH A . 
D 4 HOH 28 328 28 HOH HOH A . 
D 4 HOH 29 329 29 HOH HOH A . 
D 4 HOH 30 330 30 HOH HOH A . 
D 4 HOH 31 331 31 HOH HOH A . 
D 4 HOH 32 332 32 HOH HOH A . 
D 4 HOH 33 333 33 HOH HOH A . 
D 4 HOH 34 334 34 HOH HOH A . 
D 4 HOH 35 335 35 HOH HOH A . 
D 4 HOH 36 336 36 HOH HOH A . 
D 4 HOH 37 337 37 HOH HOH A . 
D 4 HOH 38 338 38 HOH HOH A . 
D 4 HOH 39 339 39 HOH HOH A . 
D 4 HOH 40 340 40 HOH HOH A . 
D 4 HOH 41 341 41 HOH HOH A . 
D 4 HOH 42 342 42 HOH HOH A . 
D 4 HOH 43 343 43 HOH HOH A . 
D 4 HOH 44 344 44 HOH HOH A . 
D 4 HOH 45 345 45 HOH HOH A . 
D 4 HOH 46 346 46 HOH HOH A . 
D 4 HOH 47 347 47 HOH HOH A . 
D 4 HOH 48 348 48 HOH HOH A . 
D 4 HOH 49 349 49 HOH HOH A . 
D 4 HOH 50 350 50 HOH HOH A . 
D 4 HOH 51 351 51 HOH HOH A . 
D 4 HOH 52 352 52 HOH HOH A . 
D 4 HOH 53 353 53 HOH HOH A . 
D 4 HOH 54 354 54 HOH HOH A . 
D 4 HOH 55 355 55 HOH HOH A . 
D 4 HOH 56 356 56 HOH HOH A . 
D 4 HOH 57 357 57 HOH HOH A . 
D 4 HOH 58 358 58 HOH HOH A . 
D 4 HOH 59 359 59 HOH HOH A . 
D 4 HOH 60 360 60 HOH HOH A . 
D 4 HOH 61 361 61 HOH HOH A . 
D 4 HOH 62 362 62 HOH HOH A . 
D 4 HOH 63 363 63 HOH HOH A . 
D 4 HOH 64 364 64 HOH HOH A . 
D 4 HOH 65 365 65 HOH HOH A . 
D 4 HOH 66 366 66 HOH HOH A . 
D 4 HOH 67 367 67 HOH HOH A . 
D 4 HOH 68 368 68 HOH HOH A . 
D 4 HOH 69 369 69 HOH HOH A . 
D 4 HOH 70 370 70 HOH HOH A . 
D 4 HOH 71 371 71 HOH HOH A . 
D 4 HOH 72 372 72 HOH HOH A . 
D 4 HOH 73 373 73 HOH HOH A . 
D 4 HOH 74 374 74 HOH HOH A . 
D 4 HOH 75 375 75 HOH HOH A . 
D 4 HOH 76 376 76 HOH HOH A . 
D 4 HOH 77 377 77 HOH HOH A . 
D 4 HOH 78 378 78 HOH HOH A . 
D 4 HOH 79 379 79 HOH HOH A . 
D 4 HOH 80 380 80 HOH HOH A . 
D 4 HOH 81 381 81 HOH HOH A . 
D 4 HOH 82 382 82 HOH HOH A . 
D 4 HOH 83 383 83 HOH HOH A . 
D 4 HOH 84 384 84 HOH HOH A . 
D 4 HOH 85 385 85 HOH HOH A . 
D 4 HOH 86 386 86 HOH HOH A . 
D 4 HOH 87 387 87 HOH HOH A . 
D 4 HOH 88 388 88 HOH HOH A . 
D 4 HOH 89 389 89 HOH HOH A . 
D 4 HOH 90 390 90 HOH HOH A . 
D 4 HOH 91 391 91 HOH HOH A . 
D 4 HOH 92 392 92 HOH HOH A . 
D 4 HOH 93 393 93 HOH HOH A . 
D 4 HOH 94 394 94 HOH HOH A . 
D 4 HOH 95 395 95 HOH HOH A . 
D 4 HOH 96 396 96 HOH HOH A . 
D 4 HOH 97 397 97 HOH HOH A . 
D 4 HOH 98 398 98 HOH HOH A . 
# 
_pdbx_struct_assembly.id                   1 
_pdbx_struct_assembly.details              author_and_software_defined_assembly 
_pdbx_struct_assembly.method_details       PISA 
_pdbx_struct_assembly.oligomeric_details   monomeric 
_pdbx_struct_assembly.oligomeric_count     1 
# 
_pdbx_struct_assembly_gen.assembly_id       1 
_pdbx_struct_assembly_gen.oper_expression   1 
_pdbx_struct_assembly_gen.asym_id_list      A,B,C,D 
# 
_pdbx_struct_oper_list.id                   1 
_pdbx_struct_oper_list.type                 'identity operation' 
_pdbx_struct_oper_list.name                 1_555 
_pdbx_struct_oper_list.symmetry_operation   x,y,z 
_pdbx_struct_oper_list.matrix[1][1]         1.0000000000 
_pdbx_struct_oper_list.matrix[1][2]         0.0000000000 
_pdbx_struct_oper_list.matrix[1][3]         0.0000000000 
_pdbx_struct_oper_list.vector[1]            0.0000000000 
_pdbx_struct_oper_list.matrix[2][1]         0.0000000000 
_pdbx_struct_oper_list.matrix[2][2]         1.0000000000 
_pdbx_struct_oper_list.matrix[2][3]         0.0000000000 
_pdbx_struct_oper_list.vector[2]            0.0000000000 
_pdbx_struct_oper_list.matrix[3][1]         0.0000000000 
_pdbx_struct_oper_list.matrix[3][2]         0.0000000000 
_pdbx_struct_oper_list.matrix[3][3]         1.0000000000 
_pdbx_struct_oper_list.vector[3]            0.0000000000 
# 
_pdbx_struct_special_symmetry.id              1 
_pdbx_struct_special_symmetry.PDB_model_num   1 
_pdbx_struct_special_symmetry.auth_asym_id    A 
_pdbx_struct_special_symmetry.auth_comp_id    HOH 
_pdbx_struct_special_symmetry.auth_seq_id     343 
_pdbx_struct_special_symmetry.PDB_ins_code    ? 
_pdbx_struct_special_symmetry.label_asym_id   D 
_pdbx_struct_special_symmetry.label_comp_id   HOH 
_pdbx_struct_special_symmetry.label_seq_id    . 
# 
loop_
_pdbx_audit_revision_history.ordinal 
_pdbx_audit_revision_history.data_content_type 
_pdbx_audit_revision_history.major_revision 
_pdbx_audit_revision_history.minor_revision 
_pdbx_audit_revision_history.revision_date 
1 'Structure model' 1 0 2014-04-02 
2 'Structure model' 1 1 2014-06-18 
3 'Structure model' 1 2 2023-09-20 
# 
_pdbx_audit_revision_details.ordinal             1 
_pdbx_audit_revision_details.revision_ordinal    1 
_pdbx_audit_revision_details.data_content_type   'Structure model' 
_pdbx_audit_revision_details.provider            repository 
_pdbx_audit_revision_details.type                'Initial release' 
_pdbx_audit_revision_details.description         ? 
_pdbx_audit_revision_details.details             ? 
# 
loop_
_pdbx_audit_revision_group.ordinal 
_pdbx_audit_revision_group.revision_ordinal 
_pdbx_audit_revision_group.data_content_type 
_pdbx_audit_revision_group.group 
1 2 'Structure model' 'Database references'    
2 3 'Structure model' 'Data collection'        
3 3 'Structure model' 'Database references'    
4 3 'Structure model' 'Derived calculations'   
5 3 'Structure model' 'Refinement description' 
# 
loop_
_pdbx_audit_revision_category.ordinal 
_pdbx_audit_revision_category.revision_ordinal 
_pdbx_audit_revision_category.data_content_type 
_pdbx_audit_revision_category.category 
1 3 'Structure model' chem_comp_atom                
2 3 'Structure model' chem_comp_bond                
3 3 'Structure model' database_2                    
4 3 'Structure model' pdbx_initial_refinement_model 
5 3 'Structure model' struct_site                   
# 
loop_
_pdbx_audit_revision_item.ordinal 
_pdbx_audit_revision_item.revision_ordinal 
_pdbx_audit_revision_item.data_content_type 
_pdbx_audit_revision_item.item 
1 3 'Structure model' '_database_2.pdbx_DOI'                
2 3 'Structure model' '_database_2.pdbx_database_accession' 
3 3 'Structure model' '_struct_site.pdbx_auth_asym_id'      
4 3 'Structure model' '_struct_site.pdbx_auth_comp_id'      
5 3 'Structure model' '_struct_site.pdbx_auth_seq_id'       
# 
_pdbx_refine_tls.pdbx_refine_id   'X-RAY DIFFRACTION' 
_pdbx_refine_tls.id               1 
_pdbx_refine_tls.details          ? 
_pdbx_refine_tls.method           refined 
_pdbx_refine_tls.origin_x         0.1689 
_pdbx_refine_tls.origin_y         -0.3767 
_pdbx_refine_tls.origin_z         0.1691 
_pdbx_refine_tls.T[1][1]          0.1038 
_pdbx_refine_tls.T[2][2]          0.2121 
_pdbx_refine_tls.T[3][3]          0.2522 
_pdbx_refine_tls.T[1][2]          -0.0031 
_pdbx_refine_tls.T[1][3]          0.0217 
_pdbx_refine_tls.T[2][3]          -0.0149 
_pdbx_refine_tls.L[1][1]          3.7928 
_pdbx_refine_tls.L[2][2]          1.3160 
_pdbx_refine_tls.L[3][3]          2.5958 
_pdbx_refine_tls.L[1][2]          -0.5522 
_pdbx_refine_tls.L[1][3]          -0.1349 
_pdbx_refine_tls.L[2][3]          -0.1278 
_pdbx_refine_tls.S[1][1]          -0.0091 
_pdbx_refine_tls.S[2][2]          0.0908 
_pdbx_refine_tls.S[3][3]          -0.0748 
_pdbx_refine_tls.S[1][2]          -0.4026 
_pdbx_refine_tls.S[1][3]          -0.2120 
_pdbx_refine_tls.S[2][3]          0.0530 
_pdbx_refine_tls.S[2][1]          0.0561 
_pdbx_refine_tls.S[3][1]          0.0708 
_pdbx_refine_tls.S[3][2]          -0.0791 
# 
_pdbx_refine_tls_group.pdbx_refine_id      'X-RAY DIFFRACTION' 
_pdbx_refine_tls_group.id                  1 
_pdbx_refine_tls_group.refine_tls_id       1 
_pdbx_refine_tls_group.beg_auth_asym_id    A 
_pdbx_refine_tls_group.beg_auth_seq_id     0 
_pdbx_refine_tls_group.end_auth_asym_id    A 
_pdbx_refine_tls_group.end_auth_seq_id     0 
_pdbx_refine_tls_group.selection_details   
;chain 'A' and (resid 12 through 110 )
;
_pdbx_refine_tls_group.beg_label_asym_id   ? 
_pdbx_refine_tls_group.beg_label_seq_id    ? 
_pdbx_refine_tls_group.end_label_asym_id   ? 
_pdbx_refine_tls_group.end_label_seq_id    ? 
_pdbx_refine_tls_group.selection           ? 
# 
loop_
_software.pdbx_ordinal 
_software.name 
_software.version 
_software.date 
_software.type 
_software.contact_author 
_software.contact_author_email 
_software.classification 
_software.location 
_software.language 
_software.citation_id 
1 SCALEPACK   .        ?               program 'Zbyszek Otwinowski' hkl@hkl-xray.com         'data scaling'    
http://www.hkl-xray.com/                  ?   ? 
2 PHENIX      1.8_1069 ?               package 'Paul D. Adams'      PDAdams@lbl.gov          refinement        
http://www.phenix-online.org/             C++ ? 
3 PDB_EXTRACT 3.14     'Dec. 10, 2013' package PDB                  deposit@deposit.rcsb.org 'data extraction' 
http://sw-tools.pdb.org/apps/PDB_EXTRACT/ C++ ? 
4 HKL-2000    .        ?               ?       ?                    ?                        'data reduction'  ? ?   ? 
5 HKL-2000    .        ?               ?       ?                    ?                        'data scaling'    ? ?   ? 
6 PHASER      .        ?               ?       ?                    ?                        phasing           ? ?   ? 
# 
_pdbx_validate_symm_contact.id                1 
_pdbx_validate_symm_contact.PDB_model_num     1 
_pdbx_validate_symm_contact.auth_atom_id_1    O 
_pdbx_validate_symm_contact.auth_asym_id_1    A 
_pdbx_validate_symm_contact.auth_comp_id_1    HOH 
_pdbx_validate_symm_contact.auth_seq_id_1     383 
_pdbx_validate_symm_contact.PDB_ins_code_1    ? 
_pdbx_validate_symm_contact.label_alt_id_1    ? 
_pdbx_validate_symm_contact.site_symmetry_1   1_555 
_pdbx_validate_symm_contact.auth_atom_id_2    O 
_pdbx_validate_symm_contact.auth_asym_id_2    A 
_pdbx_validate_symm_contact.auth_comp_id_2    HOH 
_pdbx_validate_symm_contact.auth_seq_id_2     384 
_pdbx_validate_symm_contact.PDB_ins_code_2    ? 
_pdbx_validate_symm_contact.label_alt_id_2    ? 
_pdbx_validate_symm_contact.site_symmetry_2   8_565 
_pdbx_validate_symm_contact.dist              2.10 
# 
loop_
_pdbx_unobs_or_zero_occ_atoms.id 
_pdbx_unobs_or_zero_occ_atoms.PDB_model_num 
_pdbx_unobs_or_zero_occ_atoms.polymer_flag 
_pdbx_unobs_or_zero_occ_atoms.occupancy_flag 
_pdbx_unobs_or_zero_occ_atoms.auth_asym_id 
_pdbx_unobs_or_zero_occ_atoms.auth_comp_id 
_pdbx_unobs_or_zero_occ_atoms.auth_seq_id 
_pdbx_unobs_or_zero_occ_atoms.PDB_ins_code 
_pdbx_unobs_or_zero_occ_atoms.auth_atom_id 
_pdbx_unobs_or_zero_occ_atoms.label_alt_id 
_pdbx_unobs_or_zero_occ_atoms.label_asym_id 
_pdbx_unobs_or_zero_occ_atoms.label_comp_id 
_pdbx_unobs_or_zero_occ_atoms.label_seq_id 
_pdbx_unobs_or_zero_occ_atoms.label_atom_id 
1 1 Y 1 A LYS 36 ? CE  ? A LYS 31 CE  
2 1 Y 1 A LYS 36 ? NZ  ? A LYS 31 NZ  
3 1 Y 1 A GLN 44 ? CG  ? A GLN 39 CG  
4 1 Y 1 A GLN 44 ? CD  ? A GLN 39 CD  
5 1 Y 1 A GLN 44 ? OE1 ? A GLN 39 OE1 
6 1 Y 1 A GLN 44 ? NE2 ? A GLN 39 NE2 
# 
loop_
_pdbx_unobs_or_zero_occ_residues.id 
_pdbx_unobs_or_zero_occ_residues.PDB_model_num 
_pdbx_unobs_or_zero_occ_residues.polymer_flag 
_pdbx_unobs_or_zero_occ_residues.occupancy_flag 
_pdbx_unobs_or_zero_occ_residues.auth_asym_id 
_pdbx_unobs_or_zero_occ_residues.auth_comp_id 
_pdbx_unobs_or_zero_occ_residues.auth_seq_id 
_pdbx_unobs_or_zero_occ_residues.PDB_ins_code 
_pdbx_unobs_or_zero_occ_residues.label_asym_id 
_pdbx_unobs_or_zero_occ_residues.label_comp_id 
_pdbx_unobs_or_zero_occ_residues.label_seq_id 
1 1 Y 1 A MET 6  ? A MET 1 
2 1 Y 1 A SER 7  ? A SER 2 
3 1 Y 1 A VAL 8  ? A VAL 3 
4 1 Y 1 A PRO 9  ? A PRO 4 
5 1 Y 1 A THR 10 ? A THR 5 
6 1 Y 1 A ASP 11 ? A ASP 6 
# 
loop_
_chem_comp_atom.comp_id 
_chem_comp_atom.atom_id 
_chem_comp_atom.type_symbol 
_chem_comp_atom.pdbx_aromatic_flag 
_chem_comp_atom.pdbx_stereo_config 
_chem_comp_atom.pdbx_ordinal 
2U6 C11  C  Y N 1   
2U6 C10  C  Y N 2   
2U6 CL1  CL N N 3   
2U6 C9   C  Y N 4   
2U6 C8   C  Y N 5   
2U6 C7   C  Y N 6   
2U6 C6   C  Y N 7   
2U6 C2   C  N R 8   
2U6 O1   O  N N 9   
2U6 C3   C  N R 10  
2U6 C22  C  N N 11  
2U6 C24  C  Y N 12  
2U6 C25  C  Y N 13  
2U6 C26  C  Y N 14  
2U6 C27  C  Y N 15  
2U6 C29  C  N N 16  
2U6 O4   O  N N 17  
2U6 O3   O  N N 18  
2U6 C28  C  Y N 19  
2U6 N2   N  Y N 20  
2U6 C23  C  N N 21  
2U6 C4   C  N N 22  
2U6 O2   O  N N 23  
2U6 N1   N  N N 24  
2U6 C17  C  N S 25  
2U6 C18  C  N N 26  
2U6 C20  C  N N 27  
2U6 C21  C  N N 28  
2U6 C19  C  N N 29  
2U6 S1   S  N N 30  
2U6 O5   O  N N 31  
2U6 O6   O  N N 32  
2U6 C30  C  N N 33  
2U6 C32  C  N N 34  
2U6 C33  C  N N 35  
2U6 C31  C  N N 36  
2U6 C1   C  N R 37  
2U6 C5   C  Y N 38  
2U6 C12  C  Y N 39  
2U6 C13  C  Y N 40  
2U6 C14  C  Y N 41  
2U6 CL2  CL N N 42  
2U6 C15  C  Y N 43  
2U6 C16  C  Y N 44  
2U6 H1   H  N N 45  
2U6 H2   H  N N 46  
2U6 H3   H  N N 47  
2U6 H4   H  N N 48  
2U6 H5   H  N N 49  
2U6 H6   H  N N 50  
2U6 H7   H  N N 51  
2U6 H8   H  N N 52  
2U6 H9   H  N N 53  
2U6 H10  H  N N 54  
2U6 H11  H  N N 55  
2U6 H12  H  N N 56  
2U6 H13  H  N N 57  
2U6 H14  H  N N 58  
2U6 H15  H  N N 59  
2U6 H16  H  N N 60  
2U6 H17  H  N N 61  
2U6 H18  H  N N 62  
2U6 H19  H  N N 63  
2U6 H20  H  N N 64  
2U6 H21  H  N N 65  
2U6 H22  H  N N 66  
2U6 H23  H  N N 67  
2U6 H24  H  N N 68  
2U6 H25  H  N N 69  
2U6 H26  H  N N 70  
2U6 H27  H  N N 71  
2U6 H28  H  N N 72  
2U6 H29  H  N N 73  
2U6 H30  H  N N 74  
2U6 H31  H  N N 75  
2U6 H32  H  N N 76  
2U6 H33  H  N N 77  
2U6 H34  H  N N 78  
2U6 H35  H  N N 79  
2U6 H36  H  N N 80  
ALA N    N  N N 81  
ALA CA   C  N S 82  
ALA C    C  N N 83  
ALA O    O  N N 84  
ALA CB   C  N N 85  
ALA OXT  O  N N 86  
ALA H    H  N N 87  
ALA H2   H  N N 88  
ALA HA   H  N N 89  
ALA HB1  H  N N 90  
ALA HB2  H  N N 91  
ALA HB3  H  N N 92  
ALA HXT  H  N N 93  
ARG N    N  N N 94  
ARG CA   C  N S 95  
ARG C    C  N N 96  
ARG O    O  N N 97  
ARG CB   C  N N 98  
ARG CG   C  N N 99  
ARG CD   C  N N 100 
ARG NE   N  N N 101 
ARG CZ   C  N N 102 
ARG NH1  N  N N 103 
ARG NH2  N  N N 104 
ARG OXT  O  N N 105 
ARG H    H  N N 106 
ARG H2   H  N N 107 
ARG HA   H  N N 108 
ARG HB2  H  N N 109 
ARG HB3  H  N N 110 
ARG HG2  H  N N 111 
ARG HG3  H  N N 112 
ARG HD2  H  N N 113 
ARG HD3  H  N N 114 
ARG HE   H  N N 115 
ARG HH11 H  N N 116 
ARG HH12 H  N N 117 
ARG HH21 H  N N 118 
ARG HH22 H  N N 119 
ARG HXT  H  N N 120 
ASN N    N  N N 121 
ASN CA   C  N S 122 
ASN C    C  N N 123 
ASN O    O  N N 124 
ASN CB   C  N N 125 
ASN CG   C  N N 126 
ASN OD1  O  N N 127 
ASN ND2  N  N N 128 
ASN OXT  O  N N 129 
ASN H    H  N N 130 
ASN H2   H  N N 131 
ASN HA   H  N N 132 
ASN HB2  H  N N 133 
ASN HB3  H  N N 134 
ASN HD21 H  N N 135 
ASN HD22 H  N N 136 
ASN HXT  H  N N 137 
ASP N    N  N N 138 
ASP CA   C  N S 139 
ASP C    C  N N 140 
ASP O    O  N N 141 
ASP CB   C  N N 142 
ASP CG   C  N N 143 
ASP OD1  O  N N 144 
ASP OD2  O  N N 145 
ASP OXT  O  N N 146 
ASP H    H  N N 147 
ASP H2   H  N N 148 
ASP HA   H  N N 149 
ASP HB2  H  N N 150 
ASP HB3  H  N N 151 
ASP HD2  H  N N 152 
ASP HXT  H  N N 153 
CYS N    N  N N 154 
CYS CA   C  N R 155 
CYS C    C  N N 156 
CYS O    O  N N 157 
CYS CB   C  N N 158 
CYS SG   S  N N 159 
CYS OXT  O  N N 160 
CYS H    H  N N 161 
CYS H2   H  N N 162 
CYS HA   H  N N 163 
CYS HB2  H  N N 164 
CYS HB3  H  N N 165 
CYS HG   H  N N 166 
CYS HXT  H  N N 167 
GLN N    N  N N 168 
GLN CA   C  N S 169 
GLN C    C  N N 170 
GLN O    O  N N 171 
GLN CB   C  N N 172 
GLN CG   C  N N 173 
GLN CD   C  N N 174 
GLN OE1  O  N N 175 
GLN NE2  N  N N 176 
GLN OXT  O  N N 177 
GLN H    H  N N 178 
GLN H2   H  N N 179 
GLN HA   H  N N 180 
GLN HB2  H  N N 181 
GLN HB3  H  N N 182 
GLN HG2  H  N N 183 
GLN HG3  H  N N 184 
GLN HE21 H  N N 185 
GLN HE22 H  N N 186 
GLN HXT  H  N N 187 
GLU N    N  N N 188 
GLU CA   C  N S 189 
GLU C    C  N N 190 
GLU O    O  N N 191 
GLU CB   C  N N 192 
GLU CG   C  N N 193 
GLU CD   C  N N 194 
GLU OE1  O  N N 195 
GLU OE2  O  N N 196 
GLU OXT  O  N N 197 
GLU H    H  N N 198 
GLU H2   H  N N 199 
GLU HA   H  N N 200 
GLU HB2  H  N N 201 
GLU HB3  H  N N 202 
GLU HG2  H  N N 203 
GLU HG3  H  N N 204 
GLU HE2  H  N N 205 
GLU HXT  H  N N 206 
GLY N    N  N N 207 
GLY CA   C  N N 208 
GLY C    C  N N 209 
GLY O    O  N N 210 
GLY OXT  O  N N 211 
GLY H    H  N N 212 
GLY H2   H  N N 213 
GLY HA2  H  N N 214 
GLY HA3  H  N N 215 
GLY HXT  H  N N 216 
HIS N    N  N N 217 
HIS CA   C  N S 218 
HIS C    C  N N 219 
HIS O    O  N N 220 
HIS CB   C  N N 221 
HIS CG   C  Y N 222 
HIS ND1  N  Y N 223 
HIS CD2  C  Y N 224 
HIS CE1  C  Y N 225 
HIS NE2  N  Y N 226 
HIS OXT  O  N N 227 
HIS H    H  N N 228 
HIS H2   H  N N 229 
HIS HA   H  N N 230 
HIS HB2  H  N N 231 
HIS HB3  H  N N 232 
HIS HD1  H  N N 233 
HIS HD2  H  N N 234 
HIS HE1  H  N N 235 
HIS HE2  H  N N 236 
HIS HXT  H  N N 237 
HOH O    O  N N 238 
HOH H1   H  N N 239 
HOH H2   H  N N 240 
ILE N    N  N N 241 
ILE CA   C  N S 242 
ILE C    C  N N 243 
ILE O    O  N N 244 
ILE CB   C  N S 245 
ILE CG1  C  N N 246 
ILE CG2  C  N N 247 
ILE CD1  C  N N 248 
ILE OXT  O  N N 249 
ILE H    H  N N 250 
ILE H2   H  N N 251 
ILE HA   H  N N 252 
ILE HB   H  N N 253 
ILE HG12 H  N N 254 
ILE HG13 H  N N 255 
ILE HG21 H  N N 256 
ILE HG22 H  N N 257 
ILE HG23 H  N N 258 
ILE HD11 H  N N 259 
ILE HD12 H  N N 260 
ILE HD13 H  N N 261 
ILE HXT  H  N N 262 
LEU N    N  N N 263 
LEU CA   C  N S 264 
LEU C    C  N N 265 
LEU O    O  N N 266 
LEU CB   C  N N 267 
LEU CG   C  N N 268 
LEU CD1  C  N N 269 
LEU CD2  C  N N 270 
LEU OXT  O  N N 271 
LEU H    H  N N 272 
LEU H2   H  N N 273 
LEU HA   H  N N 274 
LEU HB2  H  N N 275 
LEU HB3  H  N N 276 
LEU HG   H  N N 277 
LEU HD11 H  N N 278 
LEU HD12 H  N N 279 
LEU HD13 H  N N 280 
LEU HD21 H  N N 281 
LEU HD22 H  N N 282 
LEU HD23 H  N N 283 
LEU HXT  H  N N 284 
LYS N    N  N N 285 
LYS CA   C  N S 286 
LYS C    C  N N 287 
LYS O    O  N N 288 
LYS CB   C  N N 289 
LYS CG   C  N N 290 
LYS CD   C  N N 291 
LYS CE   C  N N 292 
LYS NZ   N  N N 293 
LYS OXT  O  N N 294 
LYS H    H  N N 295 
LYS H2   H  N N 296 
LYS HA   H  N N 297 
LYS HB2  H  N N 298 
LYS HB3  H  N N 299 
LYS HG2  H  N N 300 
LYS HG3  H  N N 301 
LYS HD2  H  N N 302 
LYS HD3  H  N N 303 
LYS HE2  H  N N 304 
LYS HE3  H  N N 305 
LYS HZ1  H  N N 306 
LYS HZ2  H  N N 307 
LYS HZ3  H  N N 308 
LYS HXT  H  N N 309 
MET N    N  N N 310 
MET CA   C  N S 311 
MET C    C  N N 312 
MET O    O  N N 313 
MET CB   C  N N 314 
MET CG   C  N N 315 
MET SD   S  N N 316 
MET CE   C  N N 317 
MET OXT  O  N N 318 
MET H    H  N N 319 
MET H2   H  N N 320 
MET HA   H  N N 321 
MET HB2  H  N N 322 
MET HB3  H  N N 323 
MET HG2  H  N N 324 
MET HG3  H  N N 325 
MET HE1  H  N N 326 
MET HE2  H  N N 327 
MET HE3  H  N N 328 
MET HXT  H  N N 329 
PHE N    N  N N 330 
PHE CA   C  N S 331 
PHE C    C  N N 332 
PHE O    O  N N 333 
PHE CB   C  N N 334 
PHE CG   C  Y N 335 
PHE CD1  C  Y N 336 
PHE CD2  C  Y N 337 
PHE CE1  C  Y N 338 
PHE CE2  C  Y N 339 
PHE CZ   C  Y N 340 
PHE OXT  O  N N 341 
PHE H    H  N N 342 
PHE H2   H  N N 343 
PHE HA   H  N N 344 
PHE HB2  H  N N 345 
PHE HB3  H  N N 346 
PHE HD1  H  N N 347 
PHE HD2  H  N N 348 
PHE HE1  H  N N 349 
PHE HE2  H  N N 350 
PHE HZ   H  N N 351 
PHE HXT  H  N N 352 
PRO N    N  N N 353 
PRO CA   C  N S 354 
PRO C    C  N N 355 
PRO O    O  N N 356 
PRO CB   C  N N 357 
PRO CG   C  N N 358 
PRO CD   C  N N 359 
PRO OXT  O  N N 360 
PRO H    H  N N 361 
PRO HA   H  N N 362 
PRO HB2  H  N N 363 
PRO HB3  H  N N 364 
PRO HG2  H  N N 365 
PRO HG3  H  N N 366 
PRO HD2  H  N N 367 
PRO HD3  H  N N 368 
PRO HXT  H  N N 369 
SER N    N  N N 370 
SER CA   C  N S 371 
SER C    C  N N 372 
SER O    O  N N 373 
SER CB   C  N N 374 
SER OG   O  N N 375 
SER OXT  O  N N 376 
SER H    H  N N 377 
SER H2   H  N N 378 
SER HA   H  N N 379 
SER HB2  H  N N 380 
SER HB3  H  N N 381 
SER HG   H  N N 382 
SER HXT  H  N N 383 
SO4 S    S  N N 384 
SO4 O1   O  N N 385 
SO4 O2   O  N N 386 
SO4 O3   O  N N 387 
SO4 O4   O  N N 388 
THR N    N  N N 389 
THR CA   C  N S 390 
THR C    C  N N 391 
THR O    O  N N 392 
THR CB   C  N R 393 
THR OG1  O  N N 394 
THR CG2  C  N N 395 
THR OXT  O  N N 396 
THR H    H  N N 397 
THR H2   H  N N 398 
THR HA   H  N N 399 
THR HB   H  N N 400 
THR HG1  H  N N 401 
THR HG21 H  N N 402 
THR HG22 H  N N 403 
THR HG23 H  N N 404 
THR HXT  H  N N 405 
TYR N    N  N N 406 
TYR CA   C  N S 407 
TYR C    C  N N 408 
TYR O    O  N N 409 
TYR CB   C  N N 410 
TYR CG   C  Y N 411 
TYR CD1  C  Y N 412 
TYR CD2  C  Y N 413 
TYR CE1  C  Y N 414 
TYR CE2  C  Y N 415 
TYR CZ   C  Y N 416 
TYR OH   O  N N 417 
TYR OXT  O  N N 418 
TYR H    H  N N 419 
TYR H2   H  N N 420 
TYR HA   H  N N 421 
TYR HB2  H  N N 422 
TYR HB3  H  N N 423 
TYR HD1  H  N N 424 
TYR HD2  H  N N 425 
TYR HE1  H  N N 426 
TYR HE2  H  N N 427 
TYR HH   H  N N 428 
TYR HXT  H  N N 429 
VAL N    N  N N 430 
VAL CA   C  N S 431 
VAL C    C  N N 432 
VAL O    O  N N 433 
VAL CB   C  N N 434 
VAL CG1  C  N N 435 
VAL CG2  C  N N 436 
VAL OXT  O  N N 437 
VAL H    H  N N 438 
VAL H2   H  N N 439 
VAL HA   H  N N 440 
VAL HB   H  N N 441 
VAL HG11 H  N N 442 
VAL HG12 H  N N 443 
VAL HG13 H  N N 444 
VAL HG21 H  N N 445 
VAL HG22 H  N N 446 
VAL HG23 H  N N 447 
VAL HXT  H  N N 448 
# 
loop_
_chem_comp_bond.comp_id 
_chem_comp_bond.atom_id_1 
_chem_comp_bond.atom_id_2 
_chem_comp_bond.value_order 
_chem_comp_bond.pdbx_aromatic_flag 
_chem_comp_bond.pdbx_stereo_config 
_chem_comp_bond.pdbx_ordinal 
2U6 C21 C20  sing N N 1   
2U6 C21 C18  sing N N 2   
2U6 C20 C18  sing N N 3   
2U6 CL2 C14  sing N N 4   
2U6 C13 C14  doub Y N 5   
2U6 C13 C12  sing Y N 6   
2U6 C18 C17  sing N N 7   
2U6 C14 C15  sing Y N 8   
2U6 C12 C5   doub Y N 9   
2U6 C15 C16  doub Y N 10  
2U6 C17 N1   sing N N 11  
2U6 C17 C19  sing N N 12  
2U6 C5  C16  sing Y N 13  
2U6 C5  C1   sing N N 14  
2U6 O2  C4   doub N N 15  
2U6 N1  C4   sing N N 16  
2U6 N1  C1   sing N N 17  
2U6 C19 S1   sing N N 18  
2U6 C4  C3   sing N N 19  
2U6 C22 C3   sing N N 20  
2U6 C22 C24  sing N N 21  
2U6 C1  C2   sing N N 22  
2U6 C3  O1   sing N N 23  
2U6 C3  C23  sing N N 24  
2U6 C2  O1   sing N N 25  
2U6 C2  C6   sing N N 26  
2U6 C24 C25  doub Y N 27  
2U6 C24 N2   sing Y N 28  
2U6 C25 C26  sing Y N 29  
2U6 C11 C6   doub Y N 30  
2U6 C11 C10  sing Y N 31  
2U6 O5  S1   doub N N 32  
2U6 CL1 C10  sing N N 33  
2U6 S1  O6   doub N N 34  
2U6 S1  C30  sing N N 35  
2U6 C31 C30  sing N N 36  
2U6 N2  C28  doub Y N 37  
2U6 C26 C27  doub Y N 38  
2U6 C6  C7   sing Y N 39  
2U6 C10 C9   doub Y N 40  
2U6 C28 C27  sing Y N 41  
2U6 C27 C29  sing N N 42  
2U6 C30 C33  sing N N 43  
2U6 C30 C32  sing N N 44  
2U6 C7  C8   doub Y N 45  
2U6 C29 O3   doub N N 46  
2U6 C29 O4   sing N N 47  
2U6 C9  C8   sing Y N 48  
2U6 C11 H1   sing N N 49  
2U6 C9  H2   sing N N 50  
2U6 C8  H3   sing N N 51  
2U6 C7  H4   sing N N 52  
2U6 C2  H5   sing N N 53  
2U6 C22 H6   sing N N 54  
2U6 C22 H7   sing N N 55  
2U6 C25 H8   sing N N 56  
2U6 C26 H9   sing N N 57  
2U6 O4  H10  sing N N 58  
2U6 C28 H11  sing N N 59  
2U6 C23 H12  sing N N 60  
2U6 C23 H13  sing N N 61  
2U6 C23 H14  sing N N 62  
2U6 C17 H15  sing N N 63  
2U6 C18 H16  sing N N 64  
2U6 C20 H17  sing N N 65  
2U6 C20 H18  sing N N 66  
2U6 C21 H19  sing N N 67  
2U6 C21 H20  sing N N 68  
2U6 C19 H21  sing N N 69  
2U6 C19 H22  sing N N 70  
2U6 C32 H23  sing N N 71  
2U6 C32 H24  sing N N 72  
2U6 C32 H25  sing N N 73  
2U6 C33 H26  sing N N 74  
2U6 C33 H27  sing N N 75  
2U6 C33 H28  sing N N 76  
2U6 C31 H29  sing N N 77  
2U6 C31 H30  sing N N 78  
2U6 C31 H31  sing N N 79  
2U6 C1  H32  sing N N 80  
2U6 C12 H33  sing N N 81  
2U6 C13 H34  sing N N 82  
2U6 C15 H35  sing N N 83  
2U6 C16 H36  sing N N 84  
ALA N   CA   sing N N 85  
ALA N   H    sing N N 86  
ALA N   H2   sing N N 87  
ALA CA  C    sing N N 88  
ALA CA  CB   sing N N 89  
ALA CA  HA   sing N N 90  
ALA C   O    doub N N 91  
ALA C   OXT  sing N N 92  
ALA CB  HB1  sing N N 93  
ALA CB  HB2  sing N N 94  
ALA CB  HB3  sing N N 95  
ALA OXT HXT  sing N N 96  
ARG N   CA   sing N N 97  
ARG N   H    sing N N 98  
ARG N   H2   sing N N 99  
ARG CA  C    sing N N 100 
ARG CA  CB   sing N N 101 
ARG CA  HA   sing N N 102 
ARG C   O    doub N N 103 
ARG C   OXT  sing N N 104 
ARG CB  CG   sing N N 105 
ARG CB  HB2  sing N N 106 
ARG CB  HB3  sing N N 107 
ARG CG  CD   sing N N 108 
ARG CG  HG2  sing N N 109 
ARG CG  HG3  sing N N 110 
ARG CD  NE   sing N N 111 
ARG CD  HD2  sing N N 112 
ARG CD  HD3  sing N N 113 
ARG NE  CZ   sing N N 114 
ARG NE  HE   sing N N 115 
ARG CZ  NH1  sing N N 116 
ARG CZ  NH2  doub N N 117 
ARG NH1 HH11 sing N N 118 
ARG NH1 HH12 sing N N 119 
ARG NH2 HH21 sing N N 120 
ARG NH2 HH22 sing N N 121 
ARG OXT HXT  sing N N 122 
ASN N   CA   sing N N 123 
ASN N   H    sing N N 124 
ASN N   H2   sing N N 125 
ASN CA  C    sing N N 126 
ASN CA  CB   sing N N 127 
ASN CA  HA   sing N N 128 
ASN C   O    doub N N 129 
ASN C   OXT  sing N N 130 
ASN CB  CG   sing N N 131 
ASN CB  HB2  sing N N 132 
ASN CB  HB3  sing N N 133 
ASN CG  OD1  doub N N 134 
ASN CG  ND2  sing N N 135 
ASN ND2 HD21 sing N N 136 
ASN ND2 HD22 sing N N 137 
ASN OXT HXT  sing N N 138 
ASP N   CA   sing N N 139 
ASP N   H    sing N N 140 
ASP N   H2   sing N N 141 
ASP CA  C    sing N N 142 
ASP CA  CB   sing N N 143 
ASP CA  HA   sing N N 144 
ASP C   O    doub N N 145 
ASP C   OXT  sing N N 146 
ASP CB  CG   sing N N 147 
ASP CB  HB2  sing N N 148 
ASP CB  HB3  sing N N 149 
ASP CG  OD1  doub N N 150 
ASP CG  OD2  sing N N 151 
ASP OD2 HD2  sing N N 152 
ASP OXT HXT  sing N N 153 
CYS N   CA   sing N N 154 
CYS N   H    sing N N 155 
CYS N   H2   sing N N 156 
CYS CA  C    sing N N 157 
CYS CA  CB   sing N N 158 
CYS CA  HA   sing N N 159 
CYS C   O    doub N N 160 
CYS C   OXT  sing N N 161 
CYS CB  SG   sing N N 162 
CYS CB  HB2  sing N N 163 
CYS CB  HB3  sing N N 164 
CYS SG  HG   sing N N 165 
CYS OXT HXT  sing N N 166 
GLN N   CA   sing N N 167 
GLN N   H    sing N N 168 
GLN N   H2   sing N N 169 
GLN CA  C    sing N N 170 
GLN CA  CB   sing N N 171 
GLN CA  HA   sing N N 172 
GLN C   O    doub N N 173 
GLN C   OXT  sing N N 174 
GLN CB  CG   sing N N 175 
GLN CB  HB2  sing N N 176 
GLN CB  HB3  sing N N 177 
GLN CG  CD   sing N N 178 
GLN CG  HG2  sing N N 179 
GLN CG  HG3  sing N N 180 
GLN CD  OE1  doub N N 181 
GLN CD  NE2  sing N N 182 
GLN NE2 HE21 sing N N 183 
GLN NE2 HE22 sing N N 184 
GLN OXT HXT  sing N N 185 
GLU N   CA   sing N N 186 
GLU N   H    sing N N 187 
GLU N   H2   sing N N 188 
GLU CA  C    sing N N 189 
GLU CA  CB   sing N N 190 
GLU CA  HA   sing N N 191 
GLU C   O    doub N N 192 
GLU C   OXT  sing N N 193 
GLU CB  CG   sing N N 194 
GLU CB  HB2  sing N N 195 
GLU CB  HB3  sing N N 196 
GLU CG  CD   sing N N 197 
GLU CG  HG2  sing N N 198 
GLU CG  HG3  sing N N 199 
GLU CD  OE1  doub N N 200 
GLU CD  OE2  sing N N 201 
GLU OE2 HE2  sing N N 202 
GLU OXT HXT  sing N N 203 
GLY N   CA   sing N N 204 
GLY N   H    sing N N 205 
GLY N   H2   sing N N 206 
GLY CA  C    sing N N 207 
GLY CA  HA2  sing N N 208 
GLY CA  HA3  sing N N 209 
GLY C   O    doub N N 210 
GLY C   OXT  sing N N 211 
GLY OXT HXT  sing N N 212 
HIS N   CA   sing N N 213 
HIS N   H    sing N N 214 
HIS N   H2   sing N N 215 
HIS CA  C    sing N N 216 
HIS CA  CB   sing N N 217 
HIS CA  HA   sing N N 218 
HIS C   O    doub N N 219 
HIS C   OXT  sing N N 220 
HIS CB  CG   sing N N 221 
HIS CB  HB2  sing N N 222 
HIS CB  HB3  sing N N 223 
HIS CG  ND1  sing Y N 224 
HIS CG  CD2  doub Y N 225 
HIS ND1 CE1  doub Y N 226 
HIS ND1 HD1  sing N N 227 
HIS CD2 NE2  sing Y N 228 
HIS CD2 HD2  sing N N 229 
HIS CE1 NE2  sing Y N 230 
HIS CE1 HE1  sing N N 231 
HIS NE2 HE2  sing N N 232 
HIS OXT HXT  sing N N 233 
HOH O   H1   sing N N 234 
HOH O   H2   sing N N 235 
ILE N   CA   sing N N 236 
ILE N   H    sing N N 237 
ILE N   H2   sing N N 238 
ILE CA  C    sing N N 239 
ILE CA  CB   sing N N 240 
ILE CA  HA   sing N N 241 
ILE C   O    doub N N 242 
ILE C   OXT  sing N N 243 
ILE CB  CG1  sing N N 244 
ILE CB  CG2  sing N N 245 
ILE CB  HB   sing N N 246 
ILE CG1 CD1  sing N N 247 
ILE CG1 HG12 sing N N 248 
ILE CG1 HG13 sing N N 249 
ILE CG2 HG21 sing N N 250 
ILE CG2 HG22 sing N N 251 
ILE CG2 HG23 sing N N 252 
ILE CD1 HD11 sing N N 253 
ILE CD1 HD12 sing N N 254 
ILE CD1 HD13 sing N N 255 
ILE OXT HXT  sing N N 256 
LEU N   CA   sing N N 257 
LEU N   H    sing N N 258 
LEU N   H2   sing N N 259 
LEU CA  C    sing N N 260 
LEU CA  CB   sing N N 261 
LEU CA  HA   sing N N 262 
LEU C   O    doub N N 263 
LEU C   OXT  sing N N 264 
LEU CB  CG   sing N N 265 
LEU CB  HB2  sing N N 266 
LEU CB  HB3  sing N N 267 
LEU CG  CD1  sing N N 268 
LEU CG  CD2  sing N N 269 
LEU CG  HG   sing N N 270 
LEU CD1 HD11 sing N N 271 
LEU CD1 HD12 sing N N 272 
LEU CD1 HD13 sing N N 273 
LEU CD2 HD21 sing N N 274 
LEU CD2 HD22 sing N N 275 
LEU CD2 HD23 sing N N 276 
LEU OXT HXT  sing N N 277 
LYS N   CA   sing N N 278 
LYS N   H    sing N N 279 
LYS N   H2   sing N N 280 
LYS CA  C    sing N N 281 
LYS CA  CB   sing N N 282 
LYS CA  HA   sing N N 283 
LYS C   O    doub N N 284 
LYS C   OXT  sing N N 285 
LYS CB  CG   sing N N 286 
LYS CB  HB2  sing N N 287 
LYS CB  HB3  sing N N 288 
LYS CG  CD   sing N N 289 
LYS CG  HG2  sing N N 290 
LYS CG  HG3  sing N N 291 
LYS CD  CE   sing N N 292 
LYS CD  HD2  sing N N 293 
LYS CD  HD3  sing N N 294 
LYS CE  NZ   sing N N 295 
LYS CE  HE2  sing N N 296 
LYS CE  HE3  sing N N 297 
LYS NZ  HZ1  sing N N 298 
LYS NZ  HZ2  sing N N 299 
LYS NZ  HZ3  sing N N 300 
LYS OXT HXT  sing N N 301 
MET N   CA   sing N N 302 
MET N   H    sing N N 303 
MET N   H2   sing N N 304 
MET CA  C    sing N N 305 
MET CA  CB   sing N N 306 
MET CA  HA   sing N N 307 
MET C   O    doub N N 308 
MET C   OXT  sing N N 309 
MET CB  CG   sing N N 310 
MET CB  HB2  sing N N 311 
MET CB  HB3  sing N N 312 
MET CG  SD   sing N N 313 
MET CG  HG2  sing N N 314 
MET CG  HG3  sing N N 315 
MET SD  CE   sing N N 316 
MET CE  HE1  sing N N 317 
MET CE  HE2  sing N N 318 
MET CE  HE3  sing N N 319 
MET OXT HXT  sing N N 320 
PHE N   CA   sing N N 321 
PHE N   H    sing N N 322 
PHE N   H2   sing N N 323 
PHE CA  C    sing N N 324 
PHE CA  CB   sing N N 325 
PHE CA  HA   sing N N 326 
PHE C   O    doub N N 327 
PHE C   OXT  sing N N 328 
PHE CB  CG   sing N N 329 
PHE CB  HB2  sing N N 330 
PHE CB  HB3  sing N N 331 
PHE CG  CD1  doub Y N 332 
PHE CG  CD2  sing Y N 333 
PHE CD1 CE1  sing Y N 334 
PHE CD1 HD1  sing N N 335 
PHE CD2 CE2  doub Y N 336 
PHE CD2 HD2  sing N N 337 
PHE CE1 CZ   doub Y N 338 
PHE CE1 HE1  sing N N 339 
PHE CE2 CZ   sing Y N 340 
PHE CE2 HE2  sing N N 341 
PHE CZ  HZ   sing N N 342 
PHE OXT HXT  sing N N 343 
PRO N   CA   sing N N 344 
PRO N   CD   sing N N 345 
PRO N   H    sing N N 346 
PRO CA  C    sing N N 347 
PRO CA  CB   sing N N 348 
PRO CA  HA   sing N N 349 
PRO C   O    doub N N 350 
PRO C   OXT  sing N N 351 
PRO CB  CG   sing N N 352 
PRO CB  HB2  sing N N 353 
PRO CB  HB3  sing N N 354 
PRO CG  CD   sing N N 355 
PRO CG  HG2  sing N N 356 
PRO CG  HG3  sing N N 357 
PRO CD  HD2  sing N N 358 
PRO CD  HD3  sing N N 359 
PRO OXT HXT  sing N N 360 
SER N   CA   sing N N 361 
SER N   H    sing N N 362 
SER N   H2   sing N N 363 
SER CA  C    sing N N 364 
SER CA  CB   sing N N 365 
SER CA  HA   sing N N 366 
SER C   O    doub N N 367 
SER C   OXT  sing N N 368 
SER CB  OG   sing N N 369 
SER CB  HB2  sing N N 370 
SER CB  HB3  sing N N 371 
SER OG  HG   sing N N 372 
SER OXT HXT  sing N N 373 
SO4 S   O1   doub N N 374 
SO4 S   O2   doub N N 375 
SO4 S   O3   sing N N 376 
SO4 S   O4   sing N N 377 
THR N   CA   sing N N 378 
THR N   H    sing N N 379 
THR N   H2   sing N N 380 
THR CA  C    sing N N 381 
THR CA  CB   sing N N 382 
THR CA  HA   sing N N 383 
THR C   O    doub N N 384 
THR C   OXT  sing N N 385 
THR CB  OG1  sing N N 386 
THR CB  CG2  sing N N 387 
THR CB  HB   sing N N 388 
THR OG1 HG1  sing N N 389 
THR CG2 HG21 sing N N 390 
THR CG2 HG22 sing N N 391 
THR CG2 HG23 sing N N 392 
THR OXT HXT  sing N N 393 
TYR N   CA   sing N N 394 
TYR N   H    sing N N 395 
TYR N   H2   sing N N 396 
TYR CA  C    sing N N 397 
TYR CA  CB   sing N N 398 
TYR CA  HA   sing N N 399 
TYR C   O    doub N N 400 
TYR C   OXT  sing N N 401 
TYR CB  CG   sing N N 402 
TYR CB  HB2  sing N N 403 
TYR CB  HB3  sing N N 404 
TYR CG  CD1  doub Y N 405 
TYR CG  CD2  sing Y N 406 
TYR CD1 CE1  sing Y N 407 
TYR CD1 HD1  sing N N 408 
TYR CD2 CE2  doub Y N 409 
TYR CD2 HD2  sing N N 410 
TYR CE1 CZ   doub Y N 411 
TYR CE1 HE1  sing N N 412 
TYR CE2 CZ   sing Y N 413 
TYR CE2 HE2  sing N N 414 
TYR CZ  OH   sing N N 415 
TYR OH  HH   sing N N 416 
TYR OXT HXT  sing N N 417 
VAL N   CA   sing N N 418 
VAL N   H    sing N N 419 
VAL N   H2   sing N N 420 
VAL CA  C    sing N N 421 
VAL CA  CB   sing N N 422 
VAL CA  HA   sing N N 423 
VAL C   O    doub N N 424 
VAL C   OXT  sing N N 425 
VAL CB  CG1  sing N N 426 
VAL CB  CG2  sing N N 427 
VAL CB  HB   sing N N 428 
VAL CG1 HG11 sing N N 429 
VAL CG1 HG12 sing N N 430 
VAL CG1 HG13 sing N N 431 
VAL CG2 HG21 sing N N 432 
VAL CG2 HG22 sing N N 433 
VAL CG2 HG23 sing N N 434 
VAL OXT HXT  sing N N 435 
# 
loop_
_pdbx_entity_nonpoly.entity_id 
_pdbx_entity_nonpoly.name 
_pdbx_entity_nonpoly.comp_id 
2 
;6-{[(2R,5R,6R)-4-[(1S)-2-(tert-butylsulfonyl)-1-cyclopropylethyl]-6-(3-chlorophenyl)-5-(4-chlorophenyl)-2-methyl-3-oxomorpholin-2-yl]methyl}pyridine-3-carboxylic acid
;
2U6 
3 'SULFATE ION' SO4 
4 water HOH 
# 
_pdbx_initial_refinement_model.id               1 
_pdbx_initial_refinement_model.entity_id_list   ? 
_pdbx_initial_refinement_model.type             'experimental model' 
_pdbx_initial_refinement_model.source_name      PDB 
_pdbx_initial_refinement_model.accession_code   4ERF 
_pdbx_initial_refinement_model.details          'PDB Entry 4ERF' 
# 
